data_5O8F
#
_entry.id   5O8F
#
_cell.length_a   290.102
_cell.length_b   290.102
_cell.length_c   290.102
_cell.angle_alpha   90.00
_cell.angle_beta   90.00
_cell.angle_gamma   90.00
#
_symmetry.space_group_name_H-M   'I 2 3'
#
loop_
_entity.id
_entity.type
_entity.pdbx_description
1 polymer 'Gamma-aminobutyric acid receptor subunit beta-3,Gamma-aminobutyric acid receptor subunit alpha-5,Gamma-aminobutyric acid receptor subunit alpha-5'
2 polymer 'Nanobody Nb25'
3 polymer 'Nanobody Nb25'
4 branched alpha-D-mannopyranose-(1-2)-alpha-D-mannopyranose-(1-3)-alpha-D-mannopyranose-(1-6)-[alpha-D-mannopyranose-(1-3)]beta-D-mannopyranose-(1-4)-2-acetamido-2-deoxy-beta-D-glucopyranose-(1-4)-2-acetamido-2-deoxy-beta-D-glucopyranose
5 non-polymer 2-acetamido-2-deoxy-beta-D-glucopyranose
6 non-polymer Pregnanolone
#
loop_
_entity_poly.entity_id
_entity_poly.type
_entity_poly.pdbx_seq_one_letter_code
_entity_poly.pdbx_strand_id
1 'polypeptide(L)'
;ETGQSVNDPGNMSFVKETVDKLLKGYDIRLRPDFGGPPVCVGMNIDIASIDMVSEVNMDYTLTMYFQQYWRDKRLAYSGI
PLNLTLDNRVADQLWVPDTYFLNDKKSFVHGVTVKNRMIRLHPDGTVLYGLRITTTAACMMDLRRYPLDEQNCTLEIESY
GYTTDDIEFYWRGGDKAVTGVERIELPQFSIVEHRLVSRNVVFATGAYPRLSLSFRLKRNIGYFVIQTYLPCIMTVILSQ
VSFWLNRESVPARTVFGVTTVLTMTTLSISARNSLPKVAYATAMDWFIAVCYAFVFSALIEFATVNYFTKSQPARAAKID
KMSRIVFPILFGTFNLVYWATYLNREPVIKGATSPKGTTETSQVAPA
;
A,B,C,D,E
2 'polypeptide(L)'
;QVQLQESGGGLVQAGGSLRLSCAASGHTFNYPIMGWFRQAPGKEREFVGAISWSGGSTSYADSVKDRFTISRDNAKNTVY
LEMNNLKPEDTAVYYCAAKGRYSGGLYYPTNYDYWGQGTQVTVSS
;
K,O
3 'polypeptide(L)'
;QVQLQESGGGLVQAGGSLRLSCAASGHTFNYPIMGWFRQAPGKEREFVGAISWSGGSTSYADSVKDRFTISRDNAKNTVY
LEMNNLKPEDTAVYYCAAKGRYSGGLYYPTNYDYWGQGTQVTVS
;
L,M,N
#
# COMPACT_ATOMS: atom_id res chain seq x y z
N MET A 12 -27.45 -40.85 15.53
CA MET A 12 -27.08 -39.88 14.46
C MET A 12 -27.89 -40.04 13.18
N SER A 13 -28.16 -41.28 12.79
CA SER A 13 -28.91 -41.56 11.55
C SER A 13 -30.30 -40.94 11.59
N PHE A 14 -30.98 -41.04 12.73
CA PHE A 14 -32.32 -40.45 12.89
C PHE A 14 -32.26 -38.93 12.69
N VAL A 15 -31.24 -38.32 13.28
CA VAL A 15 -31.05 -36.87 13.20
C VAL A 15 -30.79 -36.49 11.74
N LYS A 16 -29.96 -37.28 11.06
CA LYS A 16 -29.66 -37.03 9.64
C LYS A 16 -30.95 -37.10 8.82
N GLU A 17 -31.76 -38.12 9.09
CA GLU A 17 -33.04 -38.27 8.37
C GLU A 17 -33.94 -37.07 8.60
N THR A 18 -34.02 -36.61 9.86
CA THR A 18 -34.85 -35.44 10.17
C THR A 18 -34.34 -34.20 9.43
N VAL A 19 -33.01 -34.04 9.39
CA VAL A 19 -32.43 -32.89 8.69
C VAL A 19 -32.76 -32.96 7.19
N ASP A 20 -32.66 -34.17 6.63
CA ASP A 20 -33.01 -34.35 5.21
C ASP A 20 -34.47 -34.00 4.95
N LYS A 21 -35.35 -34.44 5.86
CA LYS A 21 -36.77 -34.11 5.74
C LYS A 21 -37.01 -32.61 5.80
N LEU A 22 -36.30 -31.93 6.72
CA LEU A 22 -36.37 -30.47 6.82
C LEU A 22 -35.92 -29.80 5.53
N LEU A 23 -34.83 -30.31 4.95
CA LEU A 23 -34.33 -29.75 3.68
C LEU A 23 -35.23 -30.07 2.48
N LYS A 24 -35.78 -31.27 2.44
CA LYS A 24 -36.63 -31.71 1.35
C LYS A 24 -37.76 -30.70 1.10
N GLY A 25 -37.72 -30.05 -0.06
CA GLY A 25 -38.72 -29.04 -0.43
C GLY A 25 -38.50 -27.64 0.14
N TYR A 26 -37.35 -27.40 0.76
CA TYR A 26 -37.00 -26.10 1.30
C TYR A 26 -36.52 -25.22 0.16
N ASP A 27 -37.18 -24.09 -0.07
CA ASP A 27 -36.77 -23.14 -1.11
C ASP A 27 -36.06 -21.95 -0.46
N ILE A 28 -34.75 -21.87 -0.69
CA ILE A 28 -33.95 -20.75 -0.16
C ILE A 28 -34.37 -19.37 -0.72
N ARG A 29 -35.07 -19.38 -1.85
CA ARG A 29 -35.55 -18.15 -2.49
C ARG A 29 -36.67 -17.45 -1.72
N LEU A 30 -37.40 -18.20 -0.89
CA LEU A 30 -38.55 -17.67 -0.18
C LEU A 30 -38.24 -17.49 1.31
N ARG A 31 -38.56 -16.30 1.82
CA ARG A 31 -38.46 -16.01 3.26
C ARG A 31 -39.53 -16.77 4.07
N PRO A 32 -39.39 -16.79 5.42
CA PRO A 32 -40.49 -17.29 6.26
C PRO A 32 -41.75 -16.42 6.14
N ASP A 33 -42.91 -17.08 6.10
CA ASP A 33 -44.20 -16.42 5.86
C ASP A 33 -44.14 -15.58 4.57
N PHE A 34 -43.81 -16.23 3.46
CA PHE A 34 -43.47 -15.53 2.20
C PHE A 34 -44.48 -14.46 1.78
N GLY A 35 -45.75 -14.85 1.70
CA GLY A 35 -46.83 -13.91 1.40
C GLY A 35 -47.35 -13.16 2.62
N GLY A 36 -47.02 -13.64 3.82
CA GLY A 36 -47.67 -13.19 5.05
C GLY A 36 -47.00 -12.04 5.75
N PRO A 37 -47.06 -11.97 7.09
CA PRO A 37 -46.48 -10.83 7.81
C PRO A 37 -44.95 -10.80 7.70
N PRO A 38 -44.32 -9.66 8.05
CA PRO A 38 -42.87 -9.58 7.95
C PRO A 38 -42.15 -10.46 8.97
N VAL A 39 -40.88 -10.76 8.70
CA VAL A 39 -40.07 -11.59 9.59
C VAL A 39 -39.35 -10.68 10.57
N CYS A 40 -39.67 -10.79 11.87
CA CYS A 40 -38.89 -10.08 12.88
C CYS A 40 -37.49 -10.67 13.02
N VAL A 41 -36.48 -9.83 12.75
CA VAL A 41 -35.10 -10.25 12.90
C VAL A 41 -34.47 -9.48 14.06
N GLY A 42 -33.93 -10.21 15.02
CA GLY A 42 -33.27 -9.65 16.18
C GLY A 42 -31.76 -9.56 15.93
N MET A 43 -31.22 -8.36 16.13
CA MET A 43 -29.80 -8.12 15.97
C MET A 43 -29.13 -8.07 17.33
N ASN A 44 -27.89 -8.52 17.34
CA ASN A 44 -27.13 -8.62 18.57
C ASN A 44 -25.66 -8.55 18.17
N ILE A 45 -24.95 -7.58 18.75
CA ILE A 45 -23.54 -7.34 18.36
C ILE A 45 -22.62 -7.44 19.58
N ASP A 46 -21.48 -8.10 19.38
CA ASP A 46 -20.40 -8.13 20.36
C ASP A 46 -19.15 -7.61 19.64
N ILE A 47 -18.74 -6.41 20.01
CA ILE A 47 -17.57 -5.75 19.42
C ILE A 47 -16.30 -6.39 19.94
N ALA A 48 -15.40 -6.75 19.02
CA ALA A 48 -14.10 -7.31 19.38
C ALA A 48 -13.05 -6.23 19.51
N SER A 49 -13.03 -5.32 18.55
CA SER A 49 -12.07 -4.23 18.52
C SER A 49 -12.39 -3.21 17.43
N ILE A 50 -11.93 -1.99 17.63
CA ILE A 50 -11.79 -1.03 16.55
C ILE A 50 -10.28 -0.94 16.26
N ASP A 51 -9.87 -1.41 15.09
CA ASP A 51 -8.44 -1.60 14.79
C ASP A 51 -7.76 -0.32 14.35
N MET A 52 -8.53 0.64 13.85
CA MET A 52 -7.98 1.81 13.17
C MET A 52 -9.06 2.89 13.05
N VAL A 53 -8.62 4.15 13.03
CA VAL A 53 -9.50 5.29 12.77
C VAL A 53 -8.72 6.26 11.90
N SER A 54 -9.10 6.39 10.63
CA SER A 54 -8.37 7.23 9.69
C SER A 54 -9.08 8.56 9.48
N GLU A 55 -8.42 9.64 9.90
CA GLU A 55 -8.93 10.99 9.64
C GLU A 55 -8.74 11.35 8.18
N VAL A 56 -7.72 10.76 7.55
CA VAL A 56 -7.36 11.09 6.17
C VAL A 56 -8.37 10.48 5.18
N ASN A 57 -8.76 9.24 5.43
CA ASN A 57 -9.78 8.56 4.63
C ASN A 57 -11.19 8.65 5.25
N MET A 58 -11.30 9.24 6.44
CA MET A 58 -12.58 9.41 7.11
C MET A 58 -13.35 8.09 7.18
N ASP A 59 -12.68 7.10 7.74
CA ASP A 59 -13.26 5.82 8.01
C ASP A 59 -12.70 5.24 9.29
N TYR A 60 -13.34 4.17 9.75
CA TYR A 60 -12.82 3.41 10.89
C TYR A 60 -13.03 1.94 10.63
N THR A 61 -12.10 1.13 11.13
CA THR A 61 -12.14 -0.30 10.95
C THR A 61 -12.58 -0.98 12.25
N LEU A 62 -13.69 -1.71 12.16
CA LEU A 62 -14.38 -2.37 13.24
C LEU A 62 -14.34 -3.88 13.03
N THR A 63 -14.26 -4.62 14.13
CA THR A 63 -14.31 -6.08 14.13
C THR A 63 -15.36 -6.54 15.14
N MET A 64 -16.28 -7.39 14.70
CA MET A 64 -17.43 -7.72 15.54
C MET A 64 -18.01 -9.11 15.27
N TYR A 65 -18.75 -9.59 16.26
CA TYR A 65 -19.60 -10.76 16.11
C TYR A 65 -21.01 -10.26 15.89
N PHE A 66 -21.53 -10.48 14.70
CA PHE A 66 -22.83 -10.04 14.26
C PHE A 66 -23.79 -11.22 14.30
N GLN A 67 -24.70 -11.20 15.28
CA GLN A 67 -25.67 -12.28 15.46
C GLN A 67 -27.05 -11.84 15.02
N GLN A 68 -27.76 -12.75 14.36
CA GLN A 68 -29.12 -12.50 13.88
C GLN A 68 -30.04 -13.63 14.35
N TYR A 69 -31.25 -13.25 14.81
CA TYR A 69 -32.25 -14.23 15.29
C TYR A 69 -33.55 -14.04 14.53
N TRP A 70 -34.05 -15.10 13.91
CA TRP A 70 -35.38 -15.07 13.28
C TRP A 70 -36.02 -16.44 13.39
N ARG A 71 -37.28 -16.55 12.97
CA ARG A 71 -38.01 -17.81 13.05
C ARG A 71 -38.45 -18.30 11.67
N ASP A 72 -37.93 -19.47 11.28
CA ASP A 72 -38.38 -20.14 10.06
C ASP A 72 -39.05 -21.45 10.46
N LYS A 73 -40.38 -21.47 10.36
CA LYS A 73 -41.20 -22.63 10.76
C LYS A 73 -40.81 -23.90 10.01
N ARG A 74 -40.31 -23.76 8.79
CA ARG A 74 -39.78 -24.88 8.02
C ARG A 74 -38.60 -25.60 8.69
N LEU A 75 -37.99 -24.98 9.71
CA LEU A 75 -36.87 -25.62 10.44
C LEU A 75 -37.24 -26.07 11.85
N ALA A 76 -38.51 -26.41 12.07
CA ALA A 76 -38.99 -26.89 13.37
C ALA A 76 -38.87 -28.40 13.42
N TYR A 77 -38.49 -28.92 14.59
CA TYR A 77 -38.36 -30.36 14.82
C TYR A 77 -38.93 -30.72 16.21
N SER A 78 -39.88 -31.63 16.26
CA SER A 78 -40.58 -31.95 17.51
C SER A 78 -39.81 -32.97 18.36
N GLY A 79 -39.31 -34.03 17.72
CA GLY A 79 -38.74 -35.19 18.41
C GLY A 79 -37.57 -34.93 19.33
N ILE A 80 -36.64 -34.10 18.87
CA ILE A 80 -35.40 -33.83 19.60
C ILE A 80 -35.67 -32.80 20.71
N PRO A 81 -35.02 -32.96 21.90
CA PRO A 81 -35.19 -32.06 23.04
C PRO A 81 -34.07 -31.03 23.26
N LEU A 82 -33.13 -30.91 22.31
CA LEU A 82 -31.99 -30.00 22.46
C LEU A 82 -31.72 -29.13 21.23
N ASN A 83 -31.01 -28.03 21.45
CA ASN A 83 -30.68 -27.08 20.38
C ASN A 83 -29.58 -27.65 19.50
N LEU A 84 -29.75 -27.53 18.18
CA LEU A 84 -28.84 -28.18 17.23
C LEU A 84 -27.84 -27.19 16.63
N THR A 85 -26.57 -27.29 17.02
CA THR A 85 -25.50 -26.55 16.35
C THR A 85 -24.99 -27.35 15.15
N LEU A 86 -25.19 -26.79 13.96
CA LEU A 86 -24.81 -27.44 12.71
C LEU A 86 -23.55 -26.80 12.14
N ASP A 87 -22.88 -27.52 11.26
CA ASP A 87 -21.68 -27.01 10.58
C ASP A 87 -22.01 -25.75 9.77
N ASN A 88 -21.05 -24.82 9.72
CA ASN A 88 -21.22 -23.53 9.04
C ASN A 88 -21.77 -23.63 7.60
N ARG A 89 -21.43 -24.70 6.89
CA ARG A 89 -21.86 -24.92 5.50
C ARG A 89 -23.38 -25.07 5.29
N VAL A 90 -24.16 -25.19 6.36
CA VAL A 90 -25.62 -25.23 6.26
C VAL A 90 -26.19 -23.88 5.80
N ALA A 91 -25.52 -22.77 6.16
CA ALA A 91 -25.96 -21.42 5.74
C ALA A 91 -26.27 -21.33 4.26
N ASP A 92 -25.44 -21.99 3.44
CA ASP A 92 -25.59 -21.99 1.98
C ASP A 92 -26.87 -22.68 1.48
N GLN A 93 -27.52 -23.48 2.34
CA GLN A 93 -28.76 -24.17 1.98
C GLN A 93 -29.95 -23.74 2.86
N LEU A 94 -29.83 -22.56 3.47
CA LEU A 94 -30.92 -21.93 4.24
C LEU A 94 -31.15 -20.50 3.77
N TRP A 95 -32.32 -19.96 4.10
CA TRP A 95 -32.60 -18.55 3.89
C TRP A 95 -32.02 -17.76 5.05
N VAL A 96 -31.26 -16.72 4.73
CA VAL A 96 -30.70 -15.81 5.71
C VAL A 96 -31.10 -14.38 5.34
N PRO A 97 -31.29 -13.49 6.36
CA PRO A 97 -31.62 -12.12 5.94
C PRO A 97 -30.55 -11.40 5.11
N ASP A 98 -30.99 -10.58 4.16
CA ASP A 98 -30.08 -9.84 3.26
C ASP A 98 -29.56 -8.56 3.93
N THR A 99 -28.96 -8.73 5.10
CA THR A 99 -28.56 -7.63 5.93
C THR A 99 -27.21 -7.13 5.42
N TYR A 100 -27.10 -5.81 5.26
CA TYR A 100 -25.83 -5.19 4.88
C TYR A 100 -25.56 -3.94 5.69
N PHE A 101 -24.35 -3.42 5.55
CA PHE A 101 -23.92 -2.23 6.28
C PHE A 101 -23.86 -1.06 5.33
N LEU A 102 -24.81 -0.14 5.49
CA LEU A 102 -25.04 0.93 4.53
C LEU A 102 -23.80 1.76 4.24
N ASN A 103 -23.04 2.07 5.30
CA ASN A 103 -21.90 2.98 5.23
C ASN A 103 -20.55 2.27 5.28
N ASP A 104 -20.50 1.01 4.86
CA ASP A 104 -19.22 0.31 4.78
C ASP A 104 -18.54 0.62 3.45
N LYS A 105 -17.21 0.65 3.48
CA LYS A 105 -16.41 0.82 2.27
C LYS A 105 -15.91 -0.53 1.79
N LYS A 106 -15.40 -1.34 2.72
CA LYS A 106 -14.91 -2.69 2.44
C LYS A 106 -15.09 -3.54 3.67
N SER A 107 -15.85 -4.63 3.55
CA SER A 107 -16.05 -5.57 4.65
C SER A 107 -15.83 -6.99 4.17
N PHE A 108 -15.48 -7.86 5.11
CA PHE A 108 -15.40 -9.29 4.82
C PHE A 108 -15.75 -10.15 6.02
N VAL A 109 -16.03 -11.42 5.75
CA VAL A 109 -16.30 -12.41 6.78
C VAL A 109 -15.10 -13.34 6.86
N HIS A 110 -14.52 -13.44 8.06
CA HIS A 110 -13.30 -14.22 8.27
C HIS A 110 -13.47 -15.66 7.81
N GLY A 111 -12.41 -16.21 7.22
CA GLY A 111 -12.43 -17.53 6.59
C GLY A 111 -11.58 -18.63 7.21
N VAL A 112 -10.72 -18.28 8.16
CA VAL A 112 -9.75 -19.24 8.73
C VAL A 112 -10.20 -19.69 10.12
N THR A 113 -10.13 -21.00 10.45
CA THR A 113 -9.77 -22.09 9.53
C THR A 113 -10.94 -22.46 8.63
N VAL A 114 -12.14 -22.24 9.14
CA VAL A 114 -13.38 -22.39 8.38
C VAL A 114 -14.06 -21.02 8.36
N LYS A 115 -14.97 -20.82 7.42
CA LYS A 115 -15.75 -19.58 7.37
C LYS A 115 -16.39 -19.32 8.74
N ASN A 116 -16.14 -18.12 9.30
CA ASN A 116 -16.56 -17.82 10.67
C ASN A 116 -18.03 -17.50 10.76
N ARG A 117 -18.87 -18.53 10.64
CA ARG A 117 -20.31 -18.38 10.75
C ARG A 117 -20.90 -19.52 11.56
N MET A 118 -21.85 -19.21 12.44
CA MET A 118 -22.47 -20.19 13.33
C MET A 118 -23.96 -20.25 13.08
N ILE A 119 -24.48 -21.48 12.98
CA ILE A 119 -25.92 -21.74 12.97
C ILE A 119 -26.30 -22.63 14.15
N ARG A 120 -27.22 -22.11 14.97
CA ARG A 120 -27.80 -22.86 16.07
C ARG A 120 -29.31 -22.87 15.89
N LEU A 121 -29.87 -24.07 15.77
CA LEU A 121 -31.30 -24.25 15.59
C LEU A 121 -31.97 -24.65 16.90
N HIS A 122 -33.25 -24.32 16.98
CA HIS A 122 -34.11 -24.64 18.12
C HIS A 122 -35.36 -25.35 17.60
N PRO A 123 -35.96 -26.25 18.40
CA PRO A 123 -37.16 -26.99 17.94
C PRO A 123 -38.34 -26.07 17.56
N ASP A 124 -38.40 -24.91 18.21
CA ASP A 124 -39.25 -23.79 17.83
C ASP A 124 -39.22 -23.45 16.32
N GLY A 125 -38.06 -23.60 15.69
CA GLY A 125 -37.80 -23.10 14.33
C GLY A 125 -36.98 -21.82 14.33
N THR A 126 -36.57 -21.37 15.53
CA THR A 126 -35.75 -20.18 15.70
C THR A 126 -34.32 -20.47 15.27
N VAL A 127 -33.73 -19.53 14.54
CA VAL A 127 -32.39 -19.65 14.01
C VAL A 127 -31.50 -18.61 14.67
N LEU A 128 -30.29 -19.01 15.04
CA LEU A 128 -29.27 -18.06 15.51
C LEU A 128 -28.13 -18.08 14.49
N TYR A 129 -27.95 -16.97 13.76
CA TYR A 129 -26.95 -16.91 12.69
C TYR A 129 -25.86 -15.92 13.06
N GLY A 130 -24.72 -16.45 13.50
CA GLY A 130 -23.60 -15.59 13.95
C GLY A 130 -22.56 -15.46 12.85
N LEU A 131 -22.03 -14.24 12.68
CA LEU A 131 -20.94 -13.99 11.71
C LEU A 131 -19.84 -13.17 12.36
N ARG A 132 -18.57 -13.49 12.11
CA ARG A 132 -17.48 -12.61 12.54
C ARG A 132 -17.04 -11.73 11.39
N ILE A 133 -17.23 -10.42 11.55
CA ILE A 133 -17.07 -9.49 10.44
C ILE A 133 -16.09 -8.40 10.82
N THR A 134 -15.30 -7.94 9.85
CA THR A 134 -14.53 -6.72 9.99
C THR A 134 -14.96 -5.77 8.89
N THR A 135 -15.41 -4.59 9.29
CA THR A 135 -15.88 -3.57 8.34
C THR A 135 -14.95 -2.39 8.44
N THR A 136 -14.68 -1.70 7.34
CA THR A 136 -14.13 -0.35 7.44
C THR A 136 -15.25 0.55 6.95
N ALA A 137 -15.84 1.32 7.87
CA ALA A 137 -17.03 2.11 7.55
C ALA A 137 -16.71 3.59 7.57
N ALA A 138 -17.44 4.35 6.76
CA ALA A 138 -17.21 5.78 6.62
C ALA A 138 -17.61 6.52 7.89
N CYS A 139 -16.78 7.48 8.29
CA CYS A 139 -17.05 8.31 9.46
C CYS A 139 -16.63 9.74 9.15
N MET A 140 -17.53 10.50 8.53
CA MET A 140 -17.26 11.93 8.22
C MET A 140 -16.89 12.66 9.50
N MET A 141 -15.81 13.43 9.44
CA MET A 141 -15.24 14.05 10.64
C MET A 141 -15.28 15.56 10.57
N ASP A 142 -15.64 16.15 11.70
CA ASP A 142 -15.65 17.59 11.87
C ASP A 142 -14.36 17.95 12.61
N LEU A 143 -13.31 18.23 11.84
CA LEU A 143 -12.00 18.55 12.42
C LEU A 143 -11.83 20.03 12.78
N ARG A 144 -12.92 20.78 12.91
CA ARG A 144 -12.83 22.20 13.26
C ARG A 144 -12.18 22.43 14.62
N ARG A 145 -12.57 21.62 15.60
CA ARG A 145 -12.01 21.73 16.95
C ARG A 145 -10.78 20.83 17.18
N TYR A 146 -10.21 20.27 16.11
CA TYR A 146 -9.05 19.38 16.21
C TYR A 146 -7.86 20.13 16.82
N PRO A 147 -7.07 19.51 17.72
CA PRO A 147 -7.23 18.15 18.20
C PRO A 147 -7.96 18.01 19.52
N LEU A 148 -8.72 19.04 19.90
CA LEU A 148 -9.64 18.98 21.04
C LEU A 148 -11.07 18.68 20.56
N ASP A 149 -11.17 17.82 19.55
CA ASP A 149 -12.45 17.47 18.94
C ASP A 149 -12.96 16.15 19.48
N GLU A 150 -14.18 15.82 19.07
CA GLU A 150 -14.71 14.49 19.21
C GLU A 150 -15.63 14.18 18.04
N GLN A 151 -15.71 12.91 17.69
CA GLN A 151 -16.42 12.48 16.49
C GLN A 151 -17.51 11.48 16.84
N ASN A 152 -18.47 11.37 15.92
CA ASN A 152 -19.60 10.45 16.01
C ASN A 152 -19.53 9.51 14.79
N CYS A 153 -18.98 8.32 15.01
CA CYS A 153 -18.91 7.27 14.01
C CYS A 153 -20.05 6.29 14.20
N THR A 154 -20.66 5.88 13.09
CA THR A 154 -21.84 5.01 13.12
C THR A 154 -21.66 3.75 12.27
N LEU A 155 -22.51 2.77 12.52
CA LEU A 155 -22.63 1.58 11.67
C LEU A 155 -24.10 1.36 11.36
N GLU A 156 -24.50 1.68 10.13
CA GLU A 156 -25.90 1.64 9.72
C GLU A 156 -26.22 0.26 9.15
N ILE A 157 -27.18 -0.42 9.78
CA ILE A 157 -27.57 -1.78 9.44
C ILE A 157 -28.96 -1.74 8.81
N GLU A 158 -29.07 -2.35 7.65
CA GLU A 158 -30.30 -2.32 6.85
C GLU A 158 -30.39 -3.59 5.99
N SER A 159 -31.60 -3.91 5.52
CA SER A 159 -31.83 -4.99 4.54
C SER A 159 -31.78 -4.43 3.13
N TYR A 160 -31.17 -5.18 2.22
CA TYR A 160 -30.92 -4.66 0.87
C TYR A 160 -32.17 -4.66 -0.02
N GLY A 161 -32.86 -5.79 -0.09
CA GLY A 161 -34.01 -5.97 -1.01
C GLY A 161 -35.39 -5.99 -0.37
N TYR A 162 -35.47 -6.48 0.87
CA TYR A 162 -36.75 -6.68 1.53
C TYR A 162 -37.19 -5.41 2.23
N THR A 163 -38.41 -4.95 1.94
CA THR A 163 -38.97 -3.76 2.56
C THR A 163 -39.58 -4.09 3.93
N THR A 164 -40.09 -3.07 4.62
CA THR A 164 -40.79 -3.28 5.90
C THR A 164 -42.02 -4.19 5.80
N ASP A 165 -42.58 -4.33 4.60
CA ASP A 165 -43.62 -5.33 4.34
C ASP A 165 -43.12 -6.77 4.48
N ASP A 166 -41.81 -6.98 4.34
CA ASP A 166 -41.22 -8.31 4.40
C ASP A 166 -40.23 -8.56 5.54
N ILE A 167 -39.55 -7.51 6.01
CA ILE A 167 -38.59 -7.62 7.12
C ILE A 167 -38.78 -6.50 8.13
N GLU A 168 -38.60 -6.83 9.41
CA GLU A 168 -38.52 -5.86 10.49
C GLU A 168 -37.28 -6.15 11.35
N PHE A 169 -36.64 -5.09 11.80
CA PHE A 169 -35.46 -5.19 12.66
C PHE A 169 -35.74 -4.67 14.06
N TYR A 170 -35.04 -5.26 15.02
CA TYR A 170 -35.07 -4.80 16.41
C TYR A 170 -33.78 -5.22 17.10
N TRP A 171 -33.32 -4.39 18.03
CA TRP A 171 -32.14 -4.70 18.82
C TRP A 171 -32.51 -5.72 19.89
N ARG A 172 -32.06 -6.97 19.70
CA ARG A 172 -32.43 -8.04 20.61
C ARG A 172 -31.84 -7.82 22.00
N GLY A 173 -32.69 -7.36 22.91
CA GLY A 173 -32.30 -6.97 24.26
C GLY A 173 -32.21 -5.47 24.48
N GLY A 174 -32.74 -4.68 23.53
CA GLY A 174 -32.77 -3.22 23.67
C GLY A 174 -31.40 -2.62 23.86
N ASP A 175 -31.25 -1.81 24.90
CA ASP A 175 -29.96 -1.18 25.22
C ASP A 175 -28.82 -2.16 25.51
N LYS A 176 -29.14 -3.39 25.90
CA LYS A 176 -28.12 -4.41 26.15
C LYS A 176 -27.76 -5.26 24.93
N ALA A 177 -28.17 -4.83 23.73
CA ALA A 177 -27.94 -5.62 22.50
C ALA A 177 -26.52 -5.58 21.95
N VAL A 178 -25.74 -4.58 22.36
CA VAL A 178 -24.36 -4.44 21.92
C VAL A 178 -23.44 -4.64 23.12
N THR A 179 -22.37 -5.40 22.91
CA THR A 179 -21.35 -5.62 23.94
C THR A 179 -19.97 -5.39 23.36
N GLY A 180 -19.03 -5.03 24.23
CA GLY A 180 -17.61 -4.94 23.84
C GLY A 180 -17.07 -3.54 23.66
N VAL A 181 -17.94 -2.54 23.67
CA VAL A 181 -17.49 -1.14 23.75
C VAL A 181 -16.40 -0.93 24.80
N GLU A 182 -16.44 -1.74 25.85
CA GLU A 182 -15.52 -1.68 26.97
C GLU A 182 -14.14 -2.26 26.59
N ARG A 183 -14.16 -3.26 25.72
CA ARG A 183 -12.94 -3.85 25.11
C ARG A 183 -12.16 -2.95 24.16
N ILE A 184 -12.77 -1.89 23.63
CA ILE A 184 -12.12 -1.07 22.59
C ILE A 184 -10.93 -0.33 23.19
N GLU A 185 -9.79 -0.45 22.50
CA GLU A 185 -8.52 0.12 22.95
C GLU A 185 -7.90 0.82 21.75
N LEU A 186 -7.98 2.15 21.73
CA LEU A 186 -7.40 2.96 20.67
C LEU A 186 -6.33 3.85 21.25
N PRO A 187 -5.16 3.95 20.56
CA PRO A 187 -4.09 4.79 21.11
C PRO A 187 -4.46 6.27 21.24
N GLN A 188 -5.21 6.79 20.26
CA GLN A 188 -5.47 8.22 20.13
C GLN A 188 -6.86 8.66 20.64
N PHE A 189 -7.79 7.72 20.78
CA PHE A 189 -9.18 8.02 21.16
C PHE A 189 -9.62 7.24 22.39
N SER A 190 -10.82 7.56 22.86
CA SER A 190 -11.51 6.78 23.88
C SER A 190 -13.03 6.92 23.69
N ILE A 191 -13.76 5.82 23.88
CA ILE A 191 -15.19 5.79 23.60
C ILE A 191 -15.92 6.31 24.84
N VAL A 192 -16.48 7.52 24.73
CA VAL A 192 -17.11 8.16 25.87
C VAL A 192 -18.53 7.62 26.09
N GLU A 193 -19.29 7.43 25.01
CA GLU A 193 -20.57 6.72 25.07
C GLU A 193 -20.94 6.06 23.75
N HIS A 194 -22.00 5.26 23.76
CA HIS A 194 -22.54 4.64 22.55
C HIS A 194 -24.07 4.67 22.60
N ARG A 195 -24.70 4.56 21.44
CA ARG A 195 -26.17 4.62 21.34
C ARG A 195 -26.71 3.64 20.30
N LEU A 196 -27.84 3.02 20.62
CA LEU A 196 -28.56 2.17 19.69
C LEU A 196 -29.85 2.86 19.26
N VAL A 197 -30.17 2.75 17.99
CA VAL A 197 -31.36 3.38 17.42
C VAL A 197 -32.04 2.40 16.47
N SER A 198 -33.37 2.52 16.36
CA SER A 198 -34.15 1.75 15.43
C SER A 198 -35.03 2.70 14.63
N ARG A 199 -34.94 2.64 13.30
CA ARG A 199 -35.71 3.54 12.42
C ARG A 199 -36.19 2.82 11.19
N ASN A 200 -37.12 3.44 10.46
CA ASN A 200 -37.52 2.97 9.15
C ASN A 200 -37.22 4.09 8.15
N VAL A 201 -36.35 3.84 7.17
CA VAL A 201 -35.99 4.89 6.19
C VAL A 201 -36.68 4.65 4.86
N VAL A 202 -37.00 5.73 4.16
CA VAL A 202 -37.82 5.69 2.95
C VAL A 202 -36.98 6.02 1.72
N PHE A 203 -36.84 5.04 0.83
CA PHE A 203 -36.23 5.24 -0.49
C PHE A 203 -37.34 5.22 -1.55
N ALA A 204 -36.96 5.51 -2.78
CA ALA A 204 -37.88 5.43 -3.93
C ALA A 204 -38.43 4.02 -4.15
N THR A 205 -37.59 3.02 -3.88
CA THR A 205 -38.00 1.61 -4.00
C THR A 205 -38.86 1.09 -2.83
N GLY A 206 -39.06 1.90 -1.78
CA GLY A 206 -39.89 1.53 -0.64
C GLY A 206 -39.26 1.93 0.68
N ALA A 207 -39.91 1.51 1.78
CA ALA A 207 -39.46 1.80 3.14
C ALA A 207 -38.77 0.59 3.74
N TYR A 208 -37.54 0.79 4.22
CA TYR A 208 -36.71 -0.29 4.75
C TYR A 208 -36.40 -0.08 6.23
N PRO A 209 -36.14 -1.17 6.97
CA PRO A 209 -35.80 -1.06 8.37
C PRO A 209 -34.31 -0.75 8.53
N ARG A 210 -33.97 0.05 9.54
CA ARG A 210 -32.59 0.39 9.84
C ARG A 210 -32.32 0.38 11.33
N LEU A 211 -31.14 -0.12 11.68
CA LEU A 211 -30.59 0.00 13.02
C LEU A 211 -29.26 0.73 12.98
N SER A 212 -29.06 1.69 13.88
CA SER A 212 -27.83 2.50 13.92
C SER A 212 -27.10 2.31 15.23
N LEU A 213 -25.88 1.79 15.14
CA LEU A 213 -24.93 1.76 16.26
C LEU A 213 -24.05 2.99 16.14
N SER A 214 -23.86 3.70 17.25
CA SER A 214 -23.11 4.96 17.28
C SER A 214 -22.05 4.93 18.36
N PHE A 215 -20.87 5.49 18.08
CA PHE A 215 -19.88 5.77 19.13
C PHE A 215 -19.53 7.26 19.17
N ARG A 216 -19.11 7.76 20.33
CA ARG A 216 -18.56 9.11 20.42
C ARG A 216 -17.10 9.02 20.83
N LEU A 217 -16.19 9.43 19.95
CA LEU A 217 -14.75 9.27 20.17
C LEU A 217 -14.11 10.56 20.65
N LYS A 218 -13.61 10.58 21.89
CA LYS A 218 -12.91 11.74 22.43
C LYS A 218 -11.42 11.54 22.21
N ARG A 219 -10.80 12.49 21.52
CA ARG A 219 -9.37 12.40 21.17
C ARG A 219 -8.50 12.80 22.36
N ASN A 220 -7.47 12.00 22.63
CA ASN A 220 -6.46 12.36 23.66
C ASN A 220 -5.44 13.30 23.04
N ILE A 221 -4.94 14.23 23.85
CA ILE A 221 -4.09 15.31 23.36
C ILE A 221 -2.58 14.94 23.46
N GLY A 222 -2.29 13.89 24.22
CA GLY A 222 -0.92 13.44 24.47
C GLY A 222 -0.01 13.44 23.27
N TYR A 223 -0.47 12.83 22.17
CA TYR A 223 0.34 12.75 20.96
C TYR A 223 0.75 14.12 20.39
N PHE A 224 -0.10 15.13 20.60
CA PHE A 224 0.03 16.41 19.89
C PHE A 224 0.79 17.44 20.70
N VAL A 225 0.67 17.35 22.03
CA VAL A 225 1.54 18.14 22.90
C VAL A 225 3.01 17.77 22.68
N ILE A 226 3.29 16.51 22.36
CA ILE A 226 4.66 16.06 22.09
C ILE A 226 5.11 16.44 20.67
N GLN A 227 4.26 16.23 19.67
CA GLN A 227 4.65 16.41 18.26
C GLN A 227 4.33 17.74 17.59
N THR A 228 3.55 18.60 18.25
CA THR A 228 3.16 19.89 17.69
C THR A 228 3.25 21.02 18.71
N TYR A 229 2.60 20.87 19.87
CA TYR A 229 2.44 22.03 20.78
C TYR A 229 3.74 22.44 21.41
N LEU A 230 4.47 21.49 21.98
CA LEU A 230 5.77 21.82 22.58
C LEU A 230 6.79 22.37 21.58
N PRO A 231 6.95 21.72 20.40
CA PRO A 231 7.77 22.35 19.36
C PRO A 231 7.38 23.80 19.04
N CYS A 232 6.07 24.05 18.89
CA CYS A 232 5.59 25.42 18.62
C CYS A 232 5.88 26.38 19.78
N ILE A 233 5.52 25.97 20.99
CA ILE A 233 5.72 26.77 22.21
C ILE A 233 7.20 27.06 22.44
N MET A 234 8.07 26.09 22.19
CA MET A 234 9.51 26.28 22.36
C MET A 234 10.14 27.04 21.22
N THR A 235 9.61 26.89 20.02
CA THR A 235 10.07 27.72 18.90
C THR A 235 9.66 29.19 19.09
N VAL A 236 8.54 29.46 19.76
CA VAL A 236 8.21 30.84 20.15
C VAL A 236 9.17 31.39 21.21
N ILE A 237 9.41 30.62 22.26
CA ILE A 237 10.35 30.99 23.32
C ILE A 237 11.74 31.21 22.73
N LEU A 238 12.16 30.35 21.80
CA LEU A 238 13.45 30.51 21.13
C LEU A 238 13.56 31.84 20.39
N SER A 239 12.49 32.26 19.71
CA SER A 239 12.49 33.55 18.99
C SER A 239 12.69 34.73 19.93
N GLN A 240 12.18 34.60 21.16
CA GLN A 240 12.25 35.66 22.16
C GLN A 240 13.60 35.78 22.88
N VAL A 241 14.53 34.86 22.63
CA VAL A 241 15.90 34.97 23.15
C VAL A 241 16.61 36.17 22.53
N SER A 242 16.34 36.45 21.25
CA SER A 242 16.97 37.57 20.53
C SER A 242 16.73 38.94 21.19
N PHE A 243 15.66 39.06 22.00
CA PHE A 243 15.45 40.28 22.80
C PHE A 243 16.53 40.51 23.87
N TRP A 244 17.22 39.45 24.30
CA TRP A 244 18.26 39.56 25.33
C TRP A 244 19.67 39.63 24.75
N LEU A 245 19.80 40.07 23.49
CA LEU A 245 21.08 40.37 22.88
C LEU A 245 21.08 41.84 22.47
N ASN A 246 22.21 42.51 22.65
CA ASN A 246 22.35 43.91 22.26
C ASN A 246 22.05 44.04 20.76
N ARG A 247 21.42 45.16 20.39
CA ARG A 247 20.93 45.34 19.01
C ARG A 247 22.05 45.40 17.97
N GLU A 248 23.25 45.69 18.41
CA GLU A 248 24.46 45.66 17.58
C GLU A 248 24.85 44.27 17.07
N SER A 249 24.40 43.19 17.70
CA SER A 249 24.62 41.82 17.19
C SER A 249 23.60 41.48 16.09
N VAL A 250 23.75 42.17 14.97
CA VAL A 250 22.80 42.10 13.85
C VAL A 250 22.72 40.67 13.29
N PRO A 251 23.88 40.06 12.94
CA PRO A 251 23.79 38.71 12.38
C PRO A 251 23.19 37.68 13.35
N ALA A 252 23.58 37.73 14.62
CA ALA A 252 23.02 36.82 15.62
C ALA A 252 21.50 36.90 15.67
N ARG A 253 20.98 38.12 15.79
CA ARG A 253 19.54 38.34 15.91
C ARG A 253 18.75 38.07 14.63
N THR A 254 19.40 38.11 13.47
CA THR A 254 18.75 37.66 12.23
C THR A 254 18.68 36.14 12.16
N VAL A 255 19.67 35.44 12.70
CA VAL A 255 19.62 33.97 12.75
C VAL A 255 18.41 33.54 13.58
N PHE A 256 18.32 34.08 14.80
CA PHE A 256 17.15 33.84 15.67
C PHE A 256 15.84 34.11 14.95
N GLY A 257 15.79 35.19 14.17
CA GLY A 257 14.58 35.57 13.44
C GLY A 257 14.23 34.64 12.30
N VAL A 258 15.17 34.44 11.40
CA VAL A 258 14.96 33.64 10.19
C VAL A 258 14.68 32.18 10.56
N THR A 259 15.55 31.59 11.37
CA THR A 259 15.41 30.16 11.68
C THR A 259 14.06 29.85 12.34
N THR A 260 13.70 30.66 13.34
CA THR A 260 12.43 30.47 14.03
C THR A 260 11.23 30.68 13.10
N VAL A 261 11.33 31.64 12.19
CA VAL A 261 10.27 31.86 11.18
C VAL A 261 10.16 30.66 10.24
N LEU A 262 11.29 30.15 9.75
CA LEU A 262 11.22 29.00 8.83
C LEU A 262 10.79 27.70 9.52
N THR A 263 11.32 27.44 10.71
CA THR A 263 10.88 26.25 11.45
C THR A 263 9.42 26.33 11.89
N MET A 264 8.80 27.51 11.85
CA MET A 264 7.38 27.61 12.12
C MET A 264 6.51 27.23 10.92
N THR A 265 6.92 27.62 9.71
CA THR A 265 6.16 27.21 8.50
C THR A 265 6.20 25.70 8.33
N THR A 266 7.38 25.10 8.54
CA THR A 266 7.54 23.65 8.36
C THR A 266 6.73 22.86 9.39
N LEU A 267 6.53 23.41 10.59
CA LEU A 267 5.59 22.82 11.56
C LEU A 267 4.15 22.91 11.06
N SER A 268 3.74 24.10 10.62
CA SER A 268 2.38 24.27 10.07
C SER A 268 2.12 23.38 8.86
N ILE A 269 3.15 23.13 8.05
CA ILE A 269 3.00 22.20 6.92
C ILE A 269 3.00 20.75 7.40
N SER A 270 3.99 20.36 8.19
CA SER A 270 4.10 18.95 8.63
C SER A 270 2.90 18.52 9.50
N ALA A 271 2.36 19.43 10.30
CA ALA A 271 1.16 19.13 11.10
C ALA A 271 -0.08 18.94 10.22
N ARG A 272 -0.16 19.73 9.15
CA ARG A 272 -1.27 19.62 8.20
C ARG A 272 -1.17 18.38 7.29
N ASN A 273 0.00 17.75 7.22
CA ASN A 273 0.23 16.54 6.39
C ASN A 273 -0.38 15.25 6.93
N SER A 274 -0.64 15.17 8.23
CA SER A 274 -1.30 13.99 8.81
C SER A 274 -2.85 14.05 8.77
N LEU A 275 -3.41 15.11 8.19
CA LEU A 275 -4.86 15.33 8.12
C LEU A 275 -5.39 15.24 6.69
N PRO A 276 -6.72 15.18 6.51
CA PRO A 276 -7.28 15.29 5.17
C PRO A 276 -7.20 16.72 4.63
N LYS A 277 -7.40 16.88 3.33
CA LYS A 277 -7.24 18.16 2.65
C LYS A 277 -8.50 19.04 2.79
N VAL A 278 -8.90 19.28 4.03
CA VAL A 278 -10.12 20.02 4.34
C VAL A 278 -9.89 21.51 4.09
N ALA A 279 -10.98 22.21 3.76
CA ALA A 279 -10.92 23.62 3.36
C ALA A 279 -11.11 24.61 4.51
N TYR A 280 -11.40 24.11 5.71
CA TYR A 280 -11.54 24.99 6.90
C TYR A 280 -10.26 24.98 7.74
N ALA A 281 -10.21 25.84 8.74
CA ALA A 281 -9.06 25.98 9.61
C ALA A 281 -9.34 25.30 10.94
N THR A 282 -8.41 24.43 11.37
CA THR A 282 -8.54 23.69 12.62
C THR A 282 -8.09 24.55 13.80
N ALA A 283 -8.55 24.19 15.00
CA ALA A 283 -8.07 24.83 16.22
C ALA A 283 -6.55 24.81 16.35
N MET A 284 -5.91 23.75 15.84
CA MET A 284 -4.45 23.69 15.72
C MET A 284 -3.88 24.72 14.73
N ASP A 285 -4.56 24.90 13.60
CA ASP A 285 -4.09 25.84 12.57
C ASP A 285 -4.05 27.27 13.12
N TRP A 286 -5.04 27.64 13.93
CA TRP A 286 -5.05 28.94 14.61
C TRP A 286 -3.90 29.06 15.61
N PHE A 287 -3.75 28.05 16.45
CA PHE A 287 -2.64 28.01 17.40
C PHE A 287 -1.30 28.18 16.69
N ILE A 288 -1.07 27.43 15.62
CA ILE A 288 0.18 27.57 14.85
C ILE A 288 0.27 28.96 14.19
N ALA A 289 -0.86 29.44 13.66
CA ALA A 289 -0.90 30.78 13.05
C ALA A 289 -0.48 31.86 14.05
N VAL A 290 -1.05 31.83 15.26
CA VAL A 290 -0.70 32.81 16.29
C VAL A 290 0.78 32.69 16.64
N CYS A 291 1.25 31.47 16.85
CA CYS A 291 2.70 31.23 17.05
C CYS A 291 3.52 31.88 15.93
N TYR A 292 3.08 31.72 14.68
CA TYR A 292 3.74 32.41 13.56
C TYR A 292 3.79 33.93 13.77
N ALA A 293 2.69 34.51 14.25
CA ALA A 293 2.63 35.94 14.54
C ALA A 293 3.67 36.36 15.57
N PHE A 294 3.76 35.63 16.67
CA PHE A 294 4.74 35.94 17.73
C PHE A 294 6.19 35.84 17.28
N VAL A 295 6.47 34.91 16.36
CA VAL A 295 7.82 34.73 15.82
C VAL A 295 8.13 35.77 14.75
N PHE A 296 7.18 36.05 13.86
CA PHE A 296 7.39 37.08 12.83
C PHE A 296 7.48 38.48 13.46
N SER A 297 6.67 38.71 14.49
CA SER A 297 6.73 39.96 15.25
C SER A 297 8.06 40.10 15.95
N ALA A 298 8.56 39.04 16.56
CA ALA A 298 9.89 39.07 17.18
C ALA A 298 10.99 39.48 16.20
N LEU A 299 10.84 39.11 14.93
CA LEU A 299 11.76 39.53 13.87
C LEU A 299 11.51 40.96 13.43
N ILE A 300 10.26 41.30 13.12
CA ILE A 300 9.92 42.69 12.73
C ILE A 300 10.37 43.70 13.82
N GLU A 301 10.19 43.33 15.08
CA GLU A 301 10.66 44.12 16.20
C GLU A 301 12.15 44.38 16.06
N PHE A 302 12.93 43.32 15.81
CA PHE A 302 14.38 43.47 15.67
C PHE A 302 14.71 44.33 14.45
N ALA A 303 14.04 44.05 13.33
CA ALA A 303 14.22 44.84 12.11
C ALA A 303 13.99 46.33 12.34
N THR A 304 12.91 46.65 13.07
CA THR A 304 12.60 48.02 13.48
C THR A 304 13.67 48.59 14.42
N VAL A 305 13.98 47.85 15.49
CA VAL A 305 15.01 48.28 16.44
C VAL A 305 16.34 48.60 15.72
N ASN A 306 16.74 47.74 14.80
CA ASN A 306 17.92 47.97 13.98
C ASN A 306 17.79 49.22 13.09
N TYR A 307 16.56 49.48 12.62
CA TYR A 307 16.31 50.66 11.77
C TYR A 307 16.37 51.97 12.56
N PHE A 308 16.09 51.93 13.86
CA PHE A 308 16.19 53.11 14.73
C PHE A 308 17.45 53.16 15.62
N THR A 309 18.34 52.19 15.51
CA THR A 309 19.53 52.11 16.39
C THR A 309 20.45 53.34 16.36
N LYS A 310 20.42 54.11 15.26
CA LYS A 310 21.11 55.42 15.18
C LYS A 310 20.16 56.61 15.08
N SER A 311 19.03 56.44 14.38
CA SER A 311 18.00 57.48 14.31
C SER A 311 17.46 57.86 15.68
N GLN A 312 16.98 56.86 16.43
CA GLN A 312 16.32 57.10 17.72
C GLN A 312 16.78 56.11 18.79
N PRO A 313 18.11 56.09 19.07
CA PRO A 313 18.71 55.06 19.95
C PRO A 313 18.03 54.87 21.32
N ALA A 314 17.47 55.93 21.87
CA ALA A 314 16.69 55.85 23.12
C ALA A 314 15.48 54.95 22.95
N ARG A 315 14.69 55.18 21.89
CA ARG A 315 13.44 54.45 21.67
C ARG A 315 13.75 52.97 21.40
N ALA A 316 14.70 52.75 20.50
CA ALA A 316 15.15 51.41 20.12
C ALA A 316 15.51 50.56 21.34
N ALA A 317 16.28 51.13 22.26
CA ALA A 317 16.63 50.47 23.51
C ALA A 317 15.42 50.22 24.42
N LYS A 318 14.41 51.11 24.38
CA LYS A 318 13.18 50.91 25.18
C LYS A 318 12.32 49.80 24.61
N ILE A 319 12.24 49.72 23.28
CA ILE A 319 11.45 48.68 22.62
C ILE A 319 11.95 47.31 23.07
N ASP A 320 13.26 47.07 22.99
CA ASP A 320 13.84 45.82 23.47
C ASP A 320 13.42 45.50 24.91
N LYS A 321 13.62 46.47 25.80
CA LYS A 321 13.31 46.27 27.21
C LYS A 321 11.83 46.04 27.47
N MET A 322 10.95 46.62 26.66
CA MET A 322 9.51 46.28 26.76
C MET A 322 9.17 44.89 26.19
N SER A 323 9.70 44.62 24.99
CA SER A 323 9.47 43.35 24.31
C SER A 323 9.83 42.15 25.17
N ARG A 324 10.94 42.24 25.91
CA ARG A 324 11.34 41.20 26.85
C ARG A 324 10.27 40.82 27.86
N ILE A 325 9.29 41.72 28.09
CA ILE A 325 8.21 41.44 29.05
C ILE A 325 6.83 41.29 28.39
N VAL A 326 6.56 42.08 27.36
CA VAL A 326 5.27 42.02 26.64
C VAL A 326 5.05 40.65 25.98
N PHE A 327 6.05 40.21 25.23
CA PHE A 327 5.96 38.98 24.42
C PHE A 327 5.61 37.73 25.24
N PRO A 328 6.43 37.42 26.27
CA PRO A 328 6.08 36.23 27.06
C PRO A 328 4.74 36.35 27.79
N ILE A 329 4.41 37.52 28.34
CA ILE A 329 3.13 37.72 29.02
C ILE A 329 1.96 37.52 28.06
N LEU A 330 2.02 38.19 26.89
CA LEU A 330 0.99 38.02 25.87
C LEU A 330 0.89 36.58 25.39
N PHE A 331 2.03 35.94 25.11
CA PHE A 331 2.01 34.55 24.68
C PHE A 331 1.42 33.62 25.75
N GLY A 332 1.77 33.89 27.01
CA GLY A 332 1.24 33.15 28.15
C GLY A 332 -0.26 33.32 28.29
N THR A 333 -0.73 34.56 28.27
CA THR A 333 -2.17 34.82 28.41
C THR A 333 -2.96 34.30 27.20
N PHE A 334 -2.38 34.40 26.00
CA PHE A 334 -3.00 33.81 24.82
C PHE A 334 -3.26 32.32 25.00
N ASN A 335 -2.26 31.58 25.49
CA ASN A 335 -2.42 30.14 25.76
C ASN A 335 -3.58 29.87 26.71
N LEU A 336 -3.61 30.59 27.83
CA LEU A 336 -4.67 30.45 28.82
C LEU A 336 -6.06 30.65 28.21
N VAL A 337 -6.19 31.64 27.32
CA VAL A 337 -7.45 31.87 26.60
C VAL A 337 -7.76 30.76 25.57
N TYR A 338 -6.76 30.43 24.75
CA TYR A 338 -6.88 29.36 23.74
C TYR A 338 -7.34 28.04 24.36
N TRP A 339 -6.60 27.55 25.36
CA TRP A 339 -6.94 26.26 25.99
C TRP A 339 -8.35 26.29 26.62
N ALA A 340 -8.66 27.37 27.33
CA ALA A 340 -9.99 27.56 27.93
C ALA A 340 -11.12 27.60 26.90
N THR A 341 -10.91 28.31 25.78
CA THR A 341 -11.91 28.33 24.67
C THR A 341 -12.24 26.92 24.14
N TYR A 342 -11.23 26.04 24.09
CA TYR A 342 -11.40 24.68 23.57
C TYR A 342 -11.42 23.57 24.66
N LEU A 343 -11.53 23.98 25.93
CA LEU A 343 -11.75 23.04 27.05
C LEU A 343 -12.87 23.56 27.96
N MET B 12 -46.99 -21.18 0.65
CA MET B 12 -45.56 -21.16 0.19
C MET B 12 -45.26 -22.23 -0.86
N SER B 13 -45.83 -23.43 -0.68
CA SER B 13 -45.60 -24.55 -1.60
C SER B 13 -46.06 -24.21 -3.02
N PHE B 14 -47.23 -23.57 -3.14
CA PHE B 14 -47.77 -23.15 -4.43
C PHE B 14 -46.80 -22.18 -5.13
N VAL B 15 -46.28 -21.23 -4.35
CA VAL B 15 -45.36 -20.23 -4.87
C VAL B 15 -44.09 -20.91 -5.34
N LYS B 16 -43.60 -21.87 -4.54
CA LYS B 16 -42.40 -22.64 -4.91
C LYS B 16 -42.62 -23.37 -6.23
N GLU B 17 -43.79 -24.01 -6.35
CA GLU B 17 -44.12 -24.73 -7.58
C GLU B 17 -44.15 -23.78 -8.78
N THR B 18 -44.74 -22.60 -8.61
CA THR B 18 -44.80 -21.63 -9.70
C THR B 18 -43.38 -21.18 -10.09
N VAL B 19 -42.52 -20.96 -9.09
CA VAL B 19 -41.14 -20.56 -9.37
C VAL B 19 -40.41 -21.68 -10.14
N ASP B 20 -40.63 -22.92 -9.71
CA ASP B 20 -40.03 -24.06 -10.42
C ASP B 20 -40.50 -24.13 -11.86
N LYS B 21 -41.80 -23.91 -12.07
CA LYS B 21 -42.35 -23.89 -13.44
C LYS B 21 -41.71 -22.79 -14.27
N LEU B 22 -41.54 -21.61 -13.67
CA LEU B 22 -40.86 -20.49 -14.36
C LEU B 22 -39.43 -20.85 -14.73
N LEU B 23 -38.74 -21.52 -13.82
CA LEU B 23 -37.35 -21.94 -14.09
C LEU B 23 -37.26 -23.09 -15.10
N LYS B 24 -38.19 -24.02 -15.04
CA LYS B 24 -38.22 -25.18 -15.94
C LYS B 24 -38.15 -24.72 -17.41
N GLY B 25 -37.04 -25.05 -18.07
CA GLY B 25 -36.83 -24.66 -19.47
C GLY B 25 -36.31 -23.26 -19.72
N TYR B 26 -35.95 -22.55 -18.65
CA TYR B 26 -35.39 -21.21 -18.74
C TYR B 26 -33.91 -21.34 -19.12
N ASP B 27 -33.52 -20.75 -20.25
CA ASP B 27 -32.11 -20.74 -20.68
C ASP B 27 -31.49 -19.39 -20.38
N ILE B 28 -30.58 -19.37 -19.40
CA ILE B 28 -29.86 -18.13 -19.04
C ILE B 28 -29.00 -17.56 -20.18
N ARG B 29 -28.67 -18.41 -21.16
CA ARG B 29 -27.85 -18.01 -22.31
C ARG B 29 -28.58 -17.07 -23.27
N LEU B 30 -29.92 -17.11 -23.26
CA LEU B 30 -30.72 -16.34 -24.20
C LEU B 30 -31.38 -15.15 -23.51
N ARG B 31 -31.25 -13.97 -24.11
CA ARG B 31 -31.95 -12.77 -23.67
C ARG B 31 -33.46 -12.84 -23.93
N PRO B 32 -34.26 -11.91 -23.35
CA PRO B 32 -35.66 -11.79 -23.75
C PRO B 32 -35.83 -11.38 -25.21
N ASP B 33 -36.79 -11.98 -25.90
CA ASP B 33 -36.99 -11.79 -27.35
C ASP B 33 -35.69 -12.08 -28.11
N PHE B 34 -35.14 -13.28 -27.93
CA PHE B 34 -33.79 -13.61 -28.39
C PHE B 34 -33.49 -13.22 -29.85
N GLY B 35 -34.35 -13.68 -30.76
CA GLY B 35 -34.25 -13.30 -32.17
C GLY B 35 -34.90 -11.98 -32.51
N GLY B 36 -35.74 -11.46 -31.60
CA GLY B 36 -36.65 -10.35 -31.91
C GLY B 36 -36.09 -8.98 -31.63
N PRO B 37 -36.96 -8.02 -31.24
CA PRO B 37 -36.46 -6.65 -31.01
C PRO B 37 -35.54 -6.56 -29.78
N PRO B 38 -34.81 -5.44 -29.65
CA PRO B 38 -33.89 -5.32 -28.51
C PRO B 38 -34.63 -5.19 -27.18
N VAL B 39 -33.92 -5.46 -26.09
CA VAL B 39 -34.48 -5.38 -24.74
C VAL B 39 -34.22 -3.99 -24.21
N CYS B 40 -35.27 -3.20 -23.97
CA CYS B 40 -35.12 -1.92 -23.29
C CYS B 40 -34.74 -2.11 -21.82
N VAL B 41 -33.56 -1.61 -21.45
CA VAL B 41 -33.12 -1.67 -20.07
C VAL B 41 -33.10 -0.27 -19.48
N GLY B 42 -33.80 -0.08 -18.37
CA GLY B 42 -33.88 1.18 -17.66
C GLY B 42 -32.85 1.22 -16.55
N MET B 43 -32.03 2.27 -16.56
CA MET B 43 -31.00 2.47 -15.54
C MET B 43 -31.48 3.50 -14.54
N ASN B 44 -31.05 3.31 -13.30
CA ASN B 44 -31.47 4.15 -12.20
C ASN B 44 -30.36 4.05 -11.15
N ILE B 45 -29.81 5.22 -10.79
CA ILE B 45 -28.67 5.25 -9.86
C ILE B 45 -28.99 6.10 -8.63
N ASP B 46 -28.59 5.60 -7.46
CA ASP B 46 -28.63 6.35 -6.21
C ASP B 46 -27.21 6.35 -5.67
N ILE B 47 -26.56 7.52 -5.73
CA ILE B 47 -25.20 7.70 -5.26
C ILE B 47 -25.17 7.71 -3.73
N ALA B 48 -24.28 6.91 -3.15
CA ALA B 48 -24.10 6.85 -1.70
C ALA B 48 -23.03 7.82 -1.26
N SER B 49 -21.90 7.82 -1.98
CA SER B 49 -20.77 8.68 -1.67
C SER B 49 -19.71 8.61 -2.77
N ILE B 50 -18.92 9.69 -2.87
CA ILE B 50 -17.64 9.64 -3.54
C ILE B 50 -16.58 9.66 -2.43
N ASP B 51 -15.86 8.55 -2.28
CA ASP B 51 -14.99 8.34 -1.12
C ASP B 51 -13.64 9.02 -1.26
N MET B 52 -13.23 9.30 -2.49
CA MET B 52 -11.87 9.73 -2.79
C MET B 52 -11.78 10.30 -4.19
N VAL B 53 -10.85 11.24 -4.39
CA VAL B 53 -10.55 11.79 -5.71
C VAL B 53 -9.04 11.97 -5.80
N SER B 54 -8.38 11.15 -6.60
CA SER B 54 -6.91 11.18 -6.68
C SER B 54 -6.44 11.90 -7.92
N GLU B 55 -5.77 13.03 -7.73
CA GLU B 55 -5.15 13.76 -8.84
C GLU B 55 -3.91 13.02 -9.33
N VAL B 56 -3.27 12.26 -8.43
CA VAL B 56 -2.02 11.56 -8.75
C VAL B 56 -2.27 10.36 -9.64
N ASN B 57 -3.33 9.60 -9.33
CA ASN B 57 -3.75 8.47 -10.15
C ASN B 57 -4.86 8.82 -11.15
N MET B 58 -5.35 10.05 -11.10
CA MET B 58 -6.40 10.52 -12.02
C MET B 58 -7.58 9.55 -12.06
N ASP B 59 -8.10 9.29 -10.86
CA ASP B 59 -9.29 8.51 -10.68
C ASP B 59 -10.11 9.04 -9.53
N TYR B 60 -11.34 8.52 -9.42
CA TYR B 60 -12.19 8.82 -8.27
C TYR B 60 -12.92 7.56 -7.88
N THR B 61 -13.18 7.41 -6.58
CA THR B 61 -13.87 6.25 -6.05
C THR B 61 -15.30 6.63 -5.68
N LEU B 62 -16.25 5.93 -6.30
CA LEU B 62 -17.67 6.14 -6.21
C LEU B 62 -18.33 4.91 -5.58
N THR B 63 -19.39 5.16 -4.82
CA THR B 63 -20.21 4.10 -4.22
C THR B 63 -21.68 4.36 -4.55
N MET B 64 -22.37 3.37 -5.08
CA MET B 64 -23.71 3.59 -5.59
C MET B 64 -24.60 2.37 -5.55
N TYR B 65 -25.91 2.64 -5.61
CA TYR B 65 -26.91 1.61 -5.86
C TYR B 65 -27.27 1.69 -7.34
N PHE B 66 -26.93 0.66 -8.09
CA PHE B 66 -27.12 0.55 -9.50
C PHE B 66 -28.32 -0.36 -9.77
N GLN B 67 -29.45 0.25 -10.16
CA GLN B 67 -30.67 -0.49 -10.46
C GLN B 67 -30.88 -0.60 -11.97
N GLN B 68 -31.34 -1.79 -12.38
CA GLN B 68 -31.67 -2.05 -13.78
C GLN B 68 -33.09 -2.63 -13.88
N TYR B 69 -33.84 -2.15 -14.89
CA TYR B 69 -35.22 -2.62 -15.13
C TYR B 69 -35.36 -3.14 -16.55
N TRP B 70 -35.81 -4.37 -16.72
CA TRP B 70 -36.12 -4.90 -18.05
C TRP B 70 -37.29 -5.85 -17.95
N ARG B 71 -37.78 -6.35 -19.08
CA ARG B 71 -38.92 -7.25 -19.12
C ARG B 71 -38.54 -8.59 -19.74
N ASP B 72 -38.64 -9.66 -18.94
CA ASP B 72 -38.47 -11.03 -19.43
C ASP B 72 -39.80 -11.76 -19.28
N LYS B 73 -40.48 -11.96 -20.41
CA LYS B 73 -41.81 -12.59 -20.45
C LYS B 73 -41.82 -13.98 -19.83
N ARG B 74 -40.69 -14.68 -19.90
CA ARG B 74 -40.51 -15.97 -19.23
C ARG B 74 -40.67 -15.91 -17.71
N LEU B 75 -40.66 -14.71 -17.11
CA LEU B 75 -40.85 -14.56 -15.66
C LEU B 75 -42.19 -13.94 -15.28
N ALA B 76 -43.21 -14.14 -16.12
CA ALA B 76 -44.56 -13.64 -15.84
C ALA B 76 -45.36 -14.68 -15.07
N TYR B 77 -46.16 -14.21 -14.12
CA TYR B 77 -47.01 -15.08 -13.31
C TYR B 77 -48.40 -14.42 -13.14
N SER B 78 -49.45 -15.13 -13.53
CA SER B 78 -50.81 -14.56 -13.52
C SER B 78 -51.48 -14.64 -12.15
N GLY B 79 -51.36 -15.80 -11.50
CA GLY B 79 -52.11 -16.11 -10.28
C GLY B 79 -51.90 -15.18 -9.09
N ILE B 80 -50.66 -14.81 -8.84
CA ILE B 80 -50.30 -14.00 -7.68
C ILE B 80 -50.59 -12.51 -7.96
N PRO B 81 -51.08 -11.76 -6.96
CA PRO B 81 -51.41 -10.34 -7.10
C PRO B 81 -50.37 -9.35 -6.55
N LEU B 82 -49.19 -9.82 -6.15
CA LEU B 82 -48.18 -8.96 -5.54
C LEU B 82 -46.77 -9.16 -6.11
N ASN B 83 -45.92 -8.15 -5.93
CA ASN B 83 -44.55 -8.18 -6.44
C ASN B 83 -43.69 -9.11 -5.58
N LEU B 84 -42.88 -9.94 -6.23
CA LEU B 84 -42.12 -10.98 -5.52
C LEU B 84 -40.66 -10.59 -5.33
N THR B 85 -40.26 -10.29 -4.09
CA THR B 85 -38.84 -10.11 -3.77
C THR B 85 -38.24 -11.47 -3.41
N LEU B 86 -37.28 -11.91 -4.24
CA LEU B 86 -36.64 -13.20 -4.07
C LEU B 86 -35.23 -13.02 -3.50
N ASP B 87 -34.70 -14.10 -2.94
CA ASP B 87 -33.33 -14.09 -2.41
C ASP B 87 -32.31 -13.76 -3.50
N ASN B 88 -31.25 -13.05 -3.13
CA ASN B 88 -30.20 -12.60 -4.08
C ASN B 88 -29.65 -13.71 -4.98
N ARG B 89 -29.59 -14.95 -4.47
CA ARG B 89 -29.06 -16.09 -5.22
C ARG B 89 -29.84 -16.48 -6.49
N VAL B 90 -31.02 -15.90 -6.71
CA VAL B 90 -31.78 -16.14 -7.94
C VAL B 90 -31.07 -15.54 -9.17
N ALA B 91 -30.33 -14.44 -8.97
CA ALA B 91 -29.58 -13.79 -10.07
C ALA B 91 -28.76 -14.79 -10.88
N ASP B 92 -28.13 -15.74 -10.19
CA ASP B 92 -27.29 -16.76 -10.82
C ASP B 92 -28.06 -17.72 -11.75
N GLN B 93 -29.39 -17.77 -11.64
CA GLN B 93 -30.22 -18.63 -12.49
C GLN B 93 -31.20 -17.82 -13.37
N LEU B 94 -30.89 -16.54 -13.57
CA LEU B 94 -31.63 -15.66 -14.49
C LEU B 94 -30.68 -14.98 -15.47
N TRP B 95 -31.24 -14.47 -16.56
CA TRP B 95 -30.49 -13.62 -17.47
C TRP B 95 -30.50 -12.20 -16.94
N VAL B 96 -29.31 -11.60 -16.87
CA VAL B 96 -29.13 -10.22 -16.46
C VAL B 96 -28.34 -9.49 -17.54
N PRO B 97 -28.61 -8.16 -17.74
CA PRO B 97 -27.79 -7.50 -18.77
C PRO B 97 -26.29 -7.45 -18.48
N ASP B 98 -25.47 -7.56 -19.53
CA ASP B 98 -24.00 -7.57 -19.40
C ASP B 98 -23.45 -6.15 -19.31
N THR B 99 -23.95 -5.41 -18.32
CA THR B 99 -23.66 -4.01 -18.19
C THR B 99 -22.33 -3.88 -17.47
N TYR B 100 -21.45 -3.03 -18.01
CA TYR B 100 -20.17 -2.73 -17.35
C TYR B 100 -19.87 -1.25 -17.39
N PHE B 101 -18.84 -0.86 -16.67
CA PHE B 101 -18.42 0.54 -16.58
C PHE B 101 -17.16 0.73 -17.36
N LEU B 102 -17.29 1.42 -18.50
CA LEU B 102 -16.22 1.50 -19.49
C LEU B 102 -14.90 2.01 -18.92
N ASN B 103 -15.00 3.03 -18.06
CA ASN B 103 -13.84 3.74 -17.54
C ASN B 103 -13.51 3.38 -16.10
N ASP B 104 -13.88 2.19 -15.65
CA ASP B 104 -13.51 1.75 -14.30
C ASP B 104 -12.12 1.12 -14.33
N LYS B 105 -11.39 1.30 -13.24
CA LYS B 105 -10.10 0.65 -13.07
C LYS B 105 -10.23 -0.60 -12.22
N LYS B 106 -10.98 -0.49 -11.13
CA LYS B 106 -11.25 -1.61 -10.22
C LYS B 106 -12.61 -1.38 -9.57
N SER B 107 -13.52 -2.32 -9.75
CA SER B 107 -14.85 -2.26 -9.13
C SER B 107 -15.18 -3.58 -8.48
N PHE B 108 -16.06 -3.53 -7.49
CA PHE B 108 -16.60 -4.75 -6.90
C PHE B 108 -18.04 -4.57 -6.41
N VAL B 109 -18.71 -5.69 -6.17
CA VAL B 109 -20.05 -5.72 -5.62
C VAL B 109 -19.95 -6.20 -4.19
N HIS B 110 -20.46 -5.41 -3.26
CA HIS B 110 -20.35 -5.69 -1.83
C HIS B 110 -20.93 -7.07 -1.49
N GLY B 111 -20.26 -7.77 -0.57
CA GLY B 111 -20.59 -9.16 -0.24
C GLY B 111 -21.11 -9.44 1.17
N VAL B 112 -21.05 -8.46 2.06
CA VAL B 112 -21.39 -8.65 3.46
C VAL B 112 -22.76 -8.05 3.77
N THR B 113 -23.65 -8.74 4.51
CA THR B 113 -23.45 -10.12 4.99
C THR B 113 -23.73 -11.12 3.87
N VAL B 114 -24.61 -10.73 2.95
CA VAL B 114 -24.90 -11.47 1.73
C VAL B 114 -24.50 -10.60 0.55
N LYS B 115 -24.30 -11.18 -0.62
CA LYS B 115 -24.02 -10.39 -1.82
C LYS B 115 -25.09 -9.32 -1.99
N ASN B 116 -24.67 -8.06 -2.13
CA ASN B 116 -25.61 -6.93 -2.12
C ASN B 116 -26.31 -6.78 -3.47
N ARG B 117 -27.23 -7.69 -3.76
CA ARG B 117 -28.02 -7.64 -4.99
C ARG B 117 -29.47 -7.95 -4.68
N MET B 118 -30.39 -7.21 -5.31
CA MET B 118 -31.82 -7.35 -5.09
C MET B 118 -32.52 -7.72 -6.38
N ILE B 119 -33.39 -8.71 -6.32
CA ILE B 119 -34.33 -9.03 -7.40
C ILE B 119 -35.76 -8.89 -6.92
N ARG B 120 -36.51 -8.03 -7.61
CA ARG B 120 -37.94 -7.87 -7.38
C ARG B 120 -38.66 -8.14 -8.70
N LEU B 121 -39.55 -9.13 -8.68
CA LEU B 121 -40.32 -9.50 -9.85
C LEU B 121 -41.74 -8.96 -9.77
N HIS B 122 -42.31 -8.78 -10.96
CA HIS B 122 -43.68 -8.30 -11.13
C HIS B 122 -44.41 -9.29 -12.05
N PRO B 123 -45.75 -9.45 -11.88
CA PRO B 123 -46.52 -10.39 -12.71
C PRO B 123 -46.41 -10.10 -14.22
N ASP B 124 -46.25 -8.83 -14.55
CA ASP B 124 -45.86 -8.37 -15.89
C ASP B 124 -44.70 -9.16 -16.52
N GLY B 125 -43.74 -9.60 -15.70
CA GLY B 125 -42.47 -10.15 -16.19
C GLY B 125 -41.32 -9.15 -16.06
N THR B 126 -41.62 -7.97 -15.51
CA THR B 126 -40.64 -6.93 -15.28
C THR B 126 -39.73 -7.31 -14.13
N VAL B 127 -38.44 -7.08 -14.30
CA VAL B 127 -37.42 -7.41 -13.31
C VAL B 127 -36.79 -6.12 -12.80
N LEU B 128 -36.58 -6.03 -11.49
CA LEU B 128 -35.80 -4.95 -10.90
C LEU B 128 -34.54 -5.56 -10.29
N TYR B 129 -33.38 -5.24 -10.88
CA TYR B 129 -32.11 -5.85 -10.45
C TYR B 129 -31.21 -4.78 -9.86
N GLY B 130 -31.15 -4.75 -8.53
CA GLY B 130 -30.36 -3.73 -7.82
C GLY B 130 -29.02 -4.29 -7.40
N LEU B 131 -27.94 -3.49 -7.56
CA LEU B 131 -26.60 -3.88 -7.09
C LEU B 131 -25.95 -2.74 -6.33
N ARG B 132 -25.27 -3.03 -5.22
CA ARG B 132 -24.48 -1.99 -4.55
C ARG B 132 -23.02 -2.11 -4.95
N ILE B 133 -22.51 -1.07 -5.62
CA ILE B 133 -21.22 -1.16 -6.29
C ILE B 133 -20.34 -0.02 -5.83
N THR B 134 -19.04 -0.29 -5.70
CA THR B 134 -18.04 0.76 -5.56
C THR B 134 -17.07 0.64 -6.70
N THR B 135 -16.92 1.72 -7.46
CA THR B 135 -16.02 1.73 -8.61
C THR B 135 -14.93 2.75 -8.33
N THR B 136 -13.70 2.52 -8.77
CA THR B 136 -12.74 3.61 -8.87
C THR B 136 -12.56 3.81 -10.37
N ALA B 137 -13.05 4.93 -10.89
CA ALA B 137 -13.09 5.16 -12.33
C ALA B 137 -12.12 6.27 -12.70
N ALA B 138 -11.59 6.18 -13.92
CA ALA B 138 -10.60 7.13 -14.42
C ALA B 138 -11.24 8.49 -14.64
N CYS B 139 -10.51 9.54 -14.23
CA CYS B 139 -10.96 10.92 -14.42
C CYS B 139 -9.75 11.76 -14.81
N MET B 140 -9.44 11.80 -16.10
CA MET B 140 -8.34 12.63 -16.61
C MET B 140 -8.53 14.07 -16.19
N MET B 141 -7.49 14.69 -15.65
CA MET B 141 -7.60 16.01 -15.04
C MET B 141 -6.76 17.03 -15.77
N ASP B 142 -7.36 18.20 -15.97
CA ASP B 142 -6.69 19.34 -16.56
C ASP B 142 -6.24 20.24 -15.41
N LEU B 143 -5.03 20.01 -14.93
CA LEU B 143 -4.49 20.76 -13.81
C LEU B 143 -3.82 22.08 -14.22
N ARG B 144 -4.11 22.61 -15.41
CA ARG B 144 -3.51 23.86 -15.86
C ARG B 144 -3.88 25.04 -14.95
N ARG B 145 -5.16 25.12 -14.58
CA ARG B 145 -5.64 26.18 -13.69
C ARG B 145 -5.58 25.81 -12.19
N TYR B 146 -4.90 24.73 -11.85
CA TYR B 146 -4.80 24.28 -10.46
C TYR B 146 -4.12 25.35 -9.60
N PRO B 147 -4.57 25.60 -8.36
CA PRO B 147 -5.69 24.95 -7.71
C PRO B 147 -7.02 25.70 -7.80
N LEU B 148 -7.13 26.62 -8.76
CA LEU B 148 -8.38 27.29 -9.09
C LEU B 148 -9.04 26.61 -10.30
N ASP B 149 -8.93 25.29 -10.35
CA ASP B 149 -9.45 24.48 -11.46
C ASP B 149 -10.79 23.87 -11.09
N GLU B 150 -11.38 23.24 -12.09
CA GLU B 150 -12.49 22.32 -11.88
C GLU B 150 -12.44 21.23 -12.92
N GLN B 151 -12.95 20.06 -12.54
CA GLN B 151 -12.82 18.85 -13.34
C GLN B 151 -14.18 18.28 -13.69
N ASN B 152 -14.19 17.44 -14.73
CA ASN B 152 -15.36 16.75 -15.23
C ASN B 152 -15.08 15.25 -15.16
N CYS B 153 -15.56 14.60 -14.09
CA CYS B 153 -15.46 13.15 -13.93
C CYS B 153 -16.75 12.48 -14.37
N THR B 154 -16.60 11.36 -15.07
CA THR B 154 -17.73 10.65 -15.65
C THR B 154 -17.77 9.18 -15.24
N LEU B 155 -18.93 8.57 -15.44
CA LEU B 155 -19.09 7.12 -15.31
C LEU B 155 -19.82 6.61 -16.55
N GLU B 156 -19.09 5.96 -17.44
CA GLU B 156 -19.61 5.52 -18.72
C GLU B 156 -20.18 4.11 -18.58
N ILE B 157 -21.47 3.96 -18.86
CA ILE B 157 -22.20 2.71 -18.71
C ILE B 157 -22.54 2.19 -20.09
N GLU B 158 -22.19 0.93 -20.34
CA GLU B 158 -22.36 0.28 -21.63
C GLU B 158 -22.53 -1.23 -21.45
N SER B 159 -23.08 -1.89 -22.48
CA SER B 159 -23.17 -3.36 -22.54
C SER B 159 -21.94 -3.92 -23.23
N TYR B 160 -21.42 -5.05 -22.71
CA TYR B 160 -20.15 -5.58 -23.22
C TYR B 160 -20.28 -6.29 -24.55
N GLY B 161 -21.23 -7.22 -24.66
CA GLY B 161 -21.38 -8.08 -25.84
C GLY B 161 -22.55 -7.79 -26.76
N TYR B 162 -23.64 -7.29 -26.19
CA TYR B 162 -24.88 -7.10 -26.93
C TYR B 162 -24.89 -5.75 -27.61
N THR B 163 -25.13 -5.72 -28.92
CA THR B 163 -25.18 -4.49 -29.69
C THR B 163 -26.57 -3.84 -29.58
N THR B 164 -26.73 -2.68 -30.22
CA THR B 164 -28.05 -2.00 -30.27
C THR B 164 -29.16 -2.83 -30.91
N ASP B 165 -28.77 -3.81 -31.73
CA ASP B 165 -29.72 -4.80 -32.25
C ASP B 165 -30.31 -5.71 -31.16
N ASP B 166 -29.61 -5.83 -30.03
CA ASP B 166 -30.04 -6.71 -28.94
C ASP B 166 -30.36 -6.01 -27.60
N ILE B 167 -29.72 -4.86 -27.34
CA ILE B 167 -29.95 -4.09 -26.11
C ILE B 167 -30.09 -2.60 -26.41
N GLU B 168 -30.99 -1.95 -25.67
CA GLU B 168 -31.12 -0.49 -25.66
C GLU B 168 -31.13 -0.02 -24.20
N PHE B 169 -30.50 1.13 -23.97
CA PHE B 169 -30.45 1.76 -22.66
C PHE B 169 -31.20 3.07 -22.64
N TYR B 170 -31.76 3.39 -21.46
CA TYR B 170 -32.40 4.66 -21.21
C TYR B 170 -32.37 4.96 -19.71
N TRP B 171 -32.25 6.24 -19.38
CA TRP B 171 -32.28 6.67 -18.00
C TRP B 171 -33.72 6.63 -17.49
N ARG B 172 -34.01 5.65 -16.64
CA ARG B 172 -35.38 5.47 -16.15
C ARG B 172 -35.81 6.64 -15.28
N GLY B 173 -36.63 7.51 -15.87
CA GLY B 173 -37.07 8.76 -15.25
C GLY B 173 -36.34 9.99 -15.77
N GLY B 174 -35.61 9.87 -16.88
CA GLY B 174 -34.93 11.00 -17.50
C GLY B 174 -33.97 11.69 -16.55
N ASP B 175 -34.11 13.01 -16.42
CA ASP B 175 -33.27 13.80 -15.51
C ASP B 175 -33.35 13.42 -14.05
N LYS B 176 -34.45 12.77 -13.64
CA LYS B 176 -34.60 12.30 -12.26
C LYS B 176 -34.07 10.87 -12.01
N ALA B 177 -33.30 10.32 -12.95
CA ALA B 177 -32.82 8.94 -12.84
C ALA B 177 -31.66 8.71 -11.85
N VAL B 178 -30.95 9.79 -11.51
CA VAL B 178 -29.83 9.71 -10.58
C VAL B 178 -30.20 10.47 -9.32
N THR B 179 -29.88 9.88 -8.17
CA THR B 179 -30.09 10.53 -6.87
C THR B 179 -28.84 10.43 -6.02
N GLY B 180 -28.67 11.38 -5.10
CA GLY B 180 -27.59 11.30 -4.11
C GLY B 180 -26.42 12.24 -4.34
N VAL B 181 -26.38 12.90 -5.49
CA VAL B 181 -25.42 14.00 -5.72
C VAL B 181 -25.38 14.98 -4.54
N GLU B 182 -26.51 15.10 -3.85
CA GLU B 182 -26.67 16.01 -2.73
C GLU B 182 -25.98 15.46 -1.46
N ARG B 183 -25.97 14.13 -1.33
CA ARG B 183 -25.23 13.42 -0.29
C ARG B 183 -23.70 13.49 -0.37
N ILE B 184 -23.13 13.82 -1.53
CA ILE B 184 -21.67 13.76 -1.71
C ILE B 184 -20.99 14.82 -0.85
N GLU B 185 -19.98 14.40 -0.10
CA GLU B 185 -19.26 15.24 0.84
C GLU B 185 -17.79 15.00 0.66
N LEU B 186 -17.10 15.92 -0.02
CA LEU B 186 -15.66 15.79 -0.25
C LEU B 186 -14.93 16.93 0.43
N PRO B 187 -13.80 16.63 1.11
CA PRO B 187 -13.09 17.69 1.81
C PRO B 187 -12.57 18.82 0.91
N GLN B 188 -12.08 18.45 -0.27
CA GLN B 188 -11.37 19.37 -1.16
C GLN B 188 -12.21 19.89 -2.34
N PHE B 189 -13.33 19.24 -2.64
CA PHE B 189 -14.17 19.59 -3.79
C PHE B 189 -15.62 19.84 -3.39
N SER B 190 -16.41 20.29 -4.35
CA SER B 190 -17.87 20.38 -4.22
C SER B 190 -18.52 20.21 -5.60
N ILE B 191 -19.64 19.50 -5.64
CA ILE B 191 -20.28 19.13 -6.91
C ILE B 191 -21.16 20.29 -7.34
N VAL B 192 -20.75 21.01 -8.38
CA VAL B 192 -21.49 22.20 -8.83
C VAL B 192 -22.70 21.81 -9.68
N GLU B 193 -22.53 20.84 -10.58
CA GLU B 193 -23.65 20.26 -11.32
C GLU B 193 -23.39 18.83 -11.74
N HIS B 194 -24.43 18.17 -12.26
CA HIS B 194 -24.32 16.85 -12.85
C HIS B 194 -25.16 16.76 -14.11
N ARG B 195 -24.83 15.82 -15.00
CA ARG B 195 -25.54 15.67 -16.28
C ARG B 195 -25.70 14.21 -16.64
N LEU B 196 -26.87 13.86 -17.19
CA LEU B 196 -27.14 12.53 -17.73
C LEU B 196 -27.22 12.62 -19.24
N VAL B 197 -26.63 11.62 -19.91
CA VAL B 197 -26.59 11.57 -21.37
C VAL B 197 -26.88 10.15 -21.83
N SER B 198 -27.48 10.04 -23.02
CA SER B 198 -27.73 8.76 -23.65
C SER B 198 -27.19 8.82 -25.07
N ARG B 199 -26.35 7.87 -25.43
CA ARG B 199 -25.70 7.84 -26.76
C ARG B 199 -25.59 6.43 -27.27
N ASN B 200 -25.29 6.30 -28.55
CA ASN B 200 -24.93 5.00 -29.15
C ASN B 200 -23.54 5.17 -29.74
N VAL B 201 -22.57 4.39 -29.25
CA VAL B 201 -21.18 4.51 -29.73
C VAL B 201 -20.84 3.35 -30.66
N VAL B 202 -19.96 3.62 -31.63
CA VAL B 202 -19.66 2.68 -32.70
C VAL B 202 -18.24 2.14 -32.57
N PHE B 203 -18.13 0.84 -32.33
CA PHE B 203 -16.85 0.12 -32.36
C PHE B 203 -16.78 -0.72 -33.64
N ALA B 204 -15.62 -1.33 -33.86
CA ALA B 204 -15.42 -2.26 -34.98
C ALA B 204 -16.36 -3.47 -34.91
N THR B 205 -16.64 -3.93 -33.69
CA THR B 205 -17.55 -5.07 -33.46
C THR B 205 -19.04 -4.69 -33.57
N GLY B 206 -19.37 -3.41 -33.72
CA GLY B 206 -20.76 -2.96 -33.87
C GLY B 206 -21.05 -1.71 -33.06
N ALA B 207 -22.33 -1.32 -33.05
CA ALA B 207 -22.79 -0.14 -32.33
C ALA B 207 -23.46 -0.53 -31.01
N TYR B 208 -22.99 0.05 -29.92
CA TYR B 208 -23.44 -0.28 -28.58
C TYR B 208 -24.10 0.92 -27.90
N PRO B 209 -25.03 0.66 -26.95
CA PRO B 209 -25.66 1.74 -26.22
C PRO B 209 -24.79 2.20 -25.07
N ARG B 210 -24.82 3.50 -24.79
CA ARG B 210 -24.07 4.08 -23.69
C ARG B 210 -24.86 5.12 -22.94
N LEU B 211 -24.70 5.12 -21.62
CA LEU B 211 -25.19 6.19 -20.76
C LEU B 211 -24.04 6.80 -19.98
N SER B 212 -23.97 8.14 -19.95
CA SER B 212 -22.88 8.85 -19.26
C SER B 212 -23.43 9.69 -18.12
N LEU B 213 -22.97 9.38 -16.90
CA LEU B 213 -23.18 10.22 -15.73
C LEU B 213 -21.95 11.10 -15.57
N SER B 214 -22.18 12.38 -15.34
CA SER B 214 -21.11 13.37 -15.27
C SER B 214 -21.21 14.21 -14.00
N PHE B 215 -20.08 14.52 -13.37
CA PHE B 215 -20.04 15.54 -12.31
C PHE B 215 -19.06 16.66 -12.66
N ARG B 216 -19.30 17.86 -12.14
CA ARG B 216 -18.33 18.96 -12.26
C ARG B 216 -17.83 19.32 -10.87
N LEU B 217 -16.53 19.09 -10.61
CA LEU B 217 -15.96 19.26 -9.27
C LEU B 217 -15.21 20.58 -9.15
N LYS B 218 -15.70 21.49 -8.32
CA LYS B 218 -15.03 22.77 -8.07
C LYS B 218 -14.15 22.62 -6.83
N ARG B 219 -12.86 22.87 -6.98
CA ARG B 219 -11.91 22.71 -5.88
C ARG B 219 -11.95 23.90 -4.92
N ASN B 220 -11.98 23.62 -3.62
CA ASN B 220 -11.87 24.67 -2.58
C ASN B 220 -10.41 25.01 -2.38
N ILE B 221 -10.14 26.28 -2.09
CA ILE B 221 -8.77 26.80 -2.06
C ILE B 221 -8.18 26.75 -0.63
N GLY B 222 -9.05 26.56 0.36
CA GLY B 222 -8.66 26.58 1.77
C GLY B 222 -7.39 25.83 2.11
N TYR B 223 -7.29 24.59 1.63
CA TYR B 223 -6.12 23.76 1.90
C TYR B 223 -4.81 24.37 1.41
N PHE B 224 -4.86 25.16 0.34
CA PHE B 224 -3.67 25.59 -0.39
C PHE B 224 -3.18 26.94 0.04
N VAL B 225 -4.13 27.80 0.45
CA VAL B 225 -3.75 29.04 1.11
C VAL B 225 -2.99 28.77 2.42
N ILE B 226 -3.32 27.68 3.10
CA ILE B 226 -2.60 27.28 4.32
C ILE B 226 -1.26 26.61 4.03
N GLN B 227 -1.23 25.69 3.06
CA GLN B 227 -0.03 24.87 2.81
C GLN B 227 0.93 25.32 1.71
N THR B 228 0.54 26.31 0.92
CA THR B 228 1.37 26.81 -0.18
C THR B 228 1.39 28.33 -0.25
N TYR B 229 0.22 28.97 -0.30
CA TYR B 229 0.20 30.40 -0.63
C TYR B 229 0.76 31.26 0.47
N LEU B 230 0.31 31.05 1.70
CA LEU B 230 0.84 31.81 2.83
C LEU B 230 2.34 31.61 3.05
N PRO B 231 2.82 30.35 3.07
CA PRO B 231 4.28 30.16 3.09
C PRO B 231 5.02 30.94 2.00
N CYS B 232 4.52 30.88 0.77
CA CYS B 232 5.15 31.63 -0.34
C CYS B 232 5.11 33.15 -0.11
N ILE B 233 3.91 33.67 0.18
CA ILE B 233 3.69 35.09 0.42
C ILE B 233 4.54 35.61 1.58
N MET B 234 4.66 34.82 2.64
CA MET B 234 5.45 35.22 3.82
C MET B 234 6.95 35.03 3.59
N THR B 235 7.33 34.04 2.79
CA THR B 235 8.73 33.91 2.40
C THR B 235 9.17 35.06 1.48
N VAL B 236 8.26 35.61 0.68
CA VAL B 236 8.56 36.85 -0.08
C VAL B 236 8.72 38.06 0.84
N ILE B 237 7.78 38.24 1.76
CA ILE B 237 7.84 39.33 2.73
C ILE B 237 9.11 39.21 3.58
N LEU B 238 9.46 37.99 3.97
CA LEU B 238 10.70 37.77 4.73
C LEU B 238 11.95 38.24 3.97
N SER B 239 12.00 37.96 2.67
CA SER B 239 13.13 38.40 1.83
C SER B 239 13.29 39.92 1.81
N GLN B 240 12.16 40.62 1.87
CA GLN B 240 12.12 42.08 1.82
C GLN B 240 12.50 42.78 3.13
N VAL B 241 12.67 42.03 4.23
CA VAL B 241 13.17 42.59 5.49
C VAL B 241 14.61 43.11 5.32
N SER B 242 15.41 42.41 4.52
CA SER B 242 16.81 42.80 4.27
C SER B 242 16.98 44.23 3.71
N PHE B 243 15.94 44.77 3.08
CA PHE B 243 15.94 46.16 2.65
C PHE B 243 15.99 47.16 3.81
N TRP B 244 15.54 46.76 5.00
CA TRP B 244 15.54 47.64 6.17
C TRP B 244 16.73 47.42 7.10
N LEU B 245 17.83 46.90 6.56
CA LEU B 245 19.12 46.83 7.26
C LEU B 245 20.13 47.63 6.47
N ASN B 246 21.00 48.35 7.17
CA ASN B 246 22.05 49.12 6.50
C ASN B 246 22.94 48.18 5.68
N ARG B 247 23.45 48.68 4.57
CA ARG B 247 24.24 47.91 3.60
C ARG B 247 25.52 47.31 4.20
N GLU B 248 26.01 47.90 5.30
CA GLU B 248 27.18 47.37 5.99
C GLU B 248 26.95 46.02 6.69
N SER B 249 25.69 45.64 6.96
CA SER B 249 25.38 44.33 7.55
C SER B 249 25.36 43.24 6.46
N VAL B 250 26.52 42.98 5.88
CA VAL B 250 26.69 42.08 4.75
C VAL B 250 26.25 40.65 5.12
N PRO B 251 26.80 40.08 6.21
CA PRO B 251 26.38 38.70 6.54
C PRO B 251 24.88 38.56 6.84
N ALA B 252 24.31 39.50 7.59
CA ALA B 252 22.87 39.48 7.89
C ALA B 252 22.05 39.43 6.61
N ARG B 253 22.32 40.34 5.68
CA ARG B 253 21.57 40.44 4.43
C ARG B 253 21.81 39.29 3.45
N THR B 254 22.93 38.58 3.58
CA THR B 254 23.12 37.34 2.80
C THR B 254 22.31 36.19 3.39
N VAL B 255 22.15 36.15 4.70
CA VAL B 255 21.31 35.14 5.34
C VAL B 255 19.88 35.28 4.83
N PHE B 256 19.32 36.49 4.94
CA PHE B 256 18.01 36.79 4.37
C PHE B 256 17.88 36.37 2.91
N GLY B 257 18.93 36.60 2.12
CA GLY B 257 18.91 36.26 0.70
C GLY B 257 18.95 34.77 0.44
N VAL B 258 19.95 34.10 1.00
CA VAL B 258 20.17 32.67 0.76
C VAL B 258 19.00 31.85 1.30
N THR B 259 18.64 32.07 2.56
CA THR B 259 17.61 31.23 3.19
C THR B 259 16.28 31.34 2.45
N THR B 260 15.87 32.57 2.14
CA THR B 260 14.62 32.78 1.42
C THR B 260 14.66 32.18 0.01
N VAL B 261 15.81 32.24 -0.66
CA VAL B 261 15.97 31.61 -1.97
C VAL B 261 15.86 30.10 -1.87
N LEU B 262 16.53 29.50 -0.88
CA LEU B 262 16.47 28.03 -0.74
C LEU B 262 15.10 27.53 -0.28
N THR B 263 14.50 28.21 0.69
CA THR B 263 13.15 27.83 1.12
C THR B 263 12.09 28.04 0.05
N MET B 264 12.40 28.80 -1.00
CA MET B 264 11.48 28.94 -2.12
C MET B 264 11.55 27.75 -3.08
N THR B 265 12.75 27.23 -3.36
CA THR B 265 12.86 26.03 -4.22
C THR B 265 12.18 24.82 -3.56
N THR B 266 12.40 24.66 -2.25
CA THR B 266 11.84 23.52 -1.53
C THR B 266 10.31 23.59 -1.47
N LEU B 267 9.73 24.79 -1.46
CA LEU B 267 8.28 24.93 -1.62
C LEU B 267 7.82 24.53 -3.00
N SER B 268 8.49 25.02 -4.04
CA SER B 268 8.16 24.65 -5.43
C SER B 268 8.31 23.13 -5.66
N ILE B 269 9.26 22.49 -4.98
CA ILE B 269 9.41 21.04 -5.08
C ILE B 269 8.33 20.33 -4.25
N SER B 270 8.18 20.70 -2.99
CA SER B 270 7.21 20.02 -2.11
C SER B 270 5.76 20.19 -2.57
N ALA B 271 5.43 21.34 -3.14
CA ALA B 271 4.09 21.56 -3.73
C ALA B 271 3.83 20.68 -4.95
N ARG B 272 4.88 20.49 -5.75
CA ARG B 272 4.80 19.65 -6.95
C ARG B 272 4.75 18.14 -6.61
N ASN B 273 5.13 17.77 -5.39
CA ASN B 273 5.14 16.36 -4.94
C ASN B 273 3.77 15.74 -4.66
N SER B 274 2.76 16.56 -4.38
CA SER B 274 1.39 16.07 -4.17
C SER B 274 0.56 15.93 -5.46
N LEU B 275 1.17 16.23 -6.61
CA LEU B 275 0.50 16.18 -7.92
C LEU B 275 1.05 15.08 -8.81
N PRO B 276 0.37 14.77 -9.94
CA PRO B 276 0.96 13.87 -10.93
C PRO B 276 2.10 14.53 -11.69
N LYS B 277 2.91 13.72 -12.37
CA LYS B 277 4.13 14.19 -13.03
C LYS B 277 3.82 14.76 -14.43
N VAL B 278 2.92 15.75 -14.44
CA VAL B 278 2.45 16.37 -15.69
C VAL B 278 3.53 17.26 -16.27
N ALA B 279 3.50 17.42 -17.59
CA ALA B 279 4.54 18.15 -18.32
C ALA B 279 4.25 19.65 -18.52
N TYR B 280 3.07 20.11 -18.12
CA TYR B 280 2.72 21.53 -18.23
C TYR B 280 2.91 22.24 -16.89
N ALA B 281 2.77 23.57 -16.91
CA ALA B 281 2.94 24.40 -15.73
C ALA B 281 1.57 24.82 -15.18
N THR B 282 1.36 24.60 -13.89
CA THR B 282 0.09 24.91 -13.25
C THR B 282 0.06 26.39 -12.85
N ALA B 283 -1.15 26.92 -12.64
CA ALA B 283 -1.31 28.27 -12.10
C ALA B 283 -0.54 28.49 -10.79
N MET B 284 -0.43 27.44 -9.98
CA MET B 284 0.44 27.46 -8.80
C MET B 284 1.93 27.58 -9.14
N ASP B 285 2.36 26.86 -10.18
CA ASP B 285 3.78 26.86 -10.58
C ASP B 285 4.23 28.27 -11.00
N TRP B 286 3.35 28.99 -11.71
CA TRP B 286 3.61 30.40 -12.05
C TRP B 286 3.69 31.30 -10.82
N PHE B 287 2.70 31.17 -9.94
CA PHE B 287 2.72 31.90 -8.68
C PHE B 287 4.01 31.67 -7.91
N ILE B 288 4.41 30.40 -7.76
CA ILE B 288 5.68 30.10 -7.06
C ILE B 288 6.89 30.64 -7.84
N ALA B 289 6.85 30.53 -9.17
CA ALA B 289 7.91 31.05 -10.02
C ALA B 289 8.11 32.55 -9.80
N VAL B 290 7.00 33.31 -9.84
CA VAL B 290 7.07 34.76 -9.63
C VAL B 290 7.62 35.06 -8.24
N CYS B 291 7.10 34.38 -7.22
CA CYS B 291 7.66 34.49 -5.87
C CYS B 291 9.17 34.26 -5.88
N TYR B 292 9.63 33.24 -6.61
CA TYR B 292 11.08 33.02 -6.77
C TYR B 292 11.79 34.27 -7.32
N ALA B 293 11.17 34.91 -8.32
CA ALA B 293 11.72 36.13 -8.92
C ALA B 293 11.89 37.26 -7.88
N PHE B 294 10.84 37.49 -7.09
CA PHE B 294 10.89 38.55 -6.05
C PHE B 294 11.95 38.30 -4.97
N VAL B 295 12.18 37.02 -4.65
CA VAL B 295 13.18 36.65 -3.66
C VAL B 295 14.60 36.70 -4.23
N PHE B 296 14.77 36.19 -5.45
CA PHE B 296 16.10 36.27 -6.09
C PHE B 296 16.50 37.71 -6.41
N SER B 297 15.51 38.50 -6.83
CA SER B 297 15.72 39.92 -7.07
C SER B 297 16.10 40.65 -5.80
N ALA B 298 15.43 40.34 -4.69
CA ALA B 298 15.78 40.92 -3.39
C ALA B 298 17.25 40.66 -3.02
N LEU B 299 17.78 39.51 -3.43
CA LEU B 299 19.18 39.19 -3.21
C LEU B 299 20.09 39.91 -4.21
N ILE B 300 19.77 39.81 -5.51
CA ILE B 300 20.57 40.52 -6.53
C ILE B 300 20.66 42.04 -6.23
N GLU B 301 19.56 42.60 -5.78
CA GLU B 301 19.51 43.99 -5.33
C GLU B 301 20.57 44.23 -4.28
N PHE B 302 20.61 43.38 -3.25
CA PHE B 302 21.60 43.54 -2.17
C PHE B 302 23.02 43.36 -2.71
N ALA B 303 23.21 42.32 -3.54
CA ALA B 303 24.51 42.08 -4.17
C ALA B 303 25.01 43.32 -4.93
N THR B 304 24.11 43.94 -5.70
CA THR B 304 24.42 45.17 -6.42
C THR B 304 24.72 46.33 -5.46
N VAL B 305 23.81 46.55 -4.52
CA VAL B 305 23.99 47.62 -3.52
C VAL B 305 25.36 47.50 -2.81
N ASN B 306 25.71 46.28 -2.41
CA ASN B 306 27.01 46.02 -1.81
C ASN B 306 28.16 46.30 -2.77
N TYR B 307 27.95 46.05 -4.07
CA TYR B 307 28.98 46.29 -5.08
C TYR B 307 29.23 47.78 -5.33
N PHE B 308 28.21 48.61 -5.10
CA PHE B 308 28.33 50.06 -5.25
C PHE B 308 28.48 50.87 -3.93
N THR B 309 28.49 50.18 -2.79
CA THR B 309 28.51 50.85 -1.48
C THR B 309 29.71 51.80 -1.24
N LYS B 310 30.80 51.59 -1.97
CA LYS B 310 31.94 52.55 -2.00
C LYS B 310 32.13 53.26 -3.34
N SER B 311 31.88 52.56 -4.44
CA SER B 311 31.92 53.17 -5.79
C SER B 311 30.94 54.33 -5.92
N GLN B 312 29.67 54.08 -5.64
CA GLN B 312 28.61 55.08 -5.85
C GLN B 312 27.64 55.14 -4.65
N PRO B 313 28.18 55.42 -3.44
CA PRO B 313 27.38 55.33 -2.19
C PRO B 313 26.04 56.07 -2.19
N ALA B 314 25.94 57.17 -2.93
CA ALA B 314 24.67 57.88 -3.11
C ALA B 314 23.61 56.98 -3.76
N ARG B 315 23.98 56.35 -4.87
CA ARG B 315 23.05 55.54 -5.66
C ARG B 315 22.60 54.31 -4.85
N ALA B 316 23.61 53.63 -4.29
CA ALA B 316 23.39 52.45 -3.46
C ALA B 316 22.36 52.69 -2.36
N ALA B 317 22.50 53.81 -1.65
CA ALA B 317 21.54 54.20 -0.62
C ALA B 317 20.15 54.52 -1.19
N LYS B 318 20.08 55.04 -2.43
CA LYS B 318 18.79 55.33 -3.07
C LYS B 318 18.08 54.03 -3.48
N ILE B 319 18.86 53.07 -4.00
CA ILE B 319 18.29 51.79 -4.42
C ILE B 319 17.55 51.13 -3.25
N ASP B 320 18.20 51.04 -2.09
CA ASP B 320 17.57 50.51 -0.88
C ASP B 320 16.24 51.20 -0.58
N LYS B 321 16.30 52.54 -0.52
CA LYS B 321 15.11 53.33 -0.18
C LYS B 321 13.99 53.20 -1.21
N MET B 322 14.32 52.98 -2.48
CA MET B 322 13.27 52.67 -3.48
C MET B 322 12.72 51.23 -3.36
N SER B 323 13.64 50.28 -3.24
CA SER B 323 13.28 48.87 -3.10
C SER B 323 12.29 48.62 -1.96
N ARG B 324 12.50 49.29 -0.84
CA ARG B 324 11.56 49.20 0.29
C ARG B 324 10.12 49.53 -0.07
N ILE B 325 9.90 50.24 -1.18
CA ILE B 325 8.54 50.60 -1.61
C ILE B 325 8.12 49.92 -2.92
N VAL B 326 9.03 49.76 -3.86
CA VAL B 326 8.74 49.10 -5.15
C VAL B 326 8.32 47.63 -4.96
N PHE B 327 9.13 46.89 -4.20
CA PHE B 327 8.93 45.45 -4.03
C PHE B 327 7.55 45.07 -3.46
N PRO B 328 7.18 45.63 -2.30
CA PRO B 328 5.86 45.28 -1.76
C PRO B 328 4.70 45.73 -2.66
N ILE B 329 4.80 46.91 -3.26
CA ILE B 329 3.75 47.41 -4.16
C ILE B 329 3.60 46.50 -5.38
N LEU B 330 4.72 46.20 -6.04
CA LEU B 330 4.70 45.28 -7.18
C LEU B 330 4.19 43.90 -6.78
N PHE B 331 4.68 43.36 -5.67
CA PHE B 331 4.19 42.05 -5.22
C PHE B 331 2.69 42.06 -4.91
N GLY B 332 2.23 43.15 -4.30
CA GLY B 332 0.82 43.34 -4.00
C GLY B 332 -0.02 43.44 -5.25
N THR B 333 0.40 44.28 -6.20
CA THR B 333 -0.37 44.43 -7.45
C THR B 333 -0.32 43.15 -8.30
N PHE B 334 0.82 42.46 -8.30
CA PHE B 334 0.92 41.15 -8.95
C PHE B 334 -0.15 40.17 -8.44
N ASN B 335 -0.30 40.08 -7.12
CA ASN B 335 -1.32 39.21 -6.52
C ASN B 335 -2.72 39.57 -7.02
N LEU B 336 -3.06 40.86 -6.95
CA LEU B 336 -4.36 41.33 -7.43
C LEU B 336 -4.64 40.93 -8.87
N VAL B 337 -3.63 41.01 -9.73
CA VAL B 337 -3.76 40.57 -11.13
C VAL B 337 -3.88 39.03 -11.24
N TYR B 338 -2.97 38.32 -10.57
CA TYR B 338 -2.97 36.84 -10.54
C TYR B 338 -4.33 36.28 -10.11
N TRP B 339 -4.81 36.69 -8.93
CA TRP B 339 -6.08 36.16 -8.41
C TRP B 339 -7.25 36.48 -9.35
N ALA B 340 -7.30 37.73 -9.84
CA ALA B 340 -8.33 38.15 -10.81
C ALA B 340 -8.28 37.36 -12.12
N THR B 341 -7.08 37.11 -12.67
CA THR B 341 -6.93 36.27 -13.88
C THR B 341 -7.52 34.86 -13.70
N TYR B 342 -7.39 34.29 -12.50
CA TYR B 342 -7.89 32.94 -12.22
C TYR B 342 -9.19 32.90 -11.37
N LEU B 343 -9.84 34.05 -11.18
CA LEU B 343 -11.17 34.14 -10.54
C LEU B 343 -12.11 35.00 -11.38
N MET C 12 -37.79 -19.10 -29.41
CA MET C 12 -36.69 -19.31 -28.45
C MET C 12 -36.44 -20.78 -28.10
N SER C 13 -37.51 -21.56 -27.95
CA SER C 13 -37.40 -22.97 -27.58
C SER C 13 -36.58 -23.76 -28.61
N PHE C 14 -36.81 -23.50 -29.89
CA PHE C 14 -36.06 -24.16 -30.96
C PHE C 14 -34.56 -23.85 -30.85
N VAL C 15 -34.25 -22.58 -30.58
CA VAL C 15 -32.87 -22.14 -30.44
C VAL C 15 -32.24 -22.82 -29.24
N LYS C 16 -33.00 -22.90 -28.14
CA LYS C 16 -32.51 -23.58 -26.93
C LYS C 16 -32.20 -25.04 -27.23
N GLU C 17 -33.10 -25.71 -27.96
CA GLU C 17 -32.89 -27.10 -28.33
C GLU C 17 -31.63 -27.26 -29.17
N THR C 18 -31.44 -26.36 -30.14
CA THR C 18 -30.24 -26.42 -30.99
C THR C 18 -28.96 -26.23 -30.15
N VAL C 19 -29.02 -25.29 -29.20
CA VAL C 19 -27.86 -25.06 -28.33
C VAL C 19 -27.57 -26.31 -27.49
N ASP C 20 -28.64 -26.92 -26.98
CA ASP C 20 -28.46 -28.17 -26.20
C ASP C 20 -27.85 -29.27 -27.05
N LYS C 21 -28.30 -29.38 -28.30
CA LYS C 21 -27.73 -30.38 -29.22
C LYS C 21 -26.25 -30.10 -29.48
N LEU C 22 -25.90 -28.82 -29.66
CA LEU C 22 -24.49 -28.43 -29.82
C LEU C 22 -23.66 -28.80 -28.61
N LEU C 23 -24.21 -28.57 -27.43
CA LEU C 23 -23.51 -28.91 -26.18
C LEU C 23 -23.42 -30.43 -25.94
N LYS C 24 -24.48 -31.15 -26.27
CA LYS C 24 -24.54 -32.60 -26.08
C LYS C 24 -23.32 -33.28 -26.73
N GLY C 25 -22.46 -33.86 -25.89
CA GLY C 25 -21.24 -34.53 -26.37
C GLY C 25 -20.05 -33.63 -26.64
N TYR C 26 -20.15 -32.36 -26.29
CA TYR C 26 -19.06 -31.40 -26.46
C TYR C 26 -18.08 -31.61 -25.32
N ASP C 27 -16.81 -31.93 -25.64
CA ASP C 27 -15.77 -32.09 -24.63
C ASP C 27 -14.88 -30.86 -24.61
N ILE C 28 -14.98 -30.07 -23.54
CA ILE C 28 -14.14 -28.87 -23.36
C ILE C 28 -12.64 -29.18 -23.29
N ARG C 29 -12.28 -30.42 -22.99
CA ARG C 29 -10.89 -30.85 -22.90
C ARG C 29 -10.19 -30.92 -24.25
N LEU C 30 -10.95 -31.07 -25.33
CA LEU C 30 -10.38 -31.23 -26.67
C LEU C 30 -10.55 -29.97 -27.50
N ARG C 31 -9.46 -29.52 -28.12
CA ARG C 31 -9.50 -28.42 -29.08
C ARG C 31 -10.20 -28.80 -30.39
N PRO C 32 -10.52 -27.80 -31.24
CA PRO C 32 -10.98 -28.11 -32.60
C PRO C 32 -9.91 -28.83 -33.43
N ASP C 33 -10.33 -29.84 -34.20
CA ASP C 33 -9.44 -30.71 -34.96
C ASP C 33 -8.38 -31.32 -34.02
N PHE C 34 -8.83 -32.02 -32.98
CA PHE C 34 -7.95 -32.45 -31.88
C PHE C 34 -6.67 -33.15 -32.32
N GLY C 35 -6.81 -34.18 -33.15
CA GLY C 35 -5.68 -34.88 -33.72
C GLY C 35 -5.11 -34.23 -34.98
N GLY C 36 -5.87 -33.30 -35.58
CA GLY C 36 -5.59 -32.80 -36.93
C GLY C 36 -4.71 -31.57 -36.95
N PRO C 37 -4.91 -30.69 -37.96
CA PRO C 37 -4.04 -29.50 -38.07
C PRO C 37 -4.25 -28.52 -36.91
N PRO C 38 -3.33 -27.55 -36.75
CA PRO C 38 -3.48 -26.59 -35.66
C PRO C 38 -4.66 -25.64 -35.85
N VAL C 39 -5.11 -25.03 -34.76
CA VAL C 39 -6.23 -24.08 -34.80
C VAL C 39 -5.67 -22.68 -35.01
N CYS C 40 -5.97 -22.06 -36.15
CA CYS C 40 -5.63 -20.65 -36.34
C CYS C 40 -6.46 -19.75 -35.43
N VAL C 41 -5.78 -19.02 -34.55
CA VAL C 41 -6.44 -18.08 -33.67
C VAL C 41 -6.04 -16.66 -34.06
N GLY C 42 -7.03 -15.82 -34.34
CA GLY C 42 -6.83 -14.43 -34.72
C GLY C 42 -6.96 -13.55 -33.49
N MET C 43 -5.92 -12.73 -33.26
CA MET C 43 -5.91 -11.80 -32.15
C MET C 43 -6.24 -10.40 -32.65
N ASN C 44 -6.89 -9.65 -31.78
CA ASN C 44 -7.37 -8.33 -32.10
C ASN C 44 -7.48 -7.57 -30.79
N ILE C 45 -6.77 -6.43 -30.71
CA ILE C 45 -6.71 -5.66 -29.46
C ILE C 45 -7.21 -4.24 -29.66
N ASP C 46 -8.00 -3.76 -28.71
CA ASP C 46 -8.42 -2.36 -28.63
C ASP C 46 -7.98 -1.85 -27.26
N ILE C 47 -6.96 -1.00 -27.26
CA ILE C 47 -6.41 -0.42 -26.04
C ILE C 47 -7.35 0.64 -25.49
N ALA C 48 -7.66 0.53 -24.21
CA ALA C 48 -8.51 1.52 -23.52
C ALA C 48 -7.66 2.62 -22.90
N SER C 49 -6.59 2.22 -22.23
CA SER C 49 -5.70 3.15 -21.55
C SER C 49 -4.44 2.45 -21.03
N ILE C 50 -3.37 3.23 -20.89
CA ILE C 50 -2.25 2.86 -20.05
C ILE C 50 -2.37 3.73 -18.79
N ASP C 51 -2.66 3.10 -17.66
CA ASP C 51 -3.03 3.84 -16.43
C ASP C 51 -1.82 4.35 -15.67
N MET C 52 -0.66 3.73 -15.88
CA MET C 52 0.51 3.98 -15.05
C MET C 52 1.77 3.42 -15.72
N VAL C 53 2.91 4.04 -15.43
CA VAL C 53 4.22 3.56 -15.90
C VAL C 53 5.19 3.77 -14.75
N SER C 54 5.64 2.68 -14.13
CA SER C 54 6.52 2.79 -12.95
C SER C 54 7.96 2.51 -13.33
N GLU C 55 8.81 3.51 -13.20
CA GLU C 55 10.25 3.33 -13.40
C GLU C 55 10.85 2.58 -12.22
N VAL C 56 10.24 2.71 -11.05
CA VAL C 56 10.77 2.12 -9.81
C VAL C 56 10.54 0.61 -9.80
N ASN C 57 9.35 0.18 -10.23
CA ASN C 57 9.03 -1.25 -10.35
C ASN C 57 9.23 -1.78 -11.77
N MET C 58 9.59 -0.91 -12.72
CA MET C 58 9.83 -1.31 -14.10
C MET C 58 8.68 -2.15 -14.65
N ASP C 59 7.49 -1.55 -14.55
CA ASP C 59 6.30 -2.11 -15.13
C ASP C 59 5.39 -1.02 -15.64
N TYR C 60 4.38 -1.42 -16.39
CA TYR C 60 3.33 -0.50 -16.82
C TYR C 60 1.99 -1.20 -16.74
N THR C 61 0.95 -0.44 -16.43
CA THR C 61 -0.39 -0.96 -16.32
C THR C 61 -1.22 -0.58 -17.54
N LEU C 62 -1.72 -1.59 -18.23
CA LEU C 62 -2.46 -1.51 -19.48
C LEU C 62 -3.88 -2.03 -19.25
N THR C 63 -4.82 -1.42 -19.97
CA THR C 63 -6.22 -1.85 -19.98
C THR C 63 -6.69 -2.01 -21.42
N MET C 64 -7.27 -3.15 -21.75
CA MET C 64 -7.56 -3.47 -23.13
C MET C 64 -8.75 -4.41 -23.32
N TYR C 65 -9.29 -4.37 -24.54
CA TYR C 65 -10.23 -5.38 -25.00
C TYR C 65 -9.46 -6.37 -25.86
N PHE C 66 -9.34 -7.59 -25.38
CA PHE C 66 -8.61 -8.66 -25.99
C PHE C 66 -9.59 -9.61 -26.67
N GLN C 67 -9.61 -9.55 -28.00
CA GLN C 67 -10.52 -10.39 -28.79
C GLN C 67 -9.76 -11.52 -29.47
N GLN C 68 -10.39 -12.70 -29.48
CA GLN C 68 -9.82 -13.89 -30.11
C GLN C 68 -10.85 -14.50 -31.06
N TYR C 69 -10.39 -14.91 -32.25
CA TYR C 69 -11.24 -15.54 -33.28
C TYR C 69 -10.69 -16.90 -33.65
N TRP C 70 -11.50 -17.95 -33.55
CA TRP C 70 -11.12 -19.27 -34.04
C TRP C 70 -12.35 -19.99 -34.54
N ARG C 71 -12.17 -21.18 -35.11
CA ARG C 71 -13.26 -21.96 -35.67
C ARG C 71 -13.38 -23.31 -34.99
N ASP C 72 -14.52 -23.54 -34.32
CA ASP C 72 -14.85 -24.85 -33.76
C ASP C 72 -16.07 -25.39 -34.48
N LYS C 73 -15.83 -26.38 -35.33
CA LYS C 73 -16.89 -26.98 -36.17
C LYS C 73 -18.04 -27.56 -35.35
N ARG C 74 -17.73 -28.00 -34.13
CA ARG C 74 -18.75 -28.45 -33.19
C ARG C 74 -19.78 -27.37 -32.81
N LEU C 75 -19.51 -26.10 -33.12
CA LEU C 75 -20.46 -25.00 -32.84
C LEU C 75 -21.11 -24.42 -34.11
N ALA C 76 -21.25 -25.25 -35.15
CA ALA C 76 -21.90 -24.83 -36.39
C ALA C 76 -23.40 -25.11 -36.31
N TYR C 77 -24.20 -24.20 -36.85
CA TYR C 77 -25.66 -24.34 -36.88
C TYR C 77 -26.19 -23.88 -38.25
N SER C 78 -26.91 -24.75 -38.94
CA SER C 78 -27.37 -24.46 -40.30
C SER C 78 -28.66 -23.63 -40.33
N GLY C 79 -29.62 -24.01 -39.48
CA GLY C 79 -30.99 -23.48 -39.53
C GLY C 79 -31.13 -21.97 -39.37
N ILE C 80 -30.39 -21.41 -38.41
CA ILE C 80 -30.50 -19.99 -38.06
C ILE C 80 -29.69 -19.15 -39.07
N PRO C 81 -30.21 -17.96 -39.45
CA PRO C 81 -29.56 -17.06 -40.42
C PRO C 81 -28.79 -15.87 -39.81
N LEU C 82 -28.63 -15.82 -38.48
CA LEU C 82 -27.98 -14.69 -37.82
C LEU C 82 -26.92 -15.11 -36.79
N ASN C 83 -26.03 -14.18 -36.48
CA ASN C 83 -24.94 -14.42 -35.52
C ASN C 83 -25.50 -14.40 -34.10
N LEU C 84 -25.08 -15.37 -33.29
CA LEU C 84 -25.66 -15.55 -31.94
C LEU C 84 -24.75 -14.99 -30.85
N THR C 85 -25.16 -13.88 -30.23
CA THR C 85 -24.48 -13.39 -29.02
C THR C 85 -25.11 -14.07 -27.80
N LEU C 86 -24.30 -14.86 -27.10
CA LEU C 86 -24.75 -15.62 -25.94
C LEU C 86 -24.24 -14.99 -24.66
N ASP C 87 -24.87 -15.32 -23.54
CA ASP C 87 -24.46 -14.83 -22.23
C ASP C 87 -23.01 -15.25 -21.91
N ASN C 88 -22.29 -14.38 -21.22
CA ASN C 88 -20.87 -14.62 -20.87
C ASN C 88 -20.59 -16.00 -20.24
N ARG C 89 -21.55 -16.52 -19.47
CA ARG C 89 -21.40 -17.82 -18.80
C ARG C 89 -21.24 -19.05 -19.71
N VAL C 90 -21.44 -18.88 -21.02
CA VAL C 90 -21.19 -19.96 -21.98
C VAL C 90 -19.70 -20.32 -22.07
N ALA C 91 -18.82 -19.33 -21.89
CA ALA C 91 -17.36 -19.56 -21.91
C ALA C 91 -16.93 -20.76 -21.08
N ASP C 92 -17.55 -20.90 -19.91
CA ASP C 92 -17.24 -22.00 -18.98
C ASP C 92 -17.59 -23.40 -19.52
N GLN C 93 -18.42 -23.48 -20.57
CA GLN C 93 -18.80 -24.76 -21.18
C GLN C 93 -18.34 -24.87 -22.64
N LEU C 94 -17.33 -24.06 -23.01
CA LEU C 94 -16.69 -24.12 -24.33
C LEU C 94 -15.18 -24.22 -24.19
N TRP C 95 -14.53 -24.67 -25.25
CA TRP C 95 -13.07 -24.62 -25.33
C TRP C 95 -12.65 -23.23 -25.78
N VAL C 96 -11.71 -22.65 -25.03
CA VAL C 96 -11.12 -21.36 -25.35
C VAL C 96 -9.61 -21.50 -25.40
N PRO C 97 -8.92 -20.71 -26.28
CA PRO C 97 -7.45 -20.87 -26.24
C PRO C 97 -6.78 -20.50 -24.91
N ASP C 98 -5.73 -21.22 -24.55
CA ASP C 98 -5.00 -21.02 -23.29
C ASP C 98 -3.98 -19.88 -23.42
N THR C 99 -4.49 -18.72 -23.82
CA THR C 99 -3.65 -17.60 -24.15
C THR C 99 -3.29 -16.88 -22.86
N TYR C 100 -2.01 -16.57 -22.69
CA TYR C 100 -1.55 -15.80 -21.53
C TYR C 100 -0.55 -14.73 -21.95
N PHE C 101 -0.23 -13.86 -21.00
CA PHE C 101 0.69 -12.76 -21.25
C PHE C 101 2.00 -13.04 -20.55
N LEU C 102 3.01 -13.34 -21.36
CA LEU C 102 4.27 -13.87 -20.84
C LEU C 102 4.92 -12.98 -19.79
N ASN C 103 4.87 -11.68 -20.02
CA ASN C 103 5.58 -10.70 -19.19
C ASN C 103 4.65 -9.92 -18.26
N ASP C 104 3.51 -10.51 -17.88
CA ASP C 104 2.62 -9.86 -16.92
C ASP C 104 3.07 -10.20 -15.50
N LYS C 105 2.88 -9.26 -14.59
CA LYS C 105 3.15 -9.48 -13.17
C LYS C 105 1.86 -9.81 -12.44
N LYS C 106 0.80 -9.04 -12.73
CA LYS C 106 -0.52 -9.25 -12.14
C LYS C 106 -1.57 -8.77 -13.13
N SER C 107 -2.47 -9.66 -13.54
CA SER C 107 -3.56 -9.30 -14.45
C SER C 107 -4.87 -9.84 -13.93
N PHE C 108 -5.96 -9.20 -14.33
CA PHE C 108 -7.29 -9.72 -14.04
C PHE C 108 -8.30 -9.38 -15.14
N VAL C 109 -9.42 -10.08 -15.12
CA VAL C 109 -10.53 -9.84 -16.03
C VAL C 109 -11.65 -9.20 -15.23
N HIS C 110 -12.09 -8.02 -15.67
CA HIS C 110 -13.09 -7.24 -14.97
C HIS C 110 -14.36 -8.04 -14.73
N GLY C 111 -14.97 -7.84 -13.55
CA GLY C 111 -16.11 -8.63 -13.09
C GLY C 111 -17.44 -7.91 -12.91
N VAL C 112 -17.44 -6.58 -12.99
CA VAL C 112 -18.63 -5.79 -12.69
C VAL C 112 -19.27 -5.27 -13.99
N THR C 113 -20.61 -5.34 -14.14
CA THR C 113 -21.54 -5.98 -13.20
C THR C 113 -21.52 -7.50 -13.37
N VAL C 114 -21.20 -7.94 -14.59
CA VAL C 114 -21.00 -9.33 -14.92
C VAL C 114 -19.56 -9.47 -15.41
N LYS C 115 -19.02 -10.69 -15.39
CA LYS C 115 -17.69 -10.94 -15.93
C LYS C 115 -17.59 -10.38 -17.35
N ASN C 116 -16.59 -9.54 -17.61
CA ASN C 116 -16.50 -8.81 -18.88
C ASN C 116 -15.95 -9.70 -19.98
N ARG C 117 -16.77 -10.63 -20.45
CA ARG C 117 -16.39 -11.51 -21.56
C ARG C 117 -17.55 -11.67 -22.52
N MET C 118 -17.26 -11.64 -23.81
CA MET C 118 -18.27 -11.72 -24.86
C MET C 118 -18.04 -12.92 -25.74
N ILE C 119 -19.10 -13.68 -26.01
CA ILE C 119 -19.10 -14.73 -27.02
C ILE C 119 -20.12 -14.43 -28.11
N ARG C 120 -19.64 -14.37 -29.34
CA ARG C 120 -20.48 -14.21 -30.52
C ARG C 120 -20.20 -15.37 -31.46
N LEU C 121 -21.24 -16.16 -31.74
CA LEU C 121 -21.13 -17.32 -32.62
C LEU C 121 -21.67 -17.00 -34.01
N HIS C 122 -21.15 -17.76 -34.98
CA HIS C 122 -21.54 -17.66 -36.38
C HIS C 122 -21.89 -19.07 -36.86
N PRO C 123 -22.83 -19.19 -37.84
CA PRO C 123 -23.25 -20.52 -38.34
C PRO C 123 -22.07 -21.34 -38.91
N ASP C 124 -21.09 -20.64 -39.45
CA ASP C 124 -19.78 -21.20 -39.81
C ASP C 124 -19.15 -22.09 -38.70
N GLY C 125 -19.37 -21.75 -37.44
CA GLY C 125 -18.65 -22.36 -36.31
C GLY C 125 -17.56 -21.44 -35.76
N THR C 126 -17.44 -20.24 -36.33
CA THR C 126 -16.47 -19.25 -35.90
C THR C 126 -16.92 -18.63 -34.59
N VAL C 127 -15.96 -18.46 -33.68
CA VAL C 127 -16.20 -17.93 -32.35
C VAL C 127 -15.48 -16.59 -32.23
N LEU C 128 -16.14 -15.60 -31.63
CA LEU C 128 -15.50 -14.34 -31.25
C LEU C 128 -15.51 -14.26 -29.72
N TYR C 129 -14.33 -14.34 -29.10
CA TYR C 129 -14.22 -14.36 -27.64
C TYR C 129 -13.53 -13.10 -27.15
N GLY C 130 -14.32 -12.15 -26.65
CA GLY C 130 -13.77 -10.87 -26.19
C GLY C 130 -13.59 -10.86 -24.69
N LEU C 131 -12.48 -10.31 -24.21
CA LEU C 131 -12.24 -10.13 -22.76
C LEU C 131 -11.76 -8.73 -22.48
N ARG C 132 -12.23 -8.11 -21.39
CA ARG C 132 -11.67 -6.82 -20.95
C ARG C 132 -10.66 -7.06 -19.84
N ILE C 133 -9.40 -6.74 -20.11
CA ILE C 133 -8.31 -7.14 -19.23
C ILE C 133 -7.49 -5.91 -18.83
N THR C 134 -7.00 -5.91 -17.60
CA THR C 134 -5.98 -4.96 -17.18
C THR C 134 -4.77 -5.74 -16.72
N THR C 135 -3.63 -5.48 -17.33
CA THR C 135 -2.38 -6.18 -16.99
C THR C 135 -1.43 -5.15 -16.44
N THR C 136 -0.59 -5.51 -15.48
CA THR C 136 0.60 -4.71 -15.19
C THR C 136 1.76 -5.59 -15.66
N ALA C 137 2.42 -5.17 -16.74
CA ALA C 137 3.44 -6.00 -17.37
C ALA C 137 4.81 -5.38 -17.19
N ALA C 138 5.83 -6.24 -17.13
CA ALA C 138 7.21 -5.80 -16.91
C ALA C 138 7.73 -5.04 -18.10
N CYS C 139 8.43 -3.94 -17.82
CA CYS C 139 9.04 -3.12 -18.87
C CYS C 139 10.41 -2.66 -18.39
N MET C 140 11.43 -3.50 -18.59
CA MET C 140 12.80 -3.15 -18.20
C MET C 140 13.20 -1.85 -18.88
N MET C 141 13.78 -0.93 -18.09
CA MET C 141 14.04 0.42 -18.56
C MET C 141 15.53 0.72 -18.58
N ASP C 142 15.94 1.37 -19.66
CA ASP C 142 17.30 1.83 -19.84
C ASP C 142 17.30 3.31 -19.47
N LEU C 143 17.56 3.60 -18.21
CA LEU C 143 17.57 4.96 -17.70
C LEU C 143 18.90 5.69 -17.88
N ARG C 144 19.77 5.20 -18.78
CA ARG C 144 21.08 5.84 -19.00
C ARG C 144 20.93 7.27 -19.52
N ARG C 145 20.02 7.46 -20.46
CA ARG C 145 19.77 8.79 -21.03
C ARG C 145 18.66 9.58 -20.31
N TYR C 146 18.23 9.11 -19.14
CA TYR C 146 17.17 9.75 -18.37
C TYR C 146 17.59 11.19 -17.99
N PRO C 147 16.70 12.18 -18.05
CA PRO C 147 15.31 12.07 -18.46
C PRO C 147 15.03 12.42 -19.92
N LEU C 148 16.07 12.39 -20.75
CA LEU C 148 15.94 12.51 -22.20
C LEU C 148 15.97 11.12 -22.85
N ASP C 149 15.33 10.17 -22.19
CA ASP C 149 15.32 8.78 -22.64
C ASP C 149 14.01 8.46 -23.36
N GLU C 150 13.97 7.26 -23.90
CA GLU C 150 12.74 6.66 -24.34
C GLU C 150 12.83 5.15 -24.15
N GLN C 151 11.67 4.53 -23.92
CA GLN C 151 11.60 3.14 -23.56
C GLN C 151 10.76 2.35 -24.55
N ASN C 152 10.97 1.04 -24.54
CA ASN C 152 10.25 0.08 -25.37
C ASN C 152 9.56 -0.91 -24.44
N CYS C 153 8.27 -0.68 -24.19
CA CYS C 153 7.43 -1.59 -23.40
C CYS C 153 6.63 -2.50 -24.33
N THR C 154 6.57 -3.78 -23.95
CA THR C 154 5.93 -4.79 -24.77
C THR C 154 4.86 -5.57 -24.02
N LEU C 155 4.01 -6.25 -24.79
CA LEU C 155 3.06 -7.21 -24.24
C LEU C 155 3.17 -8.50 -25.06
N GLU C 156 3.80 -9.51 -24.47
CA GLU C 156 4.08 -10.77 -25.16
C GLU C 156 2.91 -11.74 -24.96
N ILE C 157 2.30 -12.15 -26.07
CA ILE C 157 1.12 -13.01 -26.08
C ILE C 157 1.54 -14.37 -26.61
N GLU C 158 1.20 -15.41 -25.85
CA GLU C 158 1.58 -16.78 -26.16
C GLU C 158 0.54 -17.76 -25.59
N SER C 159 0.54 -18.99 -26.10
CA SER C 159 -0.27 -20.09 -25.55
C SER C 159 0.54 -20.87 -24.52
N TYR C 160 -0.10 -21.26 -23.42
CA TYR C 160 0.63 -21.87 -22.31
C TYR C 160 1.02 -23.33 -22.56
N GLY C 161 0.06 -24.15 -22.98
CA GLY C 161 0.26 -25.60 -23.15
C GLY C 161 0.35 -26.13 -24.57
N TYR C 162 -0.34 -25.48 -25.49
CA TYR C 162 -0.45 -25.97 -26.85
C TYR C 162 0.72 -25.46 -27.69
N THR C 163 1.42 -26.37 -28.35
CA THR C 163 2.55 -26.02 -29.22
C THR C 163 2.06 -25.59 -30.61
N THR C 164 2.99 -25.22 -31.49
CA THR C 164 2.66 -24.89 -32.88
C THR C 164 2.01 -26.03 -33.66
N ASP C 165 2.21 -27.27 -33.21
CA ASP C 165 1.48 -28.42 -33.73
C ASP C 165 -0.02 -28.37 -33.43
N ASP C 166 -0.42 -27.61 -32.41
CA ASP C 166 -1.83 -27.52 -32.00
C ASP C 166 -2.47 -26.13 -32.12
N ILE C 167 -1.66 -25.07 -32.00
CA ILE C 167 -2.16 -23.69 -32.09
C ILE C 167 -1.24 -22.84 -32.98
N GLU C 168 -1.85 -21.95 -33.75
CA GLU C 168 -1.15 -20.90 -34.49
C GLU C 168 -1.81 -19.56 -34.20
N PHE C 169 -0.98 -18.52 -34.09
CA PHE C 169 -1.45 -17.16 -33.86
C PHE C 169 -1.18 -16.26 -35.06
N TYR C 170 -2.06 -15.29 -35.24
CA TYR C 170 -1.89 -14.26 -36.26
C TYR C 170 -2.66 -13.01 -35.82
N TRP C 171 -2.11 -11.85 -36.18
CA TRP C 171 -2.78 -10.58 -35.90
C TRP C 171 -3.91 -10.39 -36.89
N ARG C 172 -5.15 -10.53 -36.42
CA ARG C 172 -6.31 -10.45 -37.30
C ARG C 172 -6.45 -9.04 -37.88
N GLY C 173 -6.06 -8.90 -39.14
CA GLY C 173 -6.02 -7.61 -39.83
C GLY C 173 -4.63 -7.02 -39.94
N GLY C 174 -3.59 -7.81 -39.66
CA GLY C 174 -2.20 -7.37 -39.81
C GLY C 174 -1.89 -6.14 -38.99
N ASP C 175 -1.33 -5.11 -39.63
CA ASP C 175 -1.01 -3.84 -38.96
C ASP C 175 -2.20 -3.12 -38.36
N LYS C 176 -3.41 -3.39 -38.84
CA LYS C 176 -4.63 -2.78 -38.28
C LYS C 176 -5.27 -3.58 -37.14
N ALA C 177 -4.55 -4.56 -36.58
CA ALA C 177 -5.11 -5.44 -35.53
C ALA C 177 -5.22 -4.83 -34.14
N VAL C 178 -4.47 -3.75 -33.90
CA VAL C 178 -4.49 -3.06 -32.63
C VAL C 178 -5.09 -1.68 -32.82
N THR C 179 -5.97 -1.29 -31.90
CA THR C 179 -6.58 0.05 -31.91
C THR C 179 -6.46 0.68 -30.53
N GLY C 180 -6.46 2.02 -30.48
CA GLY C 180 -6.52 2.74 -29.21
C GLY C 180 -5.22 3.36 -28.75
N VAL C 181 -4.11 3.04 -29.41
CA VAL C 181 -2.85 3.76 -29.18
C VAL C 181 -3.04 5.28 -29.16
N GLU C 182 -4.04 5.74 -29.91
CA GLU C 182 -4.35 7.16 -30.05
C GLU C 182 -5.06 7.69 -28.80
N ARG C 183 -5.86 6.83 -28.16
CA ARG C 183 -6.49 7.10 -26.86
C ARG C 183 -5.54 7.24 -25.65
N ILE C 184 -4.32 6.73 -25.75
CA ILE C 184 -3.42 6.71 -24.58
C ILE C 184 -3.01 8.13 -24.18
N GLU C 185 -3.17 8.43 -22.90
CA GLU C 185 -2.91 9.76 -22.35
C GLU C 185 -2.11 9.57 -21.07
N LEU C 186 -0.81 9.84 -21.14
CA LEU C 186 0.08 9.71 -19.99
C LEU C 186 0.66 11.07 -19.65
N PRO C 187 0.72 11.43 -18.35
CA PRO C 187 1.23 12.74 -17.98
C PRO C 187 2.70 12.97 -18.37
N GLN C 188 3.52 11.93 -18.22
CA GLN C 188 4.97 12.05 -18.36
C GLN C 188 5.53 11.53 -19.70
N PHE C 189 4.74 10.74 -20.43
CA PHE C 189 5.19 10.13 -21.68
C PHE C 189 4.26 10.44 -22.85
N SER C 190 4.69 10.03 -24.04
CA SER C 190 3.84 10.04 -25.23
C SER C 190 4.26 8.92 -26.17
N ILE C 191 3.28 8.27 -26.79
CA ILE C 191 3.53 7.07 -27.59
C ILE C 191 3.93 7.54 -29.00
N VAL C 192 5.20 7.38 -29.34
CA VAL C 192 5.72 7.86 -30.63
C VAL C 192 5.37 6.89 -31.75
N GLU C 193 5.52 5.58 -31.50
CA GLU C 193 5.03 4.56 -32.43
C GLU C 193 4.69 3.26 -31.71
N HIS C 194 4.07 2.34 -32.46
CA HIS C 194 3.83 0.98 -32.00
C HIS C 194 4.12 -0.02 -33.11
N ARG C 195 4.38 -1.27 -32.73
CA ARG C 195 4.70 -2.32 -33.69
C ARG C 195 4.07 -3.65 -33.31
N LEU C 196 3.59 -4.38 -34.31
CA LEU C 196 3.07 -5.74 -34.13
C LEU C 196 4.03 -6.73 -34.76
N VAL C 197 4.25 -7.85 -34.07
CA VAL C 197 5.17 -8.88 -34.52
C VAL C 197 4.53 -10.25 -34.31
N SER C 198 4.89 -11.19 -35.18
CA SER C 198 4.46 -12.57 -35.04
C SER C 198 5.69 -13.46 -35.12
N ARG C 199 5.88 -14.31 -34.12
CA ARG C 199 7.06 -15.19 -34.06
C ARG C 199 6.68 -16.55 -33.51
N ASN C 200 7.58 -17.52 -33.66
CA ASN C 200 7.46 -18.81 -33.00
C ASN C 200 8.70 -18.98 -32.13
N VAL C 201 8.50 -19.11 -30.81
CA VAL C 201 9.65 -19.23 -29.88
C VAL C 201 9.81 -20.68 -29.42
N VAL C 202 11.06 -21.07 -29.17
CA VAL C 202 11.39 -22.47 -28.90
C VAL C 202 11.81 -22.64 -27.44
N PHE C 203 11.02 -23.40 -26.68
CA PHE C 203 11.38 -23.83 -25.34
C PHE C 203 11.76 -25.31 -25.36
N ALA C 204 12.22 -25.81 -24.21
CA ALA C 204 12.53 -27.24 -24.04
C ALA C 204 11.31 -28.14 -24.25
N THR C 205 10.14 -27.64 -23.85
CA THR C 205 8.88 -28.37 -24.02
C THR C 205 8.31 -28.32 -25.44
N GLY C 206 8.91 -27.52 -26.34
CA GLY C 206 8.47 -27.43 -27.73
C GLY C 206 8.49 -25.99 -28.24
N ALA C 207 7.97 -25.80 -29.46
CA ALA C 207 7.89 -24.50 -30.11
C ALA C 207 6.47 -23.94 -30.01
N TYR C 208 6.36 -22.72 -29.49
CA TYR C 208 5.08 -22.07 -29.24
C TYR C 208 4.93 -20.81 -30.07
N PRO C 209 3.68 -20.42 -30.38
CA PRO C 209 3.44 -19.20 -31.14
C PRO C 209 3.44 -17.99 -30.22
N ARG C 210 3.96 -16.88 -30.71
CA ARG C 210 3.99 -15.64 -29.96
C ARG C 210 3.64 -14.44 -30.82
N LEU C 211 2.88 -13.52 -30.21
CA LEU C 211 2.65 -12.20 -30.78
C LEU C 211 3.13 -11.12 -29.83
N SER C 212 3.85 -10.12 -30.35
CA SER C 212 4.41 -9.04 -29.53
C SER C 212 3.83 -7.70 -29.95
N LEU C 213 3.15 -7.05 -29.00
CA LEU C 213 2.74 -5.66 -29.14
C LEU C 213 3.79 -4.80 -28.46
N SER C 214 4.22 -3.74 -29.13
CA SER C 214 5.30 -2.89 -28.64
C SER C 214 4.87 -1.42 -28.67
N PHE C 215 5.26 -0.67 -27.64
CA PHE C 215 5.16 0.81 -27.69
C PHE C 215 6.52 1.46 -27.50
N ARG C 216 6.70 2.66 -28.05
CA ARG C 216 7.91 3.45 -27.78
C ARG C 216 7.50 4.72 -27.04
N LEU C 217 7.95 4.85 -25.77
CA LEU C 217 7.50 5.95 -24.91
C LEU C 217 8.55 7.04 -24.84
N LYS C 218 8.25 8.22 -25.38
CA LYS C 218 9.15 9.38 -25.30
C LYS C 218 8.76 10.20 -24.08
N ARG C 219 9.72 10.42 -23.19
CA ARG C 219 9.47 11.14 -21.94
C ARG C 219 9.46 12.64 -22.17
N ASN C 220 8.46 13.33 -21.61
CA ASN C 220 8.43 14.82 -21.63
C ASN C 220 9.30 15.35 -20.51
N ILE C 221 9.95 16.48 -20.76
CA ILE C 221 10.99 17.01 -19.87
C ILE C 221 10.39 18.02 -18.87
N GLY C 222 9.17 18.50 -19.16
CA GLY C 222 8.49 19.52 -18.36
C GLY C 222 8.59 19.33 -16.87
N TYR C 223 8.29 18.12 -16.40
CA TYR C 223 8.32 17.82 -14.97
C TYR C 223 9.69 18.04 -14.32
N PHE C 224 10.76 17.87 -15.10
CA PHE C 224 12.12 17.79 -14.54
C PHE C 224 12.84 19.13 -14.61
N VAL C 225 12.51 19.92 -15.62
CA VAL C 225 12.97 21.31 -15.65
C VAL C 225 12.41 22.09 -14.45
N ILE C 226 11.21 21.73 -13.99
CA ILE C 226 10.63 22.37 -12.80
C ILE C 226 11.21 21.82 -11.50
N GLN C 227 11.34 20.50 -11.39
CA GLN C 227 11.73 19.85 -10.12
C GLN C 227 13.21 19.52 -9.92
N THR C 228 14.03 19.65 -10.96
CA THR C 228 15.45 19.32 -10.89
C THR C 228 16.33 20.37 -11.59
N TYR C 229 16.04 20.67 -12.85
CA TYR C 229 17.01 21.45 -13.65
C TYR C 229 17.08 22.89 -13.19
N LEU C 230 15.93 23.55 -13.05
CA LEU C 230 15.94 24.94 -12.56
C LEU C 230 16.52 25.09 -11.16
N PRO C 231 16.10 24.25 -10.19
CA PRO C 231 16.79 24.27 -8.89
C PRO C 231 18.31 24.14 -9.00
N CYS C 232 18.79 23.19 -9.81
CA CYS C 232 20.23 23.03 -10.01
C CYS C 232 20.90 24.26 -10.64
N ILE C 233 20.32 24.72 -11.75
CA ILE C 233 20.81 25.88 -12.50
C ILE C 233 20.83 27.14 -11.62
N MET C 234 19.80 27.32 -10.81
CA MET C 234 19.71 28.49 -9.92
C MET C 234 20.59 28.35 -8.68
N THR C 235 20.76 27.13 -8.21
CA THR C 235 21.72 26.89 -7.12
C THR C 235 23.16 27.12 -7.58
N VAL C 236 23.46 26.87 -8.86
CA VAL C 236 24.78 27.25 -9.42
C VAL C 236 24.94 28.77 -9.52
N ILE C 237 23.93 29.45 -10.06
CA ILE C 237 23.94 30.91 -10.15
C ILE C 237 24.05 31.53 -8.76
N LEU C 238 23.34 30.96 -7.79
CA LEU C 238 23.42 31.45 -6.40
C LEU C 238 24.84 31.38 -5.85
N SER C 239 25.56 30.28 -6.14
CA SER C 239 26.95 30.13 -5.67
C SER C 239 27.86 31.20 -6.23
N GLN C 240 27.58 31.64 -7.45
CA GLN C 240 28.38 32.63 -8.16
C GLN C 240 28.15 34.09 -7.71
N VAL C 241 27.14 34.32 -6.87
CA VAL C 241 26.92 35.65 -6.27
C VAL C 241 28.10 36.03 -5.37
N SER C 242 28.68 35.06 -4.66
CA SER C 242 29.81 35.31 -3.75
C SER C 242 31.03 35.94 -4.44
N PHE C 243 31.15 35.79 -5.76
CA PHE C 243 32.19 36.49 -6.53
C PHE C 243 32.01 38.01 -6.53
N TRP C 244 30.79 38.50 -6.32
CA TRP C 244 30.52 39.94 -6.31
C TRP C 244 30.47 40.55 -4.91
N LEU C 245 31.13 39.90 -3.95
CA LEU C 245 31.36 40.47 -2.63
C LEU C 245 32.86 40.58 -2.40
N ASN C 246 33.28 41.67 -1.76
CA ASN C 246 34.68 41.88 -1.43
C ASN C 246 35.18 40.71 -0.57
N ARG C 247 36.45 40.34 -0.78
CA ARG C 247 37.07 39.17 -0.15
C ARG C 247 37.08 39.23 1.38
N GLU C 248 37.02 40.46 1.93
CA GLU C 248 36.97 40.65 3.36
C GLU C 248 35.67 40.19 4.04
N SER C 249 34.58 40.03 3.27
CA SER C 249 33.33 39.46 3.82
C SER C 249 33.40 37.93 3.90
N VAL C 250 34.28 37.46 4.78
CA VAL C 250 34.58 36.04 4.93
C VAL C 250 33.33 35.24 5.32
N PRO C 251 32.64 35.63 6.40
CA PRO C 251 31.45 34.84 6.78
C PRO C 251 30.37 34.81 5.70
N ALA C 252 30.08 35.96 5.07
CA ALA C 252 29.09 36.01 4.00
C ALA C 252 29.42 35.01 2.90
N ARG C 253 30.65 35.04 2.40
CA ARG C 253 31.07 34.18 1.29
C ARG C 253 31.20 32.70 1.66
N THR C 254 31.37 32.38 2.95
CA THR C 254 31.29 30.98 3.39
C THR C 254 29.85 30.49 3.43
N VAL C 255 28.91 31.36 3.77
CA VAL C 255 27.49 30.98 3.76
C VAL C 255 27.09 30.60 2.32
N PHE C 256 27.37 31.49 1.37
CA PHE C 256 27.16 31.20 -0.05
C PHE C 256 27.79 29.87 -0.47
N GLY C 257 28.99 29.59 0.02
CA GLY C 257 29.70 28.36 -0.33
C GLY C 257 29.09 27.10 0.26
N VAL C 258 28.93 27.11 1.58
CA VAL C 258 28.43 25.95 2.31
C VAL C 258 26.99 25.63 1.90
N THR C 259 26.11 26.63 1.95
CA THR C 259 24.69 26.36 1.69
C THR C 259 24.48 25.81 0.28
N THR C 260 25.11 26.43 -0.71
CA THR C 260 24.98 25.96 -2.09
C THR C 260 25.57 24.56 -2.28
N VAL C 261 26.66 24.25 -1.59
CA VAL C 261 27.25 22.91 -1.62
C VAL C 261 26.29 21.88 -0.99
N LEU C 262 25.72 22.21 0.17
CA LEU C 262 24.79 21.26 0.81
C LEU C 262 23.47 21.08 0.06
N THR C 263 22.90 22.19 -0.40
CA THR C 263 21.67 22.09 -1.21
C THR C 263 21.88 21.39 -2.55
N MET C 264 23.13 21.23 -2.98
CA MET C 264 23.40 20.46 -4.19
C MET C 264 23.40 18.96 -3.92
N THR C 265 23.95 18.51 -2.79
CA THR C 265 23.92 17.07 -2.45
C THR C 265 22.47 16.60 -2.25
N THR C 266 21.67 17.42 -1.56
CA THR C 266 20.29 17.05 -1.27
C THR C 266 19.43 16.99 -2.55
N LEU C 267 19.76 17.80 -3.56
CA LEU C 267 19.15 17.66 -4.88
C LEU C 267 19.55 16.34 -5.55
N SER C 268 20.84 16.04 -5.56
CA SER C 268 21.34 14.77 -6.13
C SER C 268 20.74 13.55 -5.42
N ILE C 269 20.49 13.66 -4.12
CA ILE C 269 19.84 12.58 -3.38
C ILE C 269 18.34 12.54 -3.68
N SER C 270 17.66 13.68 -3.54
CA SER C 270 16.20 13.70 -3.74
C SER C 270 15.78 13.35 -5.16
N ALA C 271 16.59 13.74 -6.16
CA ALA C 271 16.35 13.36 -7.55
C ALA C 271 16.50 11.86 -7.79
N ARG C 272 17.48 11.27 -7.11
CA ARG C 272 17.74 9.84 -7.21
C ARG C 272 16.69 8.99 -6.45
N ASN C 273 15.92 9.62 -5.56
CA ASN C 273 14.87 8.92 -4.77
C ASN C 273 13.60 8.54 -5.55
N SER C 274 13.31 9.21 -6.65
CA SER C 274 12.15 8.87 -7.48
C SER C 274 12.44 7.78 -8.53
N LEU C 275 13.67 7.25 -8.56
CA LEU C 275 14.10 6.25 -9.54
C LEU C 275 14.38 4.89 -8.88
N PRO C 276 14.56 3.83 -9.68
CA PRO C 276 15.03 2.56 -9.14
C PRO C 276 16.51 2.62 -8.75
N LYS C 277 16.95 1.64 -7.97
CA LYS C 277 18.30 1.64 -7.39
C LYS C 277 19.32 1.08 -8.38
N VAL C 278 19.37 1.69 -9.57
CA VAL C 278 20.23 1.22 -10.66
C VAL C 278 21.69 1.56 -10.36
N ALA C 279 22.60 0.75 -10.90
CA ALA C 279 24.03 0.87 -10.61
C ALA C 279 24.80 1.75 -11.62
N TYR C 280 24.13 2.23 -12.67
CA TYR C 280 24.78 3.13 -13.63
C TYR C 280 24.42 4.60 -13.34
N ALA C 281 25.07 5.51 -14.05
CA ALA C 281 24.86 6.95 -13.86
C ALA C 281 23.99 7.49 -14.99
N THR C 282 22.93 8.21 -14.62
CA THR C 282 21.99 8.77 -15.58
C THR C 282 22.51 10.09 -16.14
N ALA C 283 21.99 10.48 -17.31
CA ALA C 283 22.29 11.81 -17.86
C ALA C 283 22.01 12.95 -16.87
N MET C 284 20.99 12.77 -16.03
CA MET C 284 20.74 13.70 -14.92
C MET C 284 21.84 13.69 -13.85
N ASP C 285 22.34 12.50 -13.53
CA ASP C 285 23.38 12.37 -12.50
C ASP C 285 24.66 13.12 -12.90
N TRP C 286 25.01 13.06 -14.20
CA TRP C 286 26.13 13.85 -14.73
C TRP C 286 25.88 15.35 -14.63
N PHE C 287 24.69 15.77 -15.09
CA PHE C 287 24.29 17.18 -14.98
C PHE C 287 24.40 17.67 -13.55
N ILE C 288 23.85 16.91 -12.60
CA ILE C 288 23.95 17.31 -11.18
C ILE C 288 25.41 17.26 -10.68
N ALA C 289 26.16 16.26 -11.13
CA ALA C 289 27.57 16.15 -10.77
C ALA C 289 28.36 17.38 -11.21
N VAL C 290 28.18 17.79 -12.47
CA VAL C 290 28.86 18.98 -13.00
C VAL C 290 28.45 20.22 -12.20
N CYS C 291 27.16 20.38 -11.98
CA CYS C 291 26.66 21.46 -11.09
C CYS C 291 27.38 21.43 -9.75
N TYR C 292 27.54 20.25 -9.16
CA TYR C 292 28.33 20.12 -7.92
C TYR C 292 29.76 20.68 -8.08
N ALA C 293 30.39 20.39 -9.22
CA ALA C 293 31.73 20.90 -9.52
C ALA C 293 31.77 22.44 -9.53
N PHE C 294 30.83 23.05 -10.22
CA PHE C 294 30.77 24.53 -10.30
C PHE C 294 30.52 25.21 -8.95
N VAL C 295 29.76 24.54 -8.08
CA VAL C 295 29.49 25.07 -6.74
C VAL C 295 30.67 24.84 -5.79
N PHE C 296 31.26 23.65 -5.83
CA PHE C 296 32.43 23.37 -4.99
C PHE C 296 33.64 24.23 -5.41
N SER C 297 33.79 24.40 -6.73
CA SER C 297 34.83 25.27 -7.27
C SER C 297 34.62 26.71 -6.84
N ALA C 298 33.38 27.19 -6.87
CA ALA C 298 33.08 28.54 -6.39
C ALA C 298 33.51 28.76 -4.94
N LEU C 299 33.43 27.70 -4.13
CA LEU C 299 33.90 27.76 -2.75
C LEU C 299 35.42 27.65 -2.66
N ILE C 300 36.01 26.65 -3.32
CA ILE C 300 37.49 26.53 -3.33
C ILE C 300 38.17 27.82 -3.82
N GLU C 301 37.58 28.44 -4.84
CA GLU C 301 38.03 29.72 -5.34
C GLU C 301 38.08 30.74 -4.19
N PHE C 302 37.00 30.84 -3.43
CA PHE C 302 36.94 31.80 -2.32
C PHE C 302 37.97 31.43 -1.26
N ALA C 303 38.03 30.14 -0.92
CA ALA C 303 39.02 29.65 0.05
C ALA C 303 40.44 30.03 -0.34
N THR C 304 40.77 29.86 -1.63
CA THR C 304 42.08 30.27 -2.18
C THR C 304 42.26 31.78 -2.12
N VAL C 305 41.28 32.52 -2.64
CA VAL C 305 41.33 33.99 -2.61
C VAL C 305 41.58 34.52 -1.18
N ASN C 306 40.87 33.96 -0.21
CA ASN C 306 41.06 34.30 1.20
C ASN C 306 42.47 33.93 1.69
N TYR C 307 43.03 32.84 1.17
CA TYR C 307 44.37 32.40 1.56
C TYR C 307 45.47 33.31 1.02
N PHE C 308 45.21 33.97 -0.12
CA PHE C 308 46.17 34.92 -0.70
C PHE C 308 45.85 36.42 -0.49
N THR C 309 44.76 36.71 0.24
CA THR C 309 44.34 38.11 0.43
C THR C 309 45.38 39.05 1.08
N LYS C 310 46.35 38.49 1.80
CA LYS C 310 47.51 39.25 2.29
C LYS C 310 48.84 38.85 1.65
N SER C 311 49.02 37.56 1.35
CA SER C 311 50.20 37.07 0.63
C SER C 311 50.36 37.73 -0.74
N GLN C 312 49.32 37.64 -1.57
CA GLN C 312 49.40 38.12 -2.95
C GLN C 312 48.13 38.91 -3.34
N PRO C 313 47.82 40.00 -2.59
CA PRO C 313 46.55 40.72 -2.75
C PRO C 313 46.17 41.13 -4.18
N ALA C 314 47.17 41.41 -5.02
CA ALA C 314 46.95 41.69 -6.44
C ALA C 314 46.31 40.50 -7.15
N ARG C 315 46.89 39.31 -6.96
CA ARG C 315 46.42 38.10 -7.66
C ARG C 315 45.01 37.74 -7.20
N ALA C 316 44.84 37.72 -5.88
CA ALA C 316 43.56 37.42 -5.23
C ALA C 316 42.42 38.26 -5.81
N ALA C 317 42.64 39.58 -5.93
CA ALA C 317 41.68 40.48 -6.55
C ALA C 317 41.44 40.17 -8.04
N LYS C 318 42.47 39.71 -8.75
CA LYS C 318 42.31 39.34 -10.17
C LYS C 318 41.49 38.06 -10.34
N ILE C 319 41.72 37.09 -9.45
CA ILE C 319 40.99 35.82 -9.49
C ILE C 319 39.49 36.10 -9.42
N ASP C 320 39.07 36.89 -8.43
CA ASP C 320 37.65 37.28 -8.32
C ASP C 320 37.11 37.87 -9.62
N LYS C 321 37.82 38.87 -10.14
CA LYS C 321 37.38 39.56 -11.36
C LYS C 321 37.35 38.64 -12.58
N MET C 322 38.22 37.64 -12.64
CA MET C 322 38.10 36.63 -13.72
C MET C 322 36.96 35.63 -13.50
N SER C 323 36.86 35.12 -12.27
CA SER C 323 35.81 34.16 -11.90
C SER C 323 34.41 34.68 -12.22
N ARG C 324 34.17 35.96 -11.96
CA ARG C 324 32.90 36.60 -12.31
C ARG C 324 32.50 36.44 -13.78
N ILE C 325 33.47 36.15 -14.66
CA ILE C 325 33.20 35.98 -16.09
C ILE C 325 33.41 34.55 -16.58
N VAL C 326 34.44 33.86 -16.07
CA VAL C 326 34.73 32.48 -16.46
C VAL C 326 33.57 31.51 -16.09
N PHE C 327 33.14 31.59 -14.84
CA PHE C 327 32.15 30.67 -14.29
C PHE C 327 30.82 30.66 -15.08
N PRO C 328 30.17 31.83 -15.23
CA PRO C 328 28.92 31.82 -15.99
C PRO C 328 29.09 31.41 -17.46
N ILE C 329 30.17 31.85 -18.11
CA ILE C 329 30.43 31.47 -19.50
C ILE C 329 30.62 29.96 -19.64
N LEU C 330 31.50 29.39 -18.80
CA LEU C 330 31.70 27.94 -18.79
C LEU C 330 30.41 27.19 -18.46
N PHE C 331 29.69 27.63 -17.44
CA PHE C 331 28.42 26.97 -17.10
C PHE C 331 27.40 27.04 -18.25
N GLY C 332 27.35 28.20 -18.90
CA GLY C 332 26.49 28.42 -20.06
C GLY C 332 26.86 27.52 -21.23
N THR C 333 28.14 27.49 -21.58
CA THR C 333 28.60 26.66 -22.70
C THR C 333 28.47 25.16 -22.39
N PHE C 334 28.72 24.78 -21.14
CA PHE C 334 28.48 23.40 -20.70
C PHE C 334 27.03 22.97 -20.96
N ASN C 335 26.06 23.80 -20.58
CA ASN C 335 24.65 23.51 -20.83
C ASN C 335 24.38 23.27 -22.32
N LEU C 336 24.84 24.20 -23.16
CA LEU C 336 24.68 24.10 -24.62
C LEU C 336 25.22 22.76 -25.16
N VAL C 337 26.37 22.32 -24.65
CA VAL C 337 26.94 21.03 -25.05
C VAL C 337 26.12 19.85 -24.49
N TYR C 338 25.81 19.89 -23.19
CA TYR C 338 25.01 18.85 -22.52
C TYR C 338 23.67 18.62 -23.25
N TRP C 339 22.88 19.69 -23.42
CA TRP C 339 21.56 19.54 -24.06
C TRP C 339 21.68 19.00 -25.50
N ALA C 340 22.63 19.54 -26.26
CA ALA C 340 22.91 19.07 -27.63
C ALA C 340 23.33 17.60 -27.68
N THR C 341 24.22 17.17 -26.77
CA THR C 341 24.61 15.74 -26.68
C THR C 341 23.41 14.79 -26.48
N TYR C 342 22.42 15.23 -25.72
CA TYR C 342 21.23 14.42 -25.42
C TYR C 342 19.95 14.86 -26.18
N LEU C 343 20.09 15.74 -27.17
CA LEU C 343 19.00 16.11 -28.10
C LEU C 343 19.48 16.05 -29.55
N MET D 12 -12.45 -37.49 -33.13
CA MET D 12 -12.57 -36.85 -31.79
C MET D 12 -13.43 -37.65 -30.81
N SER D 13 -14.54 -38.23 -31.32
CA SER D 13 -15.46 -38.98 -30.47
C SER D 13 -14.77 -40.17 -29.80
N PHE D 14 -13.94 -40.89 -30.56
CA PHE D 14 -13.18 -42.03 -30.02
C PHE D 14 -12.28 -41.57 -28.86
N VAL D 15 -11.61 -40.44 -29.07
CA VAL D 15 -10.70 -39.90 -28.07
C VAL D 15 -11.49 -39.51 -26.82
N LYS D 16 -12.66 -38.89 -27.04
CA LYS D 16 -13.53 -38.51 -25.92
C LYS D 16 -13.94 -39.74 -25.12
N GLU D 17 -14.32 -40.80 -25.84
CA GLU D 17 -14.73 -42.05 -25.18
C GLU D 17 -13.57 -42.62 -24.36
N THR D 18 -12.37 -42.61 -24.93
CA THR D 18 -11.19 -43.13 -24.20
C THR D 18 -10.93 -42.30 -22.94
N VAL D 19 -11.07 -40.97 -23.07
CA VAL D 19 -10.88 -40.10 -21.90
C VAL D 19 -11.93 -40.41 -20.83
N ASP D 20 -13.17 -40.60 -21.26
CA ASP D 20 -14.23 -40.95 -20.31
C ASP D 20 -13.94 -42.27 -19.61
N LYS D 21 -13.45 -43.26 -20.37
CA LYS D 21 -13.07 -44.54 -19.78
C LYS D 21 -11.95 -44.38 -18.75
N LEU D 22 -10.96 -43.54 -19.10
CA LEU D 22 -9.87 -43.24 -18.16
C LEU D 22 -10.38 -42.59 -16.87
N LEU D 23 -11.34 -41.67 -17.03
CA LEU D 23 -11.93 -41.01 -15.86
C LEU D 23 -12.85 -41.93 -15.04
N LYS D 24 -13.60 -42.78 -15.72
CA LYS D 24 -14.53 -43.70 -15.07
C LYS D 24 -13.81 -44.51 -13.98
N GLY D 25 -14.18 -44.28 -12.73
CA GLY D 25 -13.57 -44.97 -11.59
C GLY D 25 -12.24 -44.41 -11.10
N TYR D 26 -11.84 -43.25 -11.61
CA TYR D 26 -10.62 -42.58 -11.19
C TYR D 26 -10.92 -41.86 -9.88
N ASP D 27 -10.18 -42.19 -8.82
CA ASP D 27 -10.33 -41.51 -7.53
C ASP D 27 -9.19 -40.52 -7.32
N ILE D 28 -9.51 -39.24 -7.38
CA ILE D 28 -8.52 -38.17 -7.15
C ILE D 28 -7.90 -38.21 -5.74
N ARG D 29 -8.57 -38.87 -4.80
CA ARG D 29 -8.09 -38.99 -3.42
C ARG D 29 -6.87 -39.90 -3.27
N LEU D 30 -6.68 -40.82 -4.22
CA LEU D 30 -5.61 -41.81 -4.14
C LEU D 30 -4.49 -41.47 -5.12
N ARG D 31 -3.25 -41.48 -4.62
CA ARG D 31 -2.06 -41.35 -5.47
C ARG D 31 -1.82 -42.59 -6.34
N PRO D 32 -0.91 -42.49 -7.33
CA PRO D 32 -0.47 -43.70 -8.05
C PRO D 32 0.25 -44.68 -7.13
N ASP D 33 -0.03 -45.98 -7.31
CA ASP D 33 0.47 -47.03 -6.43
C ASP D 33 0.14 -46.74 -4.96
N PHE D 34 -1.15 -46.55 -4.68
CA PHE D 34 -1.61 -46.02 -3.39
C PHE D 34 -0.99 -46.70 -2.16
N GLY D 35 -1.10 -48.03 -2.11
CA GLY D 35 -0.48 -48.82 -1.05
C GLY D 35 0.99 -49.15 -1.30
N GLY D 36 1.44 -48.98 -2.54
CA GLY D 36 2.73 -49.52 -3.00
C GLY D 36 3.90 -48.58 -2.82
N PRO D 37 4.90 -48.66 -3.73
CA PRO D 37 6.08 -47.80 -3.57
C PRO D 37 5.77 -46.31 -3.78
N PRO D 38 6.69 -45.41 -3.40
CA PRO D 38 6.42 -43.99 -3.56
C PRO D 38 6.41 -43.56 -5.03
N VAL D 39 5.80 -42.40 -5.29
CA VAL D 39 5.72 -41.86 -6.64
C VAL D 39 6.91 -40.95 -6.87
N CYS D 40 7.80 -41.30 -7.80
CA CYS D 40 8.87 -40.40 -8.20
C CYS D 40 8.31 -39.21 -8.97
N VAL D 41 8.53 -38.01 -8.42
CA VAL D 41 8.11 -36.79 -9.09
C VAL D 41 9.35 -36.01 -9.52
N GLY D 42 9.43 -35.70 -10.80
CA GLY D 42 10.53 -34.94 -11.38
C GLY D 42 10.15 -33.47 -11.45
N MET D 43 11.02 -32.63 -10.88
CA MET D 43 10.83 -31.18 -10.89
C MET D 43 11.71 -30.56 -11.95
N ASN D 44 11.19 -29.48 -12.52
CA ASN D 44 11.85 -28.80 -13.62
C ASN D 44 11.37 -27.35 -13.57
N ILE D 45 12.32 -26.42 -13.45
CA ILE D 45 11.97 -24.99 -13.31
C ILE D 45 12.60 -24.16 -14.42
N ASP D 46 11.82 -23.23 -14.95
CA ASP D 46 12.30 -22.21 -15.88
C ASP D 46 11.95 -20.86 -15.28
N ILE D 47 12.96 -20.15 -14.80
CA ILE D 47 12.81 -18.84 -14.17
C ILE D 47 12.52 -17.79 -15.24
N ALA D 48 11.47 -17.00 -15.01
CA ALA D 48 11.11 -15.91 -15.91
C ALA D 48 11.78 -14.61 -15.48
N SER D 49 11.71 -14.33 -14.18
CA SER D 49 12.29 -13.11 -13.61
C SER D 49 12.26 -13.14 -12.10
N ILE D 50 13.18 -12.38 -11.50
CA ILE D 50 13.06 -11.95 -10.11
C ILE D 50 12.66 -10.47 -10.16
N ASP D 51 11.44 -10.16 -9.73
CA ASP D 51 10.86 -8.83 -9.94
C ASP D 51 11.31 -7.82 -8.90
N MET D 52 11.76 -8.31 -7.74
CA MET D 52 12.00 -7.45 -6.58
C MET D 52 12.83 -8.21 -5.55
N VAL D 53 13.63 -7.45 -4.78
CA VAL D 53 14.39 -8.00 -3.64
C VAL D 53 14.31 -6.97 -2.53
N SER D 54 13.57 -7.27 -1.47
CA SER D 54 13.38 -6.31 -0.38
C SER D 54 14.25 -6.64 0.81
N GLU D 55 15.19 -5.76 1.11
CA GLU D 55 16.02 -5.89 2.30
C GLU D 55 15.20 -5.57 3.55
N VAL D 56 14.18 -4.71 3.40
CA VAL D 56 13.38 -4.24 4.52
C VAL D 56 12.43 -5.32 5.00
N ASN D 57 11.81 -6.04 4.06
CA ASN D 57 10.94 -7.17 4.38
C ASN D 57 11.66 -8.53 4.30
N MET D 58 12.93 -8.52 3.87
CA MET D 58 13.73 -9.74 3.77
C MET D 58 12.99 -10.84 3.00
N ASP D 59 12.60 -10.44 1.79
CA ASP D 59 11.99 -11.36 0.85
C ASP D 59 12.41 -11.01 -0.57
N TYR D 60 12.10 -11.92 -1.48
CA TYR D 60 12.29 -11.65 -2.91
C TYR D 60 11.11 -12.22 -3.67
N THR D 61 10.76 -11.55 -4.77
CA THR D 61 9.65 -11.96 -5.60
C THR D 61 10.17 -12.60 -6.89
N LEU D 62 9.79 -13.85 -7.09
CA LEU D 62 10.21 -14.72 -8.17
C LEU D 62 9.01 -15.07 -9.04
N THR D 63 9.28 -15.22 -10.34
CA THR D 63 8.27 -15.66 -11.32
C THR D 63 8.85 -16.81 -12.13
N MET D 64 8.12 -17.91 -12.22
CA MET D 64 8.67 -19.12 -12.81
C MET D 64 7.64 -20.04 -13.43
N TYR D 65 8.14 -20.91 -14.31
CA TYR D 65 7.37 -22.04 -14.82
C TYR D 65 7.79 -23.26 -14.03
N PHE D 66 6.89 -23.80 -13.23
CA PHE D 66 7.11 -24.93 -12.38
C PHE D 66 6.49 -26.17 -13.02
N GLN D 67 7.35 -27.05 -13.54
CA GLN D 67 6.90 -28.29 -14.18
C GLN D 67 7.13 -29.49 -13.26
N GLN D 68 6.16 -30.40 -13.27
CA GLN D 68 6.24 -31.64 -12.50
C GLN D 68 5.94 -32.84 -13.41
N TYR D 69 6.73 -33.91 -13.25
CA TYR D 69 6.56 -35.14 -14.05
C TYR D 69 6.38 -36.34 -13.12
N TRP D 70 5.29 -37.08 -13.28
CA TRP D 70 5.10 -38.34 -12.56
C TRP D 70 4.36 -39.32 -13.44
N ARG D 71 4.19 -40.55 -12.97
CA ARG D 71 3.52 -41.60 -13.73
C ARG D 71 2.29 -42.12 -13.00
N ASP D 72 1.12 -41.93 -13.60
CA ASP D 72 -0.13 -42.50 -13.10
C ASP D 72 -0.64 -43.51 -14.14
N LYS D 73 -0.49 -44.78 -13.81
CA LYS D 73 -0.86 -45.89 -14.70
C LYS D 73 -2.33 -45.84 -15.12
N ARG D 74 -3.18 -45.29 -14.25
CA ARG D 74 -4.59 -45.07 -14.56
C ARG D 74 -4.81 -44.12 -15.76
N LEU D 75 -3.77 -43.39 -16.20
CA LEU D 75 -3.89 -42.51 -17.37
C LEU D 75 -3.14 -43.02 -18.60
N ALA D 76 -3.00 -44.33 -18.73
CA ALA D 76 -2.35 -44.94 -19.88
C ALA D 76 -3.37 -45.24 -20.96
N TYR D 77 -2.98 -45.02 -22.21
CA TYR D 77 -3.83 -45.28 -23.37
C TYR D 77 -3.00 -45.95 -24.49
N SER D 78 -3.44 -47.11 -24.95
CA SER D 78 -2.67 -47.89 -25.92
C SER D 78 -2.89 -47.43 -27.37
N GLY D 79 -4.16 -47.21 -27.72
CA GLY D 79 -4.58 -46.99 -29.12
C GLY D 79 -3.95 -45.81 -29.83
N ILE D 80 -3.86 -44.68 -29.13
CA ILE D 80 -3.37 -43.43 -29.71
C ILE D 80 -1.83 -43.43 -29.75
N PRO D 81 -1.23 -42.88 -30.84
CA PRO D 81 0.22 -42.84 -31.01
C PRO D 81 0.90 -41.49 -30.69
N LEU D 82 0.16 -40.54 -30.11
CA LEU D 82 0.71 -39.21 -29.84
C LEU D 82 0.39 -38.70 -28.43
N ASN D 83 1.20 -37.72 -27.99
CA ASN D 83 1.04 -37.13 -26.65
C ASN D 83 -0.17 -36.20 -26.63
N LEU D 84 -0.99 -36.30 -25.58
CA LEU D 84 -2.26 -35.57 -25.52
C LEU D 84 -2.16 -34.33 -24.64
N THR D 85 -2.18 -33.14 -25.25
CA THR D 85 -2.33 -31.90 -24.49
C THR D 85 -3.81 -31.61 -24.28
N LEU D 86 -4.23 -31.62 -23.02
CA LEU D 86 -5.63 -31.40 -22.65
C LEU D 86 -5.81 -30.00 -22.07
N ASP D 87 -7.05 -29.53 -22.06
CA ASP D 87 -7.38 -28.23 -21.47
C ASP D 87 -7.01 -28.19 -19.98
N ASN D 88 -6.59 -27.01 -19.51
CA ASN D 88 -6.14 -26.82 -18.12
C ASN D 88 -7.12 -27.35 -17.06
N ARG D 89 -8.42 -27.29 -17.35
CA ARG D 89 -9.47 -27.74 -16.42
C ARG D 89 -9.46 -29.24 -16.06
N VAL D 90 -8.65 -30.05 -16.75
CA VAL D 90 -8.49 -31.46 -16.41
C VAL D 90 -7.80 -31.64 -15.06
N ALA D 91 -6.90 -30.71 -14.70
CA ALA D 91 -6.19 -30.77 -13.41
C ALA D 91 -7.13 -31.02 -12.23
N ASP D 92 -8.29 -30.38 -12.27
CA ASP D 92 -9.29 -30.49 -11.21
C ASP D 92 -9.92 -31.89 -11.07
N GLN D 93 -9.75 -32.75 -12.09
CA GLN D 93 -10.27 -34.13 -12.05
C GLN D 93 -9.14 -35.17 -12.12
N LEU D 94 -7.91 -34.76 -11.78
CA LEU D 94 -6.76 -35.65 -11.68
C LEU D 94 -6.06 -35.49 -10.34
N TRP D 95 -5.26 -36.49 -9.96
CA TRP D 95 -4.38 -36.38 -8.81
C TRP D 95 -3.12 -35.64 -9.22
N VAL D 96 -2.77 -34.62 -8.45
CA VAL D 96 -1.54 -33.85 -8.63
C VAL D 96 -0.75 -33.85 -7.33
N PRO D 97 0.62 -33.82 -7.41
CA PRO D 97 1.32 -33.77 -6.12
C PRO D 97 1.04 -32.53 -5.27
N ASP D 98 1.01 -32.70 -3.95
CA ASP D 98 0.73 -31.62 -3.00
C ASP D 98 1.98 -30.80 -2.70
N THR D 99 2.58 -30.29 -3.77
CA THR D 99 3.86 -29.62 -3.69
C THR D 99 3.62 -28.19 -3.27
N TYR D 100 4.39 -27.73 -2.28
CA TYR D 100 4.31 -26.32 -1.84
C TYR D 100 5.70 -25.75 -1.63
N PHE D 101 5.75 -24.44 -1.41
CA PHE D 101 7.01 -23.73 -1.22
C PHE D 101 7.14 -23.34 0.23
N LEU D 102 8.05 -24.01 0.93
CA LEU D 102 8.14 -23.92 2.38
C LEU D 102 8.30 -22.50 2.90
N ASN D 103 9.13 -21.72 2.20
CA ASN D 103 9.52 -20.39 2.64
C ASN D 103 8.83 -19.27 1.85
N ASP D 104 7.65 -19.54 1.29
CA ASP D 104 6.91 -18.49 0.61
C ASP D 104 6.07 -17.70 1.62
N LYS D 105 5.88 -16.42 1.36
CA LYS D 105 5.01 -15.58 2.17
C LYS D 105 3.65 -15.44 1.48
N LYS D 106 3.67 -15.18 0.18
CA LYS D 106 2.45 -15.05 -0.63
C LYS D 106 2.77 -15.48 -2.04
N SER D 107 2.05 -16.49 -2.53
CA SER D 107 2.22 -16.97 -3.90
C SER D 107 0.88 -17.12 -4.57
N PHE D 108 0.87 -17.03 -5.90
CA PHE D 108 -0.32 -17.33 -6.68
C PHE D 108 0.00 -17.94 -8.04
N VAL D 109 -1.01 -18.53 -8.66
CA VAL D 109 -0.92 -19.08 -10.00
C VAL D 109 -1.71 -18.19 -10.93
N HIS D 110 -1.04 -17.68 -11.97
CA HIS D 110 -1.61 -16.71 -12.89
C HIS D 110 -2.91 -17.25 -13.51
N GLY D 111 -3.89 -16.36 -13.68
CA GLY D 111 -5.24 -16.71 -14.12
C GLY D 111 -5.71 -16.20 -15.47
N VAL D 112 -4.94 -15.29 -16.08
CA VAL D 112 -5.36 -14.63 -17.31
C VAL D 112 -4.62 -15.21 -18.52
N THR D 113 -5.29 -15.48 -19.64
CA THR D 113 -6.75 -15.39 -19.82
C THR D 113 -7.44 -16.61 -19.20
N VAL D 114 -6.73 -17.73 -19.16
CA VAL D 114 -7.15 -18.94 -18.49
C VAL D 114 -6.12 -19.24 -17.41
N LYS D 115 -6.49 -20.05 -16.41
CA LYS D 115 -5.53 -20.48 -15.40
C LYS D 115 -4.27 -21.04 -16.06
N ASN D 116 -3.10 -20.52 -15.69
CA ASN D 116 -1.86 -20.86 -16.38
C ASN D 116 -1.32 -22.21 -15.93
N ARG D 117 -1.98 -23.28 -16.36
CA ARG D 117 -1.53 -24.63 -16.04
C ARG D 117 -1.66 -25.52 -17.27
N MET D 118 -0.65 -26.37 -17.48
CA MET D 118 -0.59 -27.24 -18.66
C MET D 118 -0.56 -28.69 -18.22
N ILE D 119 -1.38 -29.52 -18.87
CA ILE D 119 -1.31 -30.97 -18.76
C ILE D 119 -1.03 -31.59 -20.12
N ARG D 120 0.06 -32.35 -20.16
CA ARG D 120 0.42 -33.14 -21.33
C ARG D 120 0.54 -34.60 -20.90
N LEU D 121 -0.28 -35.46 -21.52
CA LEU D 121 -0.28 -36.88 -21.22
C LEU D 121 0.48 -37.65 -22.29
N HIS D 122 0.98 -38.82 -21.87
CA HIS D 122 1.72 -39.74 -22.72
C HIS D 122 1.07 -41.13 -22.56
N PRO D 123 1.11 -41.96 -23.63
CA PRO D 123 0.49 -43.31 -23.56
C PRO D 123 1.05 -44.19 -22.43
N ASP D 124 2.33 -43.96 -22.10
CA ASP D 124 2.97 -44.49 -20.89
C ASP D 124 2.13 -44.31 -19.59
N GLY D 125 1.39 -43.22 -19.49
CA GLY D 125 0.74 -42.81 -18.24
C GLY D 125 1.48 -41.68 -17.55
N THR D 126 2.56 -41.20 -18.17
CA THR D 126 3.35 -40.10 -17.66
C THR D 126 2.59 -38.80 -17.83
N VAL D 127 2.64 -37.96 -16.80
CA VAL D 127 1.96 -36.67 -16.77
C VAL D 127 2.99 -35.56 -16.71
N LEU D 128 2.77 -34.51 -17.50
CA LEU D 128 3.57 -33.29 -17.39
C LEU D 128 2.64 -32.17 -16.92
N TYR D 129 2.87 -31.69 -15.70
CA TYR D 129 1.98 -30.67 -15.09
C TYR D 129 2.74 -29.38 -14.90
N GLY D 130 2.50 -28.43 -15.80
CA GLY D 130 3.20 -27.13 -15.76
C GLY D 130 2.35 -26.07 -15.10
N LEU D 131 2.95 -25.24 -14.25
CA LEU D 131 2.26 -24.10 -13.62
C LEU D 131 3.10 -22.84 -13.73
N ARG D 132 2.48 -21.70 -14.03
CA ARG D 132 3.22 -20.42 -13.97
C ARG D 132 2.93 -19.73 -12.66
N ILE D 133 3.97 -19.55 -11.85
CA ILE D 133 3.80 -19.14 -10.45
C ILE D 133 4.66 -17.92 -10.18
N THR D 134 4.14 -17.01 -9.35
CA THR D 134 4.96 -15.95 -8.77
C THR D 134 4.91 -16.08 -7.27
N THR D 135 6.08 -16.22 -6.65
CA THR D 135 6.17 -16.37 -5.20
C THR D 135 6.90 -15.15 -4.66
N THR D 136 6.56 -14.68 -3.47
CA THR D 136 7.47 -13.79 -2.74
C THR D 136 7.94 -14.63 -1.56
N ALA D 137 9.21 -15.03 -1.57
CA ALA D 137 9.73 -15.96 -0.56
C ALA D 137 10.70 -15.26 0.35
N ALA D 138 10.77 -15.75 1.59
CA ALA D 138 11.61 -15.14 2.62
C ALA D 138 13.09 -15.38 2.30
N CYS D 139 13.90 -14.34 2.49
CA CYS D 139 15.34 -14.42 2.27
C CYS D 139 16.04 -13.63 3.36
N MET D 140 16.29 -14.27 4.51
CA MET D 140 17.00 -13.63 5.63
C MET D 140 18.34 -13.11 5.15
N MET D 141 18.65 -11.85 5.49
CA MET D 141 19.82 -11.18 4.93
C MET D 141 20.82 -10.82 6.02
N ASP D 142 22.09 -11.07 5.71
CA ASP D 142 23.20 -10.73 6.57
C ASP D 142 23.78 -9.41 6.03
N LEU D 143 23.27 -8.31 6.56
CA LEU D 143 23.69 -6.98 6.12
C LEU D 143 24.94 -6.46 6.84
N ARG D 144 25.73 -7.34 7.46
CA ARG D 144 26.93 -6.92 8.18
C ARG D 144 27.96 -6.27 7.24
N ARG D 145 28.15 -6.87 6.07
CA ARG D 145 29.09 -6.34 5.07
C ARG D 145 28.44 -5.38 4.06
N TYR D 146 27.21 -4.94 4.33
CA TYR D 146 26.48 -4.04 3.43
C TYR D 146 27.25 -2.71 3.26
N PRO D 147 27.31 -2.12 2.06
CA PRO D 147 26.72 -2.62 0.83
C PRO D 147 27.69 -3.43 -0.06
N LEU D 148 28.79 -3.91 0.53
CA LEU D 148 29.69 -4.84 -0.14
C LEU D 148 29.39 -6.28 0.28
N ASP D 149 28.10 -6.58 0.41
CA ASP D 149 27.63 -7.88 0.86
C ASP D 149 27.18 -8.72 -0.31
N GLU D 150 26.87 -9.97 0.00
CA GLU D 150 26.14 -10.83 -0.91
C GLU D 150 25.26 -11.76 -0.10
N GLN D 151 24.15 -12.16 -0.69
CA GLN D 151 23.11 -12.91 -0.01
C GLN D 151 22.85 -14.24 -0.71
N ASN D 152 22.25 -15.15 0.05
CA ASN D 152 21.86 -16.48 -0.41
C ASN D 152 20.36 -16.63 -0.21
N CYS D 153 19.61 -16.40 -1.30
CA CYS D 153 18.15 -16.60 -1.31
C CYS D 153 17.81 -17.96 -1.88
N THR D 154 16.84 -18.62 -1.25
CA THR D 154 16.46 -19.97 -1.61
C THR D 154 14.97 -20.11 -1.89
N LEU D 155 14.61 -21.21 -2.56
CA LEU D 155 13.22 -21.60 -2.72
C LEU D 155 13.10 -23.08 -2.35
N GLU D 156 12.54 -23.35 -1.19
CA GLU D 156 12.45 -24.69 -0.64
C GLU D 156 11.15 -25.36 -1.11
N ILE D 157 11.29 -26.48 -1.82
CA ILE D 157 10.19 -27.21 -2.41
C ILE D 157 10.02 -28.51 -1.66
N GLU D 158 8.79 -28.76 -1.22
CA GLU D 158 8.46 -29.93 -0.41
C GLU D 158 6.99 -30.33 -0.63
N SER D 159 6.65 -31.57 -0.28
CA SER D 159 5.26 -32.05 -0.27
C SER D 159 4.64 -31.83 1.10
N TYR D 160 3.38 -31.42 1.12
CA TYR D 160 2.74 -31.03 2.38
C TYR D 160 2.34 -32.21 3.26
N GLY D 161 1.62 -33.17 2.68
CA GLY D 161 1.06 -34.30 3.43
C GLY D 161 1.72 -35.65 3.25
N TYR D 162 2.28 -35.89 2.06
CA TYR D 162 2.83 -37.19 1.72
C TYR D 162 4.27 -37.30 2.16
N THR D 163 4.59 -38.35 2.93
CA THR D 163 5.96 -38.58 3.41
C THR D 163 6.80 -39.28 2.34
N THR D 164 8.08 -39.52 2.65
CA THR D 164 8.96 -40.28 1.74
C THR D 164 8.48 -41.69 1.44
N ASP D 165 7.63 -42.25 2.31
CA ASP D 165 6.94 -43.51 2.02
C ASP D 165 5.95 -43.41 0.86
N ASP D 166 5.48 -42.20 0.55
CA ASP D 166 4.51 -42.00 -0.51
C ASP D 166 4.97 -41.12 -1.69
N ILE D 167 5.92 -40.21 -1.45
CA ILE D 167 6.44 -39.33 -2.50
C ILE D 167 7.97 -39.24 -2.42
N GLU D 168 8.61 -39.19 -3.59
CA GLU D 168 10.03 -38.88 -3.72
C GLU D 168 10.21 -37.79 -4.77
N PHE D 169 11.15 -36.88 -4.51
CA PHE D 169 11.47 -35.80 -5.42
C PHE D 169 12.88 -35.96 -6.00
N TYR D 170 13.04 -35.47 -7.22
CA TYR D 170 14.33 -35.40 -7.89
C TYR D 170 14.31 -34.28 -8.93
N TRP D 171 15.45 -33.64 -9.11
CA TRP D 171 15.60 -32.61 -10.13
C TRP D 171 15.70 -33.26 -11.49
N ARG D 172 14.65 -33.15 -12.29
CA ARG D 172 14.61 -33.80 -13.60
C ARG D 172 15.64 -33.20 -14.54
N GLY D 173 16.74 -33.92 -14.72
CA GLY D 173 17.89 -33.47 -15.49
C GLY D 173 19.06 -32.99 -14.63
N GLY D 174 19.03 -33.28 -13.33
CA GLY D 174 20.13 -32.94 -12.43
C GLY D 174 20.45 -31.46 -12.44
N ASP D 175 21.71 -31.13 -12.66
CA ASP D 175 22.16 -29.73 -12.70
C ASP D 175 21.50 -28.88 -13.79
N LYS D 176 20.98 -29.52 -14.85
CA LYS D 176 20.28 -28.80 -15.91
C LYS D 176 18.78 -28.65 -15.69
N ALA D 177 18.29 -28.91 -14.48
CA ALA D 177 16.84 -28.88 -14.19
C ALA D 177 16.23 -27.49 -14.06
N VAL D 178 17.07 -26.48 -13.82
CA VAL D 178 16.62 -25.11 -13.69
C VAL D 178 17.16 -24.30 -14.86
N THR D 179 16.31 -23.46 -15.44
CA THR D 179 16.71 -22.57 -16.54
C THR D 179 16.23 -21.15 -16.24
N GLY D 180 16.92 -20.16 -16.80
CA GLY D 180 16.48 -18.77 -16.74
C GLY D 180 17.23 -17.89 -15.77
N VAL D 181 18.08 -18.46 -14.94
CA VAL D 181 19.02 -17.67 -14.12
C VAL D 181 19.73 -16.59 -14.94
N GLU D 182 19.91 -16.87 -16.23
CA GLU D 182 20.60 -15.98 -17.16
C GLU D 182 19.70 -14.79 -17.56
N ARG D 183 18.40 -15.04 -17.63
CA ARG D 183 17.37 -14.01 -17.83
C ARG D 183 17.19 -13.00 -16.70
N ILE D 184 17.64 -13.31 -15.48
CA ILE D 184 17.37 -12.43 -14.33
C ILE D 184 18.11 -11.11 -14.47
N GLU D 185 17.37 -10.02 -14.29
CA GLU D 185 17.86 -8.66 -14.49
C GLU D 185 17.38 -7.85 -13.30
N LEU D 186 18.28 -7.57 -12.36
CA LEU D 186 17.98 -6.78 -11.18
C LEU D 186 18.84 -5.52 -11.19
N PRO D 187 18.24 -4.37 -10.86
CA PRO D 187 19.00 -3.12 -10.89
C PRO D 187 20.19 -3.11 -9.92
N GLN D 188 20.00 -3.66 -8.72
CA GLN D 188 20.95 -3.55 -7.62
C GLN D 188 21.83 -4.79 -7.41
N PHE D 189 21.43 -5.94 -7.97
CA PHE D 189 22.13 -7.21 -7.76
C PHE D 189 22.53 -7.87 -9.07
N SER D 190 23.31 -8.95 -8.95
CA SER D 190 23.61 -9.83 -10.07
C SER D 190 23.84 -11.26 -9.55
N ILE D 191 23.33 -12.25 -10.28
CA ILE D 191 23.34 -13.63 -9.83
C ILE D 191 24.70 -14.24 -10.18
N VAL D 192 25.54 -14.47 -9.17
CA VAL D 192 26.90 -14.96 -9.41
C VAL D 192 26.89 -16.48 -9.65
N GLU D 193 26.12 -17.22 -8.86
CA GLU D 193 25.89 -18.65 -9.11
C GLU D 193 24.54 -19.12 -8.57
N HIS D 194 24.20 -20.35 -8.92
CA HIS D 194 23.01 -21.02 -8.38
C HIS D 194 23.32 -22.48 -8.09
N ARG D 195 22.54 -23.09 -7.20
CA ARG D 195 22.76 -24.47 -6.78
C ARG D 195 21.45 -25.21 -6.59
N LEU D 196 21.44 -26.48 -7.01
CA LEU D 196 20.31 -27.37 -6.79
C LEU D 196 20.71 -28.42 -5.77
N VAL D 197 19.78 -28.73 -4.86
CA VAL D 197 20.02 -29.70 -3.80
C VAL D 197 18.80 -30.59 -3.65
N SER D 198 19.03 -31.83 -3.23
CA SER D 198 17.96 -32.78 -2.93
C SER D 198 18.21 -33.34 -1.54
N ARG D 199 17.22 -33.25 -0.67
CA ARG D 199 17.35 -33.73 0.72
C ARG D 199 16.06 -34.36 1.19
N ASN D 200 16.13 -35.06 2.32
CA ASN D 200 14.94 -35.55 3.01
C ASN D 200 14.98 -34.94 4.41
N VAL D 201 13.96 -34.15 4.76
CA VAL D 201 13.94 -33.48 6.08
C VAL D 201 12.95 -34.17 7.01
N VAL D 202 13.25 -34.15 8.31
CA VAL D 202 12.53 -34.93 9.30
C VAL D 202 11.73 -34.01 10.22
N PHE D 203 10.40 -34.13 10.16
CA PHE D 203 9.50 -33.47 11.10
C PHE D 203 8.94 -34.51 12.07
N ALA D 204 8.19 -34.04 13.07
CA ALA D 204 7.49 -34.92 14.01
C ALA D 204 6.47 -35.84 13.33
N THR D 205 5.83 -35.32 12.27
CA THR D 205 4.86 -36.09 11.49
C THR D 205 5.49 -37.08 10.50
N GLY D 206 6.81 -37.06 10.35
CA GLY D 206 7.53 -38.00 9.47
C GLY D 206 8.62 -37.32 8.67
N ALA D 207 9.22 -38.07 7.75
CA ALA D 207 10.28 -37.58 6.87
C ALA D 207 9.73 -37.25 5.48
N TYR D 208 9.99 -36.03 5.03
CA TYR D 208 9.48 -35.53 3.77
C TYR D 208 10.61 -35.20 2.79
N PRO D 209 10.33 -35.27 1.48
CA PRO D 209 11.34 -34.93 0.49
C PRO D 209 11.40 -33.42 0.27
N ARG D 210 12.61 -32.92 0.03
CA ARG D 210 12.82 -31.50 -0.22
C ARG D 210 13.82 -31.26 -1.34
N LEU D 211 13.52 -30.26 -2.16
CA LEU D 211 14.46 -29.74 -3.14
C LEU D 211 14.69 -28.25 -2.89
N SER D 212 15.97 -27.84 -2.90
CA SER D 212 16.33 -26.43 -2.64
C SER D 212 17.00 -25.82 -3.85
N LEU D 213 16.37 -24.77 -4.38
CA LEU D 213 16.99 -23.90 -5.39
C LEU D 213 17.60 -22.72 -4.65
N SER D 214 18.83 -22.38 -5.01
CA SER D 214 19.58 -21.33 -4.32
C SER D 214 20.16 -20.34 -5.33
N PHE D 215 20.14 -19.05 -4.98
CA PHE D 215 20.91 -18.05 -5.72
C PHE D 215 21.90 -17.32 -4.83
N ARG D 216 22.99 -16.82 -5.39
CA ARG D 216 23.91 -15.96 -4.65
C ARG D 216 23.90 -14.57 -5.30
N LEU D 217 23.43 -13.57 -4.55
CA LEU D 217 23.22 -12.22 -5.12
C LEU D 217 24.36 -11.29 -4.70
N LYS D 218 25.16 -10.83 -5.67
CA LYS D 218 26.23 -9.86 -5.41
C LYS D 218 25.68 -8.47 -5.67
N ARG D 219 25.75 -7.61 -4.66
CA ARG D 219 25.22 -6.25 -4.76
C ARG D 219 26.18 -5.33 -5.51
N ASN D 220 25.63 -4.55 -6.45
CA ASN D 220 26.42 -3.50 -7.13
C ASN D 220 26.48 -2.27 -6.26
N ILE D 221 27.60 -1.56 -6.32
CA ILE D 221 27.88 -0.45 -5.40
C ILE D 221 27.46 0.90 -6.01
N GLY D 222 27.21 0.91 -7.32
CA GLY D 222 26.89 2.13 -8.06
C GLY D 222 25.89 3.05 -7.39
N TYR D 223 24.78 2.50 -6.95
CA TYR D 223 23.73 3.28 -6.29
C TYR D 223 24.21 4.01 -5.03
N PHE D 224 25.20 3.44 -4.33
CA PHE D 224 25.57 3.90 -2.98
C PHE D 224 26.73 4.87 -3.01
N VAL D 225 27.61 4.71 -3.99
CA VAL D 225 28.63 5.71 -4.23
C VAL D 225 27.98 7.06 -4.62
N ILE D 226 26.84 7.02 -5.30
CA ILE D 226 26.11 8.24 -5.65
C ILE D 226 25.32 8.80 -4.47
N GLN D 227 24.61 7.94 -3.73
CA GLN D 227 23.68 8.41 -2.69
C GLN D 227 24.20 8.45 -1.24
N THR D 228 25.37 7.88 -1.00
CA THR D 228 25.95 7.83 0.35
C THR D 228 27.44 8.18 0.37
N TYR D 229 28.25 7.49 -0.44
CA TYR D 229 29.70 7.60 -0.27
C TYR D 229 30.23 8.94 -0.69
N LEU D 230 29.85 9.41 -1.88
CA LEU D 230 30.30 10.74 -2.32
C LEU D 230 29.83 11.88 -1.42
N PRO D 231 28.52 11.90 -1.06
CA PRO D 231 28.10 12.88 -0.05
C PRO D 231 28.95 12.85 1.24
N CYS D 232 29.21 11.65 1.76
CA CYS D 232 30.05 11.53 2.96
C CYS D 232 31.49 12.04 2.73
N ILE D 233 32.11 11.55 1.67
CA ILE D 233 33.49 11.91 1.31
C ILE D 233 33.62 13.41 1.07
N MET D 234 32.64 14.02 0.42
CA MET D 234 32.66 15.46 0.15
C MET D 234 32.29 16.30 1.35
N THR D 235 31.42 15.77 2.21
CA THR D 235 31.14 16.44 3.48
C THR D 235 32.36 16.41 4.42
N VAL D 236 33.19 15.37 4.33
CA VAL D 236 34.48 15.38 5.06
C VAL D 236 35.46 16.42 4.48
N ILE D 237 35.60 16.44 3.17
CA ILE D 237 36.46 17.42 2.49
C ILE D 237 35.97 18.85 2.79
N LEU D 238 34.65 19.05 2.79
CA LEU D 238 34.08 20.36 3.12
C LEU D 238 34.48 20.81 4.53
N SER D 239 34.47 19.91 5.50
CA SER D 239 34.85 20.24 6.88
C SER D 239 36.30 20.71 6.97
N GLN D 240 37.16 20.16 6.11
CA GLN D 240 38.58 20.47 6.11
C GLN D 240 38.95 21.78 5.42
N VAL D 241 37.98 22.45 4.77
CA VAL D 241 38.20 23.79 4.22
C VAL D 241 38.49 24.80 5.34
N SER D 242 37.83 24.65 6.49
CA SER D 242 38.03 25.55 7.64
C SER D 242 39.48 25.64 8.13
N PHE D 243 40.30 24.63 7.84
CA PHE D 243 41.74 24.70 8.12
C PHE D 243 42.46 25.78 7.30
N TRP D 244 41.92 26.16 6.15
CA TRP D 244 42.54 27.17 5.29
C TRP D 244 41.96 28.57 5.47
N LEU D 245 41.37 28.84 6.64
CA LEU D 245 40.95 30.18 7.05
C LEU D 245 41.69 30.54 8.32
N ASN D 246 42.11 31.80 8.42
CA ASN D 246 42.78 32.29 9.62
C ASN D 246 41.86 32.09 10.83
N ARG D 247 42.49 31.77 11.97
CA ARG D 247 41.73 31.38 13.18
C ARG D 247 40.85 32.49 13.74
N GLU D 248 41.16 33.72 13.40
CA GLU D 248 40.35 34.89 13.74
C GLU D 248 38.97 34.93 13.09
N SER D 249 38.75 34.20 11.99
CA SER D 249 37.39 34.08 11.38
C SER D 249 36.56 33.05 12.14
N VAL D 250 36.23 33.39 13.39
CA VAL D 250 35.54 32.48 14.30
C VAL D 250 34.17 32.06 13.75
N PRO D 251 33.31 33.04 13.38
CA PRO D 251 32.00 32.63 12.88
C PRO D 251 32.07 31.75 11.61
N ALA D 252 32.92 32.13 10.66
CA ALA D 252 33.08 31.33 9.44
C ALA D 252 33.42 29.88 9.76
N ARG D 253 34.44 29.68 10.59
CA ARG D 253 34.91 28.33 10.94
C ARG D 253 33.95 27.53 11.82
N THR D 254 33.05 28.20 12.54
CA THR D 254 31.97 27.50 13.25
C THR D 254 30.88 27.03 12.30
N VAL D 255 30.61 27.81 11.25
CA VAL D 255 29.63 27.40 10.24
C VAL D 255 30.12 26.10 9.57
N PHE D 256 31.36 26.11 9.09
CA PHE D 256 31.99 24.89 8.55
C PHE D 256 31.89 23.72 9.49
N GLY D 257 32.09 23.95 10.78
CA GLY D 257 32.05 22.90 11.79
C GLY D 257 30.65 22.35 12.05
N VAL D 258 29.73 23.25 12.38
CA VAL D 258 28.37 22.88 12.74
C VAL D 258 27.65 22.23 11.55
N THR D 259 27.67 22.90 10.39
CA THR D 259 26.90 22.40 9.25
C THR D 259 27.37 21.00 8.83
N THR D 260 28.69 20.82 8.72
CA THR D 260 29.25 19.53 8.34
C THR D 260 28.94 18.44 9.39
N VAL D 261 28.94 18.80 10.67
CA VAL D 261 28.58 17.87 11.73
C VAL D 261 27.10 17.47 11.61
N LEU D 262 26.22 18.45 11.41
CA LEU D 262 24.78 18.13 11.30
C LEU D 262 24.43 17.37 10.02
N THR D 263 25.00 17.78 8.89
CA THR D 263 24.76 17.05 7.65
C THR D 263 25.35 15.64 7.66
N MET D 264 26.24 15.34 8.61
CA MET D 264 26.74 13.97 8.74
C MET D 264 25.76 13.08 9.51
N THR D 265 25.11 13.59 10.56
CA THR D 265 24.10 12.80 11.29
C THR D 265 22.91 12.46 10.37
N THR D 266 22.48 13.46 9.59
CA THR D 266 21.32 13.26 8.72
C THR D 266 21.61 12.26 7.60
N LEU D 267 22.86 12.17 7.15
CA LEU D 267 23.28 11.09 6.23
C LEU D 267 23.22 9.73 6.93
N SER D 268 23.80 9.63 8.12
CA SER D 268 23.75 8.38 8.89
C SER D 268 22.32 7.94 9.19
N ILE D 269 21.41 8.89 9.40
CA ILE D 269 20.00 8.56 9.61
C ILE D 269 19.32 8.18 8.28
N SER D 270 19.46 9.03 7.26
CA SER D 270 18.78 8.79 5.98
C SER D 270 19.27 7.51 5.29
N ALA D 271 20.55 7.18 5.44
CA ALA D 271 21.10 5.91 4.90
C ALA D 271 20.53 4.69 5.62
N ARG D 272 20.33 4.82 6.92
CA ARG D 272 19.77 3.75 7.74
C ARG D 272 18.25 3.56 7.52
N ASN D 273 17.59 4.55 6.92
CA ASN D 273 16.13 4.51 6.64
C ASN D 273 15.70 3.59 5.50
N SER D 274 16.60 3.29 4.57
CA SER D 274 16.30 2.35 3.48
C SER D 274 16.54 0.86 3.84
N LEU D 275 16.95 0.58 5.08
CA LEU D 275 17.27 -0.77 5.54
C LEU D 275 16.29 -1.26 6.60
N PRO D 276 16.34 -2.57 6.94
CA PRO D 276 15.56 -3.06 8.08
C PRO D 276 16.17 -2.60 9.40
N LYS D 277 15.39 -2.72 10.48
CA LYS D 277 15.76 -2.20 11.79
C LYS D 277 16.67 -3.18 12.55
N VAL D 278 17.77 -3.55 11.91
CA VAL D 278 18.70 -4.56 12.45
C VAL D 278 19.50 -3.97 13.60
N ALA D 279 19.92 -4.84 14.52
CA ALA D 279 20.61 -4.43 15.74
C ALA D 279 22.13 -4.40 15.63
N TYR D 280 22.69 -4.83 14.51
CA TYR D 280 24.15 -4.79 14.30
C TYR D 280 24.55 -3.58 13.45
N ALA D 281 25.85 -3.35 13.33
CA ALA D 281 26.39 -2.23 12.59
C ALA D 281 26.91 -2.69 11.24
N THR D 282 26.48 -2.02 10.17
CA THR D 282 26.86 -2.38 8.81
C THR D 282 28.21 -1.77 8.46
N ALA D 283 28.88 -2.34 7.46
CA ALA D 283 30.12 -1.75 6.93
C ALA D 283 29.95 -0.27 6.53
N MET D 284 28.75 0.09 6.05
CA MET D 284 28.40 1.49 5.81
C MET D 284 28.33 2.33 7.10
N ASP D 285 27.77 1.74 8.16
CA ASP D 285 27.62 2.46 9.43
C ASP D 285 29.00 2.84 10.01
N TRP D 286 29.97 1.95 9.88
CA TRP D 286 31.36 2.25 10.27
C TRP D 286 31.97 3.35 9.42
N PHE D 287 31.83 3.23 8.10
CA PHE D 287 32.29 4.28 7.19
C PHE D 287 31.71 5.64 7.56
N ILE D 288 30.40 5.70 7.76
CA ILE D 288 29.76 6.97 8.17
C ILE D 288 30.24 7.41 9.56
N ALA D 289 30.40 6.46 10.47
CA ALA D 289 30.90 6.76 11.82
C ALA D 289 32.28 7.41 11.75
N VAL D 290 33.20 6.82 10.99
CA VAL D 290 34.55 7.36 10.85
C VAL D 290 34.49 8.76 10.24
N CYS D 291 33.72 8.91 9.17
CA CYS D 291 33.46 10.24 8.59
C CYS D 291 32.99 11.23 9.67
N TYR D 292 32.07 10.80 10.53
CA TYR D 292 31.66 11.64 11.66
C TYR D 292 32.86 12.07 12.54
N ALA D 293 33.78 11.12 12.79
CA ALA D 293 34.98 11.41 13.57
C ALA D 293 35.84 12.51 12.92
N PHE D 294 36.09 12.37 11.62
CA PHE D 294 36.89 13.38 10.89
C PHE D 294 36.27 14.78 10.87
N VAL D 295 34.94 14.83 10.84
CA VAL D 295 34.22 16.10 10.85
C VAL D 295 34.15 16.70 12.25
N PHE D 296 33.87 15.87 13.25
CA PHE D 296 33.85 16.37 14.64
C PHE D 296 35.24 16.79 15.11
N SER D 297 36.25 16.03 14.70
CA SER D 297 37.64 16.38 14.98
C SER D 297 38.02 17.69 14.33
N ALA D 298 37.62 17.89 13.08
CA ALA D 298 37.87 19.16 12.40
C ALA D 298 37.30 20.36 13.17
N LEU D 299 36.17 20.15 13.86
CA LEU D 299 35.59 21.18 14.71
C LEU D 299 36.32 21.32 16.03
N ILE D 300 36.53 20.19 16.73
CA ILE D 300 37.29 20.23 18.01
C ILE D 300 38.68 20.89 17.83
N GLU D 301 39.34 20.58 16.71
CA GLU D 301 40.59 21.19 16.33
C GLU D 301 40.44 22.71 16.33
N PHE D 302 39.40 23.21 15.65
CA PHE D 302 39.17 24.67 15.57
C PHE D 302 38.87 25.23 16.96
N ALA D 303 38.01 24.53 17.71
CA ALA D 303 37.68 24.95 19.07
C ALA D 303 38.93 25.08 19.95
N THR D 304 39.83 24.11 19.84
CA THR D 304 41.12 24.14 20.55
C THR D 304 42.01 25.29 20.04
N VAL D 305 42.19 25.37 18.73
CA VAL D 305 42.98 26.46 18.13
C VAL D 305 42.49 27.85 18.60
N ASN D 306 41.18 28.04 18.60
CA ASN D 306 40.58 29.26 19.10
C ASN D 306 40.84 29.47 20.59
N TYR D 307 40.90 28.38 21.36
CA TYR D 307 41.15 28.46 22.81
C TYR D 307 42.60 28.84 23.13
N PHE D 308 43.53 28.52 22.22
CA PHE D 308 44.95 28.89 22.39
C PHE D 308 45.43 30.08 21.54
N THR D 309 44.53 30.70 20.77
CA THR D 309 44.91 31.80 19.87
C THR D 309 45.59 33.01 20.53
N LYS D 310 45.38 33.21 21.83
CA LYS D 310 46.11 34.20 22.62
C LYS D 310 47.04 33.60 23.68
N SER D 311 46.64 32.48 24.29
CA SER D 311 47.49 31.76 25.24
C SER D 311 48.79 31.30 24.60
N GLN D 312 48.69 30.55 23.49
CA GLN D 312 49.87 29.95 22.86
C GLN D 312 49.85 30.12 21.33
N PRO D 313 49.78 31.39 20.86
CA PRO D 313 49.57 31.68 19.42
C PRO D 313 50.50 30.96 18.44
N ALA D 314 51.73 30.67 18.86
CA ALA D 314 52.66 29.87 18.06
C ALA D 314 52.12 28.46 17.80
N ARG D 315 51.69 27.79 18.87
CA ARG D 315 51.22 26.41 18.78
C ARG D 315 49.95 26.33 17.93
N ALA D 316 49.01 27.21 18.27
CA ALA D 316 47.73 27.31 17.56
C ALA D 316 47.92 27.42 16.04
N ALA D 317 48.82 28.29 15.61
CA ALA D 317 49.16 28.43 14.19
C ALA D 317 49.82 27.17 13.61
N LYS D 318 50.58 26.43 14.43
CA LYS D 318 51.21 25.18 13.97
C LYS D 318 50.16 24.05 13.79
N ILE D 319 49.21 23.99 14.72
CA ILE D 319 48.15 22.99 14.66
C ILE D 319 47.41 23.10 13.33
N ASP D 320 46.98 24.31 12.96
CA ASP D 320 46.34 24.53 11.66
C ASP D 320 47.17 24.01 10.50
N LYS D 321 48.44 24.44 10.46
CA LYS D 321 49.34 24.05 9.38
C LYS D 321 49.60 22.54 9.33
N MET D 322 49.59 21.86 10.48
CA MET D 322 49.66 20.38 10.45
C MET D 322 48.35 19.70 10.02
N SER D 323 47.24 20.18 10.58
CA SER D 323 45.91 19.66 10.27
C SER D 323 45.62 19.68 8.78
N ARG D 324 46.02 20.75 8.10
CA ARG D 324 45.87 20.85 6.64
C ARG D 324 46.51 19.69 5.87
N ILE D 325 47.43 18.97 6.50
CA ILE D 325 48.10 17.83 5.84
C ILE D 325 47.75 16.48 6.48
N VAL D 326 47.63 16.43 7.81
CA VAL D 326 47.28 15.19 8.52
C VAL D 326 45.90 14.65 8.12
N PHE D 327 44.90 15.53 8.16
CA PHE D 327 43.51 15.16 7.93
C PHE D 327 43.26 14.48 6.57
N PRO D 328 43.63 15.17 5.46
CA PRO D 328 43.42 14.53 4.17
C PRO D 328 44.22 13.23 3.97
N ILE D 329 45.46 13.19 4.45
CA ILE D 329 46.29 11.98 4.33
C ILE D 329 45.67 10.82 5.10
N LEU D 330 45.31 11.08 6.38
CA LEU D 330 44.65 10.06 7.19
C LEU D 330 43.31 9.63 6.57
N PHE D 331 42.50 10.58 6.13
CA PHE D 331 41.22 10.22 5.51
C PHE D 331 41.41 9.40 4.23
N GLY D 332 42.42 9.77 3.44
CA GLY D 332 42.78 9.05 2.24
C GLY D 332 43.25 7.62 2.53
N THR D 333 44.17 7.48 3.47
CA THR D 333 44.69 6.14 3.82
C THR D 333 43.61 5.28 4.49
N PHE D 334 42.75 5.90 5.30
CA PHE D 334 41.61 5.19 5.88
C PHE D 334 40.72 4.56 4.79
N ASN D 335 40.39 5.33 3.75
CA ASN D 335 39.60 4.81 2.63
C ASN D 335 40.26 3.59 2.00
N LEU D 336 41.55 3.72 1.66
CA LEU D 336 42.32 2.63 1.06
C LEU D 336 42.25 1.34 1.91
N VAL D 337 42.34 1.49 3.23
CA VAL D 337 42.21 0.34 4.15
C VAL D 337 40.76 -0.20 4.18
N TYR D 338 39.80 0.71 4.37
CA TYR D 338 38.36 0.35 4.39
C TYR D 338 37.95 -0.44 3.15
N TRP D 339 38.20 0.12 1.96
CA TRP D 339 37.79 -0.55 0.70
C TRP D 339 38.48 -1.92 0.54
N ALA D 340 39.78 -1.97 0.83
CA ALA D 340 40.54 -3.22 0.78
C ALA D 340 40.02 -4.28 1.76
N THR D 341 39.70 -3.87 3.00
CA THR D 341 39.09 -4.80 3.99
C THR D 341 37.80 -5.45 3.50
N TYR D 342 36.99 -4.69 2.75
CA TYR D 342 35.70 -5.19 2.24
C TYR D 342 35.70 -5.52 0.71
N LEU D 343 36.88 -5.54 0.09
CA LEU D 343 37.05 -6.03 -1.29
C LEU D 343 38.24 -6.97 -1.44
N MET E 12 -5.97 -50.93 -5.33
CA MET E 12 -6.55 -49.55 -5.25
C MET E 12 -8.07 -49.52 -5.31
N SER E 13 -8.66 -50.38 -6.15
CA SER E 13 -10.12 -50.42 -6.32
C SER E 13 -10.82 -50.74 -5.01
N PHE E 14 -10.28 -51.72 -4.26
CA PHE E 14 -10.83 -52.10 -2.96
C PHE E 14 -10.83 -50.90 -2.00
N VAL E 15 -9.72 -50.17 -1.99
CA VAL E 15 -9.56 -49.02 -1.12
C VAL E 15 -10.57 -47.95 -1.52
N LYS E 16 -10.74 -47.75 -2.84
CA LYS E 16 -11.71 -46.77 -3.33
C LYS E 16 -13.12 -47.14 -2.88
N GLU E 17 -13.45 -48.44 -2.99
CA GLU E 17 -14.77 -48.92 -2.56
C GLU E 17 -14.98 -48.67 -1.07
N THR E 18 -13.95 -48.95 -0.27
CA THR E 18 -14.05 -48.72 1.19
C THR E 18 -14.26 -47.23 1.48
N VAL E 19 -13.53 -46.37 0.76
CA VAL E 19 -13.70 -44.92 0.94
C VAL E 19 -15.11 -44.49 0.58
N ASP E 20 -15.63 -45.03 -0.53
CA ASP E 20 -17.01 -44.72 -0.93
C ASP E 20 -18.01 -45.16 0.13
N LYS E 21 -17.79 -46.35 0.69
CA LYS E 21 -18.66 -46.85 1.77
C LYS E 21 -18.61 -45.92 2.99
N LEU E 22 -17.40 -45.47 3.33
CA LEU E 22 -17.23 -44.50 4.44
C LEU E 22 -17.98 -43.21 4.18
N LEU E 23 -17.90 -42.73 2.93
CA LEU E 23 -18.60 -41.49 2.56
C LEU E 23 -20.13 -41.67 2.47
N LYS E 24 -20.58 -42.81 1.98
CA LYS E 24 -22.00 -43.11 1.83
C LYS E 24 -22.73 -42.89 3.15
N GLY E 25 -23.61 -41.89 3.19
CA GLY E 25 -24.37 -41.55 4.39
C GLY E 25 -23.65 -40.68 5.41
N TYR E 26 -22.48 -40.16 5.07
CA TYR E 26 -21.72 -39.27 5.94
C TYR E 26 -22.32 -37.88 5.82
N ASP E 27 -22.78 -37.32 6.94
CA ASP E 27 -23.31 -35.96 6.97
C ASP E 27 -22.28 -35.00 7.56
N ILE E 28 -21.73 -34.14 6.70
CA ILE E 28 -20.75 -33.14 7.13
C ILE E 28 -21.31 -32.13 8.15
N ARG E 29 -22.64 -32.01 8.21
CA ARG E 29 -23.31 -31.10 9.13
C ARG E 29 -23.24 -31.54 10.59
N LEU E 30 -23.03 -32.83 10.83
CA LEU E 30 -23.03 -33.39 12.19
C LEU E 30 -21.60 -33.73 12.63
N ARG E 31 -21.25 -33.28 13.83
CA ARG E 31 -19.98 -33.65 14.47
C ARG E 31 -19.97 -35.13 14.91
N PRO E 32 -18.78 -35.66 15.29
CA PRO E 32 -18.73 -36.97 15.93
C PRO E 32 -19.45 -36.99 17.28
N ASP E 33 -20.18 -38.07 17.55
CA ASP E 33 -21.03 -38.19 18.74
C ASP E 33 -21.99 -36.99 18.83
N PHE E 34 -22.80 -36.79 17.78
CA PHE E 34 -23.58 -35.56 17.62
C PHE E 34 -24.39 -35.15 18.85
N GLY E 35 -25.19 -36.09 19.36
CA GLY E 35 -25.95 -35.88 20.59
C GLY E 35 -25.17 -36.16 21.86
N GLY E 36 -24.02 -36.84 21.73
CA GLY E 36 -23.32 -37.42 22.88
C GLY E 36 -22.28 -36.50 23.50
N PRO E 37 -21.19 -37.08 24.06
CA PRO E 37 -20.18 -36.25 24.72
C PRO E 37 -19.42 -35.35 23.74
N PRO E 38 -18.69 -34.36 24.24
CA PRO E 38 -17.96 -33.46 23.34
C PRO E 38 -16.80 -34.16 22.63
N VAL E 39 -16.35 -33.58 21.53
CA VAL E 39 -15.23 -34.11 20.75
C VAL E 39 -13.94 -33.50 21.26
N CYS E 40 -13.05 -34.31 21.84
CA CYS E 40 -11.72 -33.83 22.20
C CYS E 40 -10.89 -33.57 20.95
N VAL E 41 -10.49 -32.31 20.79
CA VAL E 41 -9.63 -31.93 19.67
C VAL E 41 -8.26 -31.55 20.21
N GLY E 42 -7.22 -32.20 19.70
CA GLY E 42 -5.84 -31.95 20.07
C GLY E 42 -5.20 -30.98 19.10
N MET E 43 -4.63 -29.90 19.65
CA MET E 43 -3.96 -28.88 18.85
C MET E 43 -2.46 -29.08 18.94
N ASN E 44 -1.79 -28.75 17.84
CA ASN E 44 -0.37 -28.96 17.71
C ASN E 44 0.13 -27.94 16.69
N ILE E 45 1.08 -27.11 17.11
CA ILE E 45 1.57 -26.02 16.24
C ILE E 45 3.07 -26.14 16.00
N ASP E 46 3.48 -25.92 14.75
CA ASP E 46 4.89 -25.79 14.39
C ASP E 46 5.03 -24.43 13.70
N ILE E 47 5.68 -23.51 14.40
CA ILE E 47 5.89 -22.15 13.91
C ILE E 47 6.98 -22.15 12.83
N ALA E 48 6.67 -21.53 11.69
CA ALA E 48 7.63 -21.39 10.59
C ALA E 48 8.43 -20.10 10.72
N SER E 49 7.72 -19.01 11.01
CA SER E 49 8.34 -17.69 11.15
C SER E 49 7.34 -16.66 11.67
N ILE E 50 7.88 -15.62 12.29
CA ILE E 50 7.15 -14.37 12.49
C ILE E 50 7.76 -13.38 11.50
N ASP E 51 6.98 -12.97 10.49
CA ASP E 51 7.51 -12.21 9.35
C ASP E 51 7.65 -10.73 9.65
N MET E 52 6.89 -10.23 10.62
CA MET E 52 6.75 -8.80 10.85
C MET E 52 6.15 -8.54 12.22
N VAL E 53 6.50 -7.40 12.81
CA VAL E 53 5.90 -6.93 14.07
C VAL E 53 5.71 -5.43 13.94
N SER E 54 4.46 -4.99 13.84
CA SER E 54 4.17 -3.57 13.62
C SER E 54 3.74 -2.90 14.91
N GLU E 55 4.56 -1.96 15.40
CA GLU E 55 4.19 -1.17 16.56
C GLU E 55 3.11 -0.16 16.18
N VAL E 56 3.10 0.26 14.90
CA VAL E 56 2.20 1.31 14.42
C VAL E 56 0.77 0.76 14.30
N ASN E 57 0.63 -0.45 13.77
CA ASN E 57 -0.66 -1.13 13.67
C ASN E 57 -0.93 -2.09 14.83
N MET E 58 0.05 -2.26 15.73
CA MET E 58 -0.10 -3.13 16.90
C MET E 58 -0.60 -4.52 16.50
N ASP E 59 0.14 -5.11 15.58
CA ASP E 59 -0.08 -6.47 15.15
C ASP E 59 1.24 -7.15 14.85
N TYR E 60 1.15 -8.47 14.67
CA TYR E 60 2.32 -9.24 14.22
C TYR E 60 1.85 -10.28 13.23
N THR E 61 2.70 -10.59 12.26
CA THR E 61 2.39 -11.57 11.24
C THR E 61 3.16 -12.87 11.52
N LEU E 62 2.40 -13.94 11.68
CA LEU E 62 2.86 -15.27 12.04
C LEU E 62 2.57 -16.24 10.89
N THR E 63 3.46 -17.22 10.72
CA THR E 63 3.29 -18.29 9.75
C THR E 63 3.49 -19.63 10.46
N MET E 64 2.55 -20.56 10.31
CA MET E 64 2.58 -21.78 11.10
C MET E 64 1.92 -22.96 10.42
N TYR E 65 2.29 -24.15 10.91
CA TYR E 65 1.57 -25.38 10.60
C TYR E 65 0.65 -25.68 11.76
N PHE E 66 -0.65 -25.59 11.53
CA PHE E 66 -1.68 -25.78 12.51
C PHE E 66 -2.29 -27.16 12.32
N GLN E 67 -1.98 -28.06 13.25
CA GLN E 67 -2.47 -29.44 13.19
C GLN E 67 -3.55 -29.67 14.23
N GLN E 68 -4.58 -30.41 13.82
CA GLN E 68 -5.70 -30.75 14.69
C GLN E 68 -5.93 -32.28 14.66
N TYR E 69 -6.18 -32.86 15.83
CA TYR E 69 -6.42 -34.31 15.97
C TYR E 69 -7.76 -34.54 16.66
N TRP E 70 -8.66 -35.30 16.03
CA TRP E 70 -9.91 -35.71 16.68
C TRP E 70 -10.29 -37.09 16.19
N ARG E 71 -11.35 -37.66 16.76
CA ARG E 71 -11.80 -39.00 16.40
C ARG E 71 -13.22 -38.98 15.85
N ASP E 72 -13.37 -39.37 14.58
CA ASP E 72 -14.69 -39.56 13.96
C ASP E 72 -14.86 -41.04 13.63
N LYS E 73 -15.69 -41.71 14.43
CA LYS E 73 -15.91 -43.15 14.30
C LYS E 73 -16.43 -43.56 12.91
N ARG E 74 -17.15 -42.64 12.26
CA ARG E 74 -17.59 -42.83 10.88
C ARG E 74 -16.44 -42.99 9.87
N LEU E 75 -15.20 -42.68 10.27
CA LEU E 75 -14.04 -42.86 9.38
C LEU E 75 -13.11 -44.00 9.80
N ALA E 76 -13.67 -45.02 10.46
CA ALA E 76 -12.90 -46.19 10.87
C ALA E 76 -12.94 -47.25 9.77
N TYR E 77 -11.81 -47.93 9.57
CA TYR E 77 -11.67 -48.99 8.58
C TYR E 77 -10.87 -50.16 9.17
N SER E 78 -11.45 -51.35 9.16
CA SER E 78 -10.83 -52.51 9.80
C SER E 78 -9.79 -53.20 8.92
N GLY E 79 -10.15 -53.39 7.64
CA GLY E 79 -9.37 -54.23 6.71
C GLY E 79 -7.93 -53.82 6.48
N ILE E 80 -7.71 -52.52 6.30
CA ILE E 80 -6.39 -51.98 5.96
C ILE E 80 -5.53 -51.88 7.23
N PRO E 81 -4.21 -52.18 7.12
CA PRO E 81 -3.28 -52.13 8.24
C PRO E 81 -2.39 -50.88 8.32
N LEU E 82 -2.63 -49.87 7.49
CA LEU E 82 -1.78 -48.67 7.45
C LEU E 82 -2.58 -47.36 7.45
N ASN E 83 -1.90 -46.28 7.85
CA ASN E 83 -2.51 -44.95 7.93
C ASN E 83 -2.68 -44.38 6.52
N LEU E 84 -3.85 -43.80 6.24
CA LEU E 84 -4.18 -43.35 4.89
C LEU E 84 -4.02 -41.84 4.74
N THR E 85 -3.00 -41.40 3.99
CA THR E 85 -2.90 -40.00 3.59
C THR E 85 -3.70 -39.79 2.29
N LEU E 86 -4.74 -38.96 2.38
CA LEU E 86 -5.61 -38.69 1.25
C LEU E 86 -5.35 -37.31 0.69
N ASP E 87 -5.79 -37.08 -0.54
CA ASP E 87 -5.65 -35.78 -1.19
C ASP E 87 -6.37 -34.68 -0.40
N ASN E 88 -5.80 -33.48 -0.40
CA ASN E 88 -6.34 -32.33 0.36
C ASN E 88 -7.84 -32.07 0.14
N ARG E 89 -8.33 -32.35 -1.07
CA ARG E 89 -9.74 -32.14 -1.42
C ARG E 89 -10.78 -32.97 -0.64
N VAL E 90 -10.32 -33.95 0.15
CA VAL E 90 -11.22 -34.71 1.03
C VAL E 90 -11.80 -33.84 2.15
N ALA E 91 -11.03 -32.84 2.62
CA ALA E 91 -11.49 -31.91 3.66
C ALA E 91 -12.90 -31.37 3.40
N ASP E 92 -13.16 -31.04 2.14
CA ASP E 92 -14.45 -30.49 1.71
C ASP E 92 -15.64 -31.47 1.87
N GLN E 93 -15.36 -32.76 2.04
CA GLN E 93 -16.41 -33.77 2.24
C GLN E 93 -16.30 -34.47 3.60
N LEU E 94 -15.63 -33.82 4.55
CA LEU E 94 -15.54 -34.28 5.95
C LEU E 94 -15.93 -33.17 6.92
N TRP E 95 -16.25 -33.55 8.14
CA TRP E 95 -16.45 -32.60 9.22
C TRP E 95 -15.09 -32.24 9.80
N VAL E 96 -14.85 -30.93 9.91
CA VAL E 96 -13.63 -30.40 10.54
C VAL E 96 -14.03 -29.42 11.64
N PRO E 97 -13.21 -29.34 12.73
CA PRO E 97 -13.63 -28.34 13.74
C PRO E 97 -13.64 -26.89 13.26
N ASP E 98 -14.60 -26.11 13.78
CA ASP E 98 -14.77 -24.70 13.39
C ASP E 98 -13.83 -23.79 14.17
N THR E 99 -12.54 -24.11 14.08
CA THR E 99 -11.52 -23.45 14.87
C THR E 99 -11.16 -22.15 14.19
N TYR E 100 -11.11 -21.06 14.97
CA TYR E 100 -10.67 -19.77 14.45
C TYR E 100 -9.74 -19.08 15.42
N PHE E 101 -9.14 -17.99 14.96
CA PHE E 101 -8.19 -17.23 15.76
C PHE E 101 -8.82 -15.93 16.20
N LEU E 102 -9.13 -15.85 17.49
CA LEU E 102 -9.95 -14.79 18.03
C LEU E 102 -9.43 -13.39 17.72
N ASN E 103 -8.11 -13.23 17.82
CA ASN E 103 -7.45 -11.93 17.71
C ASN E 103 -6.73 -11.74 16.37
N ASP E 104 -7.17 -12.43 15.32
CA ASP E 104 -6.58 -12.22 13.99
C ASP E 104 -7.27 -11.04 13.32
N LYS E 105 -6.50 -10.31 12.50
CA LYS E 105 -7.04 -9.24 11.68
C LYS E 105 -7.29 -9.72 10.26
N LYS E 106 -6.31 -10.44 9.71
CA LYS E 106 -6.40 -11.03 8.38
C LYS E 106 -5.56 -12.28 8.33
N SER E 107 -6.17 -13.41 8.01
CA SER E 107 -5.47 -14.68 7.88
C SER E 107 -5.86 -15.38 6.60
N PHE E 108 -4.98 -16.24 6.11
CA PHE E 108 -5.31 -17.09 4.97
C PHE E 108 -4.59 -18.45 5.03
N VAL E 109 -5.08 -19.39 4.25
CA VAL E 109 -4.46 -20.70 4.10
C VAL E 109 -3.82 -20.76 2.73
N HIS E 110 -2.51 -21.05 2.71
CA HIS E 110 -1.72 -21.05 1.48
C HIS E 110 -2.33 -21.99 0.43
N GLY E 111 -2.27 -21.55 -0.84
CA GLY E 111 -2.93 -22.22 -1.95
C GLY E 111 -2.05 -22.84 -3.03
N VAL E 112 -0.74 -22.54 -3.00
CA VAL E 112 0.16 -22.95 -4.07
C VAL E 112 1.03 -24.12 -3.61
N THR E 113 1.23 -25.17 -4.43
CA THR E 113 0.59 -25.36 -5.73
C THR E 113 -0.84 -25.86 -5.56
N VAL E 114 -1.08 -26.58 -4.46
CA VAL E 114 -2.39 -27.03 -4.05
C VAL E 114 -2.68 -26.39 -2.70
N LYS E 115 -3.95 -26.33 -2.31
CA LYS E 115 -4.31 -25.84 -0.98
C LYS E 115 -3.50 -26.58 0.08
N ASN E 116 -2.81 -25.85 0.95
CA ASN E 116 -1.87 -26.45 1.90
C ASN E 116 -2.60 -27.05 3.09
N ARG E 117 -3.26 -28.18 2.87
CA ARG E 117 -3.95 -28.89 3.94
C ARG E 117 -3.71 -30.40 3.80
N MET E 118 -3.48 -31.06 4.93
CA MET E 118 -3.17 -32.48 4.97
C MET E 118 -4.22 -33.22 5.79
N ILE E 119 -4.70 -34.34 5.24
CA ILE E 119 -5.52 -35.30 5.98
C ILE E 119 -4.84 -36.65 6.02
N ARG E 120 -4.62 -37.13 7.24
CA ARG E 120 -4.10 -38.47 7.48
C ARG E 120 -5.08 -39.21 8.38
N LEU E 121 -5.60 -40.32 7.87
CA LEU E 121 -6.55 -41.15 8.59
C LEU E 121 -5.88 -42.37 9.19
N HIS E 122 -6.50 -42.86 10.27
CA HIS E 122 -6.06 -44.05 10.98
C HIS E 122 -7.26 -44.99 11.11
N PRO E 123 -7.02 -46.33 11.14
CA PRO E 123 -8.12 -47.30 11.24
C PRO E 123 -9.01 -47.10 12.48
N ASP E 124 -8.40 -46.60 13.54
CA ASP E 124 -9.09 -46.08 14.72
C ASP E 124 -10.29 -45.15 14.41
N GLY E 125 -10.18 -44.35 13.35
CA GLY E 125 -11.11 -43.25 13.06
C GLY E 125 -10.53 -41.89 13.42
N THR E 126 -9.28 -41.88 13.89
CA THR E 126 -8.58 -40.66 14.25
C THR E 126 -8.17 -39.92 12.98
N VAL E 127 -8.36 -38.59 13.01
CA VAL E 127 -8.06 -37.72 11.88
C VAL E 127 -6.93 -36.79 12.27
N LEU E 128 -5.98 -36.59 11.35
CA LEU E 128 -4.95 -35.56 11.52
C LEU E 128 -5.16 -34.51 10.42
N TYR E 129 -5.56 -33.31 10.82
CA TYR E 129 -5.88 -32.25 9.85
C TYR E 129 -4.89 -31.11 9.98
N GLY E 130 -3.94 -31.07 9.04
CA GLY E 130 -2.87 -30.05 9.06
C GLY E 130 -3.20 -28.91 8.11
N LEU E 131 -2.95 -27.68 8.55
CA LEU E 131 -3.11 -26.49 7.70
C LEU E 131 -1.89 -25.59 7.80
N ARG E 132 -1.42 -25.03 6.68
CA ARG E 132 -0.37 -24.01 6.74
C ARG E 132 -1.00 -22.63 6.66
N ILE E 133 -0.85 -21.85 7.72
CA ILE E 133 -1.60 -20.61 7.89
C ILE E 133 -0.64 -19.46 8.15
N THR E 134 -0.97 -18.29 7.61
CA THR E 134 -0.32 -17.05 8.01
C THR E 134 -1.37 -16.11 8.54
N THR E 135 -1.18 -15.67 9.79
CA THR E 135 -2.14 -14.77 10.44
C THR E 135 -1.43 -13.47 10.71
N THR E 136 -2.13 -12.34 10.63
CA THR E 136 -1.61 -11.11 11.24
C THR E 136 -2.55 -10.86 12.41
N ALA E 137 -2.06 -11.02 13.63
CA ALA E 137 -2.91 -10.96 14.81
C ALA E 137 -2.58 -9.72 15.63
N ALA E 138 -3.59 -9.21 16.34
CA ALA E 138 -3.44 -8.00 17.13
C ALA E 138 -2.55 -8.25 18.34
N CYS E 139 -1.66 -7.29 18.61
CA CYS E 139 -0.77 -7.37 19.77
C CYS E 139 -0.64 -5.98 20.38
N MET E 140 -1.58 -5.63 21.27
CA MET E 140 -1.54 -4.35 21.98
C MET E 140 -0.22 -4.18 22.69
N MET E 141 0.41 -3.02 22.52
CA MET E 141 1.78 -2.80 22.99
C MET E 141 1.84 -1.71 24.04
N ASP E 142 2.61 -1.98 25.08
CA ASP E 142 2.87 -1.04 26.15
C ASP E 142 4.23 -0.41 25.85
N LEU E 143 4.21 0.70 25.13
CA LEU E 143 5.44 1.39 24.74
C LEU E 143 5.96 2.37 25.80
N ARG E 144 5.53 2.25 27.05
CA ARG E 144 5.98 3.16 28.11
C ARG E 144 7.49 3.08 28.33
N ARG E 145 8.02 1.86 28.36
CA ARG E 145 9.45 1.63 28.54
C ARG E 145 10.25 1.56 27.23
N TYR E 146 9.64 1.94 26.11
CA TYR E 146 10.28 1.90 24.80
C TYR E 146 11.52 2.81 24.79
N PRO E 147 12.64 2.40 24.17
CA PRO E 147 12.83 1.14 23.47
C PRO E 147 13.49 0.05 24.31
N LEU E 148 13.47 0.19 25.64
CA LEU E 148 13.89 -0.85 26.56
C LEU E 148 12.69 -1.62 27.09
N ASP E 149 11.73 -1.85 26.20
CA ASP E 149 10.47 -2.52 26.55
C ASP E 149 10.51 -3.98 26.14
N GLU E 150 9.48 -4.68 26.53
CA GLU E 150 9.18 -6.00 25.99
C GLU E 150 7.67 -6.19 25.97
N GLN E 151 7.22 -6.99 25.01
CA GLN E 151 5.80 -7.16 24.73
C GLN E 151 5.39 -8.60 24.86
N ASN E 152 4.08 -8.78 25.04
CA ASN E 152 3.43 -10.08 25.14
C ASN E 152 2.40 -10.18 24.01
N CYS E 153 2.77 -10.85 22.92
CA CYS E 153 1.88 -11.12 21.80
C CYS E 153 1.31 -12.53 21.92
N THR E 154 0.02 -12.65 21.63
CA THR E 154 -0.70 -13.91 21.79
C THR E 154 -1.42 -14.35 20.52
N LEU E 155 -1.78 -15.63 20.48
CA LEU E 155 -2.65 -16.17 19.44
C LEU E 155 -3.75 -16.98 20.13
N GLU E 156 -4.95 -16.42 20.18
CA GLU E 156 -6.07 -17.02 20.90
C GLU E 156 -6.84 -17.94 19.94
N ILE E 157 -6.92 -19.22 20.31
CA ILE E 157 -7.55 -20.26 19.51
C ILE E 157 -8.82 -20.69 20.20
N GLU E 158 -9.91 -20.68 19.45
CA GLU E 158 -11.24 -20.99 19.96
C GLU E 158 -12.12 -21.56 18.84
N SER E 159 -13.22 -22.24 19.23
CA SER E 159 -14.24 -22.71 18.30
C SER E 159 -15.33 -21.66 18.15
N TYR E 160 -15.83 -21.47 16.93
CA TYR E 160 -16.76 -20.38 16.66
C TYR E 160 -18.19 -20.67 17.16
N GLY E 161 -18.73 -21.82 16.79
CA GLY E 161 -20.13 -22.18 17.07
C GLY E 161 -20.39 -23.21 18.15
N TYR E 162 -19.44 -24.15 18.30
CA TYR E 162 -19.63 -25.27 19.20
C TYR E 162 -19.17 -24.90 20.61
N THR E 163 -20.05 -25.10 21.60
CA THR E 163 -19.73 -24.82 22.99
C THR E 163 -18.96 -25.98 23.63
N THR E 164 -18.59 -25.83 24.90
CA THR E 164 -17.93 -26.92 25.65
C THR E 164 -18.77 -28.19 25.77
N ASP E 165 -20.09 -28.06 25.62
CA ASP E 165 -20.97 -29.23 25.50
C ASP E 165 -20.73 -30.05 24.23
N ASP E 166 -20.13 -29.44 23.21
CA ASP E 166 -19.88 -30.11 21.93
C ASP E 166 -18.40 -30.25 21.53
N ILE E 167 -17.54 -29.34 21.99
CA ILE E 167 -16.11 -29.38 21.68
C ILE E 167 -15.26 -29.12 22.93
N GLU E 168 -14.14 -29.82 23.03
CA GLU E 168 -13.11 -29.57 24.03
C GLU E 168 -11.75 -29.48 23.34
N PHE E 169 -10.92 -28.56 23.83
CA PHE E 169 -9.57 -28.38 23.30
C PHE E 169 -8.52 -28.76 24.33
N TYR E 170 -7.39 -29.24 23.82
CA TYR E 170 -6.21 -29.53 24.64
C TYR E 170 -4.96 -29.44 23.76
N TRP E 171 -3.86 -29.00 24.36
CA TRP E 171 -2.59 -28.94 23.68
C TRP E 171 -2.00 -30.33 23.60
N ARG E 172 -2.02 -30.91 22.40
CA ARG E 172 -1.57 -32.28 22.20
C ARG E 172 -0.07 -32.41 22.48
N GLY E 173 0.26 -32.94 23.65
CA GLY E 173 1.63 -33.03 24.14
C GLY E 173 1.98 -31.99 25.19
N GLY E 174 0.99 -31.29 25.74
CA GLY E 174 1.19 -30.33 26.81
C GLY E 174 2.18 -29.24 26.41
N ASP E 175 3.19 -29.01 27.24
CA ASP E 175 4.23 -28.02 26.95
C ASP E 175 5.02 -28.24 25.66
N LYS E 176 5.05 -29.48 25.18
CA LYS E 176 5.74 -29.78 23.90
C LYS E 176 4.84 -29.66 22.66
N ALA E 177 3.67 -29.05 22.79
CA ALA E 177 2.71 -28.97 21.68
C ALA E 177 3.04 -27.94 20.60
N VAL E 178 3.90 -26.98 20.94
CA VAL E 178 4.33 -25.94 20.00
C VAL E 178 5.80 -26.12 19.69
N THR E 179 6.15 -26.01 18.41
CA THR E 179 7.54 -26.08 17.97
C THR E 179 7.85 -24.91 17.05
N GLY E 180 9.13 -24.52 16.99
CA GLY E 180 9.60 -23.53 16.03
C GLY E 180 9.86 -22.15 16.60
N VAL E 181 9.49 -21.91 17.85
CA VAL E 181 9.92 -20.68 18.55
C VAL E 181 11.43 -20.41 18.37
N GLU E 182 12.19 -21.48 18.20
CA GLU E 182 13.65 -21.42 18.05
C GLU E 182 14.03 -20.94 16.63
N ARG E 183 13.21 -21.29 15.65
CA ARG E 183 13.32 -20.79 14.26
C ARG E 183 13.06 -19.30 14.06
N ILE E 184 12.37 -18.63 14.99
CA ILE E 184 11.95 -17.24 14.77
C ILE E 184 13.16 -16.32 14.72
N GLU E 185 13.21 -15.49 13.69
CA GLU E 185 14.34 -14.60 13.42
C GLU E 185 13.77 -13.22 13.10
N LEU E 186 13.84 -12.31 14.06
CA LEU E 186 13.34 -10.95 13.88
C LEU E 186 14.51 -9.98 14.03
N PRO E 187 14.59 -8.97 13.13
CA PRO E 187 15.71 -8.04 13.21
C PRO E 187 15.76 -7.23 14.52
N GLN E 188 14.59 -6.84 15.02
CA GLN E 188 14.48 -5.90 16.14
C GLN E 188 14.17 -6.56 17.49
N PHE E 189 13.69 -7.80 17.48
CA PHE E 189 13.26 -8.50 18.70
C PHE E 189 13.96 -9.84 18.85
N SER E 190 13.72 -10.47 20.01
CA SER E 190 14.10 -11.86 20.26
C SER E 190 13.13 -12.50 21.25
N ILE E 191 12.78 -13.75 21.02
CA ILE E 191 11.74 -14.42 21.79
C ILE E 191 12.39 -14.99 23.05
N VAL E 192 12.11 -14.37 24.20
CA VAL E 192 12.76 -14.76 25.45
C VAL E 192 12.09 -16.00 26.06
N GLU E 193 10.76 -16.05 26.03
CA GLU E 193 10.03 -17.28 26.39
C GLU E 193 8.68 -17.36 25.68
N HIS E 194 8.04 -18.52 25.81
CA HIS E 194 6.67 -18.73 25.31
C HIS E 194 5.87 -19.53 26.33
N ARG E 195 4.55 -19.42 26.25
CA ARG E 195 3.66 -20.11 27.19
C ARG E 195 2.42 -20.64 26.49
N LEU E 196 1.99 -21.84 26.90
CA LEU E 196 0.74 -22.44 26.44
C LEU E 196 -0.25 -22.46 27.58
N VAL E 197 -1.51 -22.14 27.27
CA VAL E 197 -2.58 -22.09 28.26
C VAL E 197 -3.83 -22.74 27.69
N SER E 198 -4.63 -23.32 28.56
CA SER E 198 -5.92 -23.89 28.20
C SER E 198 -6.98 -23.33 29.13
N ARG E 199 -8.03 -22.74 28.58
CA ARG E 199 -9.10 -22.13 29.39
C ARG E 199 -10.46 -22.37 28.75
N ASN E 200 -11.51 -22.10 29.50
CA ASN E 200 -12.88 -22.08 28.97
C ASN E 200 -13.42 -20.68 29.23
N VAL E 201 -13.78 -19.96 28.16
CA VAL E 201 -14.28 -18.57 28.31
C VAL E 201 -15.79 -18.53 28.12
N VAL E 202 -16.44 -17.61 28.82
CA VAL E 202 -17.90 -17.55 28.88
C VAL E 202 -18.44 -16.33 28.15
N PHE E 203 -19.17 -16.57 27.06
CA PHE E 203 -19.92 -15.52 26.36
C PHE E 203 -21.40 -15.66 26.67
N ALA E 204 -22.20 -14.70 26.19
CA ALA E 204 -23.66 -14.75 26.31
C ALA E 204 -24.27 -15.96 25.63
N THR E 205 -23.68 -16.38 24.51
CA THR E 205 -24.14 -17.55 23.76
C THR E 205 -23.70 -18.89 24.37
N GLY E 206 -22.85 -18.86 25.42
CA GLY E 206 -22.40 -20.08 26.10
C GLY E 206 -20.92 -20.05 26.44
N ALA E 207 -20.42 -21.17 26.95
CA ALA E 207 -19.01 -21.32 27.33
C ALA E 207 -18.24 -22.10 26.25
N TYR E 208 -17.15 -21.50 25.78
CA TYR E 208 -16.36 -22.04 24.69
C TYR E 208 -14.94 -22.37 25.16
N PRO E 209 -14.29 -23.35 24.50
CA PRO E 209 -12.92 -23.70 24.84
C PRO E 209 -11.93 -22.75 24.17
N ARG E 210 -10.84 -22.44 24.85
CA ARG E 210 -9.80 -21.58 24.32
C ARG E 210 -8.42 -22.10 24.66
N LEU E 211 -7.51 -21.96 23.69
CA LEU E 211 -6.09 -22.17 23.90
C LEU E 211 -5.32 -20.92 23.54
N SER E 212 -4.39 -20.51 24.40
CA SER E 212 -3.59 -19.28 24.18
C SER E 212 -2.12 -19.61 24.04
N LEU E 213 -1.56 -19.28 22.88
CA LEU E 213 -0.11 -19.29 22.65
C LEU E 213 0.39 -17.88 22.89
N SER E 214 1.48 -17.77 23.63
CA SER E 214 2.03 -16.47 24.03
C SER E 214 3.51 -16.40 23.72
N PHE E 215 3.98 -15.24 23.25
CA PHE E 215 5.43 -14.97 23.18
C PHE E 215 5.79 -13.74 24.00
N ARG E 216 7.03 -13.67 24.47
CA ARG E 216 7.54 -12.46 25.11
C ARG E 216 8.69 -11.92 24.27
N LEU E 217 8.50 -10.73 23.69
CA LEU E 217 9.46 -10.17 22.73
C LEU E 217 10.33 -9.11 23.39
N LYS E 218 11.63 -9.38 23.52
CA LYS E 218 12.58 -8.42 24.07
C LYS E 218 13.20 -7.65 22.91
N ARG E 219 13.08 -6.32 22.94
CA ARG E 219 13.57 -5.47 21.86
C ARG E 219 15.07 -5.25 21.99
N ASN E 220 15.79 -5.38 20.88
CA ASN E 220 17.23 -5.04 20.84
C ASN E 220 17.39 -3.55 20.65
N ILE E 221 18.42 -2.97 21.27
CA ILE E 221 18.58 -1.52 21.33
C ILE E 221 19.47 -1.02 20.18
N GLY E 222 20.19 -1.93 19.52
CA GLY E 222 21.12 -1.61 18.46
C GLY E 222 20.63 -0.59 17.46
N TYR E 223 19.43 -0.78 16.94
CA TYR E 223 18.86 0.14 15.95
C TYR E 223 18.75 1.58 16.45
N PHE E 224 18.54 1.75 17.76
CA PHE E 224 18.14 3.05 18.32
C PHE E 224 19.32 3.83 18.85
N VAL E 225 20.34 3.11 19.33
CA VAL E 225 21.61 3.76 19.64
C VAL E 225 22.22 4.39 18.38
N ILE E 226 22.01 3.78 17.21
CA ILE E 226 22.49 4.34 15.94
C ILE E 226 21.61 5.48 15.44
N GLN E 227 20.30 5.32 15.49
CA GLN E 227 19.36 6.29 14.87
C GLN E 227 18.75 7.36 15.78
N THR E 228 18.94 7.25 17.08
CA THR E 228 18.38 8.21 18.04
C THR E 228 19.38 8.59 19.13
N TYR E 229 19.96 7.62 19.83
CA TYR E 229 20.72 7.95 21.05
C TYR E 229 22.01 8.67 20.74
N LEU E 230 22.81 8.14 19.82
CA LEU E 230 24.06 8.81 19.45
C LEU E 230 23.84 10.22 18.86
N PRO E 231 22.91 10.37 17.89
CA PRO E 231 22.56 11.72 17.46
C PRO E 231 22.21 12.67 18.59
N CYS E 232 21.37 12.21 19.53
CA CYS E 232 21.01 13.04 20.69
C CYS E 232 22.22 13.38 21.58
N ILE E 233 22.97 12.35 21.95
CA ILE E 233 24.15 12.49 22.80
C ILE E 233 25.21 13.40 22.16
N MET E 234 25.40 13.29 20.85
CA MET E 234 26.36 14.13 20.14
C MET E 234 25.84 15.53 19.88
N THR E 235 24.53 15.66 19.69
CA THR E 235 23.94 17.00 19.60
C THR E 235 24.01 17.75 20.94
N VAL E 236 23.96 17.02 22.06
CA VAL E 236 24.22 17.65 23.37
C VAL E 236 25.69 18.10 23.52
N ILE E 237 26.62 17.21 23.19
CA ILE E 237 28.05 17.51 23.22
C ILE E 237 28.36 18.69 22.30
N LEU E 238 27.73 18.71 21.11
CA LEU E 238 27.92 19.83 20.18
C LEU E 238 27.50 21.17 20.78
N SER E 239 26.38 21.19 21.52
CA SER E 239 25.90 22.43 22.17
C SER E 239 26.91 22.96 23.19
N GLN E 240 27.62 22.04 23.84
CA GLN E 240 28.58 22.39 24.88
C GLN E 240 29.93 22.89 24.36
N VAL E 241 30.16 22.84 23.05
CA VAL E 241 31.36 23.43 22.45
C VAL E 241 31.37 24.96 22.63
N SER E 242 30.18 25.58 22.55
CA SER E 242 30.06 27.03 22.71
C SER E 242 30.59 27.58 24.04
N PHE E 243 30.68 26.73 25.06
CA PHE E 243 31.34 27.11 26.32
C PHE E 243 32.85 27.39 26.17
N TRP E 244 33.48 26.81 25.15
CA TRP E 244 34.91 27.00 24.92
C TRP E 244 35.24 28.08 23.88
N LEU E 245 34.31 29.01 23.69
CA LEU E 245 34.55 30.21 22.89
C LEU E 245 34.36 31.43 23.79
N ASN E 246 35.21 32.44 23.61
CA ASN E 246 35.08 33.68 24.38
C ASN E 246 33.70 34.30 24.12
N ARG E 247 33.17 34.96 25.15
CA ARG E 247 31.82 35.52 25.13
C ARG E 247 31.63 36.59 24.05
N GLU E 248 32.73 37.20 23.59
CA GLU E 248 32.67 38.18 22.51
C GLU E 248 32.28 37.59 21.14
N SER E 249 32.43 36.28 20.94
CA SER E 249 31.99 35.63 19.69
C SER E 249 30.48 35.36 19.72
N VAL E 250 29.71 36.43 19.72
CA VAL E 250 28.26 36.37 19.87
C VAL E 250 27.61 35.56 18.73
N PRO E 251 27.90 35.92 17.46
CA PRO E 251 27.26 35.16 16.39
C PRO E 251 27.63 33.66 16.38
N ALA E 252 28.90 33.34 16.61
CA ALA E 252 29.32 31.95 16.68
C ALA E 252 28.52 31.16 17.71
N ARG E 253 28.45 31.69 18.93
CA ARG E 253 27.76 31.02 20.03
C ARG E 253 26.23 30.97 19.89
N THR E 254 25.65 31.87 19.10
CA THR E 254 24.22 31.75 18.77
C THR E 254 23.98 30.66 17.73
N VAL E 255 24.90 30.46 16.80
CA VAL E 255 24.78 29.37 15.84
C VAL E 255 24.76 28.03 16.57
N PHE E 256 25.76 27.81 17.44
CA PHE E 256 25.80 26.63 18.31
C PHE E 256 24.50 26.44 19.07
N GLY E 257 23.92 27.52 19.57
CA GLY E 257 22.69 27.46 20.35
C GLY E 257 21.46 27.12 19.52
N VAL E 258 21.23 27.90 18.47
CA VAL E 258 20.05 27.76 17.64
C VAL E 258 20.05 26.39 16.92
N THR E 259 21.16 26.08 16.25
CA THR E 259 21.20 24.86 15.44
C THR E 259 20.96 23.61 16.30
N THR E 260 21.65 23.53 17.43
CA THR E 260 21.50 22.41 18.35
C THR E 260 20.08 22.32 18.92
N VAL E 261 19.46 23.46 19.21
CA VAL E 261 18.08 23.50 19.68
C VAL E 261 17.12 23.00 18.59
N LEU E 262 17.30 23.47 17.35
CA LEU E 262 16.40 23.03 16.27
C LEU E 262 16.60 21.56 15.87
N THR E 263 17.86 21.13 15.77
CA THR E 263 18.12 19.72 15.47
C THR E 263 17.67 18.79 16.59
N MET E 264 17.40 19.30 17.78
CA MET E 264 16.85 18.47 18.85
C MET E 264 15.34 18.27 18.70
N THR E 265 14.59 19.30 18.30
CA THR E 265 13.14 19.15 18.07
C THR E 265 12.89 18.16 16.92
N THR E 266 13.67 18.28 15.84
CA THR E 266 13.48 17.43 14.67
C THR E 266 13.81 15.96 14.97
N LEU E 267 14.74 15.71 15.90
CA LEU E 267 14.96 14.35 16.41
C LEU E 267 13.76 13.84 17.20
N SER E 268 13.26 14.65 18.13
CA SER E 268 12.07 14.29 18.92
C SER E 268 10.85 14.05 18.03
N ILE E 269 10.73 14.78 16.93
CA ILE E 269 9.64 14.55 15.98
C ILE E 269 9.90 13.31 15.13
N SER E 270 11.09 13.22 14.52
CA SER E 270 11.38 12.09 13.63
C SER E 270 11.40 10.74 14.35
N ALA E 271 11.84 10.74 15.62
CA ALA E 271 11.79 9.51 16.44
C ALA E 271 10.36 9.07 16.76
N ARG E 272 9.50 10.07 16.99
CA ARG E 272 8.09 9.81 17.29
C ARG E 272 7.29 9.38 16.04
N ASN E 273 7.83 9.61 14.84
CA ASN E 273 7.17 9.26 13.57
C ASN E 273 7.14 7.76 13.23
N SER E 274 8.07 6.98 13.79
CA SER E 274 8.07 5.52 13.58
C SER E 274 7.15 4.74 14.55
N LEU E 275 6.46 5.44 15.46
CA LEU E 275 5.60 4.82 16.47
C LEU E 275 4.12 5.13 16.24
N PRO E 276 3.22 4.43 16.96
CA PRO E 276 1.81 4.81 16.94
C PRO E 276 1.55 6.10 17.71
N LYS E 277 0.37 6.68 17.49
CA LYS E 277 0.01 7.98 18.05
C LYS E 277 -0.49 7.85 19.49
N VAL E 278 0.35 7.25 20.35
CA VAL E 278 -0.02 7.00 21.74
C VAL E 278 0.01 8.29 22.54
N ALA E 279 -0.80 8.35 23.59
CA ALA E 279 -0.98 9.56 24.39
C ALA E 279 -0.05 9.66 25.60
N TYR E 280 0.74 8.62 25.88
CA TYR E 280 1.71 8.66 26.99
C TYR E 280 3.11 8.98 26.48
N ALA E 281 4.04 9.18 27.40
CA ALA E 281 5.42 9.53 27.08
C ALA E 281 6.31 8.30 27.25
N THR E 282 7.11 8.00 26.23
CA THR E 282 7.99 6.84 26.24
C THR E 282 9.30 7.17 26.96
N ALA E 283 9.99 6.13 27.42
CA ALA E 283 11.33 6.30 28.00
C ALA E 283 12.29 7.07 27.07
N MET E 284 12.12 6.88 25.76
CA MET E 284 12.84 7.69 24.77
C MET E 284 12.44 9.17 24.79
N ASP E 285 11.14 9.43 24.94
CA ASP E 285 10.65 10.81 24.94
C ASP E 285 11.25 11.61 26.11
N TRP E 286 11.38 10.98 27.27
CA TRP E 286 12.07 11.59 28.41
C TRP E 286 13.54 11.85 28.13
N PHE E 287 14.24 10.84 27.62
CA PHE E 287 15.64 10.99 27.23
C PHE E 287 15.81 12.16 26.27
N ILE E 288 14.99 12.22 25.22
CA ILE E 288 15.08 13.35 24.27
C ILE E 288 14.69 14.68 24.95
N ALA E 289 13.69 14.65 25.81
CA ALA E 289 13.29 15.85 26.57
C ALA E 289 14.44 16.40 27.40
N VAL E 290 15.11 15.53 28.15
CA VAL E 290 16.24 15.95 28.98
C VAL E 290 17.35 16.52 28.10
N CYS E 291 17.69 15.81 27.03
CA CYS E 291 18.63 16.34 26.03
C CYS E 291 18.23 17.73 25.57
N TYR E 292 16.94 17.95 25.29
CA TYR E 292 16.45 19.30 24.97
C TYR E 292 16.78 20.32 26.07
N ALA E 293 16.63 19.91 27.34
CA ALA E 293 16.95 20.78 28.47
C ALA E 293 18.43 21.18 28.48
N PHE E 294 19.32 20.21 28.29
CA PHE E 294 20.77 20.49 28.26
C PHE E 294 21.19 21.41 27.12
N VAL E 295 20.51 21.31 25.99
CA VAL E 295 20.80 22.16 24.83
C VAL E 295 20.19 23.55 24.98
N PHE E 296 18.95 23.62 25.46
CA PHE E 296 18.33 24.94 25.69
C PHE E 296 19.02 25.70 26.83
N SER E 297 19.43 24.96 27.86
CA SER E 297 20.20 25.54 28.96
C SER E 297 21.54 26.06 28.47
N ALA E 298 22.22 25.30 27.62
CA ALA E 298 23.49 25.76 27.03
C ALA E 298 23.33 27.09 26.29
N LEU E 299 22.16 27.31 25.69
CA LEU E 299 21.85 28.59 25.03
C LEU E 299 21.48 29.66 26.04
N ILE E 300 20.55 29.38 26.95
CA ILE E 300 20.19 30.35 28.00
C ILE E 300 21.42 30.83 28.80
N GLU E 301 22.32 29.90 29.09
CA GLU E 301 23.59 30.20 29.73
C GLU E 301 24.33 31.26 28.94
N PHE E 302 24.46 31.05 27.62
CA PHE E 302 25.17 32.01 26.77
C PHE E 302 24.43 33.34 26.73
N ALA E 303 23.12 33.29 26.59
CA ALA E 303 22.28 34.49 26.59
C ALA E 303 22.49 35.32 27.86
N THR E 304 22.52 34.64 29.01
CA THR E 304 22.80 35.27 30.31
C THR E 304 24.23 35.83 30.35
N VAL E 305 25.20 34.99 30.03
CA VAL E 305 26.61 35.43 30.01
C VAL E 305 26.80 36.69 29.15
N ASN E 306 26.19 36.70 27.97
CA ASN E 306 26.21 37.87 27.10
C ASN E 306 25.52 39.09 27.73
N TYR E 307 24.47 38.84 28.51
CA TYR E 307 23.75 39.93 29.18
C TYR E 307 24.53 40.56 30.32
N PHE E 308 25.45 39.79 30.93
CA PHE E 308 26.31 40.30 32.01
C PHE E 308 27.76 40.60 31.60
N THR E 309 28.09 40.43 30.31
CA THR E 309 29.48 40.60 29.84
C THR E 309 30.11 41.98 30.08
N LYS E 310 29.27 43.01 30.26
CA LYS E 310 29.72 44.35 30.69
C LYS E 310 29.23 44.75 32.09
N SER E 311 28.01 44.34 32.45
CA SER E 311 27.47 44.57 33.80
C SER E 311 28.35 43.92 34.88
N GLN E 312 28.59 42.62 34.75
CA GLN E 312 29.30 41.86 35.79
C GLN E 312 30.35 40.92 35.17
N PRO E 313 31.31 41.48 34.40
CA PRO E 313 32.26 40.67 33.62
C PRO E 313 33.00 39.55 34.37
N ALA E 314 33.26 39.77 35.66
CA ALA E 314 33.83 38.73 36.52
C ALA E 314 32.94 37.49 36.60
N ARG E 315 31.65 37.72 36.89
CA ARG E 315 30.70 36.62 37.08
C ARG E 315 30.51 35.85 35.77
N ALA E 316 30.25 36.62 34.72
CA ALA E 316 30.06 36.09 33.36
C ALA E 316 31.19 35.13 32.96
N ALA E 317 32.43 35.54 33.17
CA ALA E 317 33.59 34.69 32.92
C ALA E 317 33.63 33.45 33.82
N LYS E 318 33.13 33.55 35.06
CA LYS E 318 33.09 32.39 35.96
C LYS E 318 32.03 31.37 35.54
N ILE E 319 30.88 31.89 35.09
CA ILE E 319 29.79 31.02 34.63
C ILE E 319 30.29 30.10 33.51
N ASP E 320 30.93 30.68 32.50
CA ASP E 320 31.53 29.89 31.42
C ASP E 320 32.45 28.79 31.95
N LYS E 321 33.40 29.18 32.79
CA LYS E 321 34.38 28.24 33.34
C LYS E 321 33.74 27.15 34.20
N MET E 322 32.63 27.46 34.89
CA MET E 322 31.88 26.39 35.59
C MET E 322 31.07 25.48 34.65
N SER E 323 30.36 26.11 33.71
CA SER E 323 29.54 25.39 32.73
C SER E 323 30.34 24.35 31.97
N ARG E 324 31.57 24.68 31.60
CA ARG E 324 32.47 23.73 30.93
C ARG E 324 32.67 22.42 31.70
N ILE E 325 32.40 22.43 33.02
CA ILE E 325 32.57 21.23 33.84
C ILE E 325 31.24 20.67 34.37
N VAL E 326 30.31 21.54 34.74
CA VAL E 326 28.99 21.13 35.26
C VAL E 326 28.19 20.32 34.21
N PHE E 327 28.08 20.89 33.01
CA PHE E 327 27.25 20.33 31.94
C PHE E 327 27.62 18.90 31.56
N PRO E 328 28.89 18.65 31.19
CA PRO E 328 29.25 17.27 30.85
C PRO E 328 29.11 16.28 32.02
N ILE E 329 29.49 16.70 33.24
CA ILE E 329 29.35 15.84 34.42
C ILE E 329 27.88 15.50 34.68
N LEU E 330 27.03 16.51 34.72
CA LEU E 330 25.59 16.29 34.89
C LEU E 330 25.01 15.43 33.77
N PHE E 331 25.35 15.73 32.52
CA PHE E 331 24.85 14.91 31.40
C PHE E 331 25.33 13.46 31.50
N GLY E 332 26.58 13.28 31.90
CA GLY E 332 27.15 11.95 32.11
C GLY E 332 26.46 11.19 33.22
N THR E 333 26.29 11.84 34.38
CA THR E 333 25.63 11.16 35.51
C THR E 333 24.15 10.91 35.23
N PHE E 334 23.49 11.84 34.53
CA PHE E 334 22.11 11.61 34.09
C PHE E 334 21.97 10.33 33.26
N ASN E 335 22.86 10.12 32.29
CA ASN E 335 22.86 8.90 31.48
C ASN E 335 22.96 7.65 32.35
N LEU E 336 23.96 7.64 33.24
CA LEU E 336 24.17 6.51 34.16
C LEU E 336 22.90 6.18 34.97
N VAL E 337 22.18 7.20 35.43
CA VAL E 337 20.92 7.01 36.14
C VAL E 337 19.80 6.51 35.19
N TYR E 338 19.64 7.19 34.06
CA TYR E 338 18.64 6.83 33.04
C TYR E 338 18.77 5.35 32.61
N TRP E 339 19.96 4.96 32.16
CA TRP E 339 20.17 3.58 31.68
C TRP E 339 19.92 2.55 32.79
N ALA E 340 20.43 2.83 34.00
CA ALA E 340 20.20 1.98 35.17
C ALA E 340 18.72 1.85 35.55
N THR E 341 17.97 2.97 35.53
CA THR E 341 16.50 2.93 35.78
C THR E 341 15.75 1.99 34.82
N TYR E 342 16.20 1.95 33.56
CA TYR E 342 15.54 1.12 32.53
C TYR E 342 16.33 -0.16 32.15
N LEU E 343 17.36 -0.52 32.93
CA LEU E 343 18.08 -1.80 32.80
C LEU E 343 18.23 -2.46 34.17
N GLN F 1 -28.53 17.29 18.96
CA GLN F 1 -29.81 17.89 18.50
C GLN F 1 -29.62 19.15 17.66
N VAL F 2 -30.69 19.58 16.98
CA VAL F 2 -30.68 20.75 16.10
C VAL F 2 -31.95 21.57 16.33
N GLN F 3 -31.83 22.89 16.22
CA GLN F 3 -32.97 23.81 16.31
C GLN F 3 -32.99 24.66 15.05
N LEU F 4 -34.13 24.67 14.35
CA LEU F 4 -34.32 25.42 13.12
C LEU F 4 -35.37 26.49 13.36
N GLN F 5 -35.10 27.70 12.89
CA GLN F 5 -36.05 28.80 12.95
C GLN F 5 -36.08 29.52 11.61
N GLU F 6 -37.29 29.80 11.12
CA GLU F 6 -37.49 30.44 9.84
C GLU F 6 -37.89 31.90 10.00
N SER F 7 -37.90 32.61 8.88
CA SER F 7 -38.34 33.99 8.82
C SER F 7 -38.47 34.42 7.36
N GLY F 8 -39.08 35.59 7.16
CA GLY F 8 -39.22 36.18 5.83
C GLY F 8 -40.57 35.93 5.16
N GLY F 9 -41.42 35.09 5.75
CA GLY F 9 -42.76 34.87 5.21
C GLY F 9 -43.66 36.07 5.43
N GLY F 10 -44.55 36.31 4.48
CA GLY F 10 -45.49 37.43 4.57
C GLY F 10 -46.46 37.43 3.41
N LEU F 11 -47.20 38.53 3.25
CA LEU F 11 -48.09 38.70 2.10
C LEU F 11 -47.31 39.24 0.91
N VAL F 12 -47.53 38.64 -0.27
CA VAL F 12 -46.92 39.10 -1.52
C VAL F 12 -47.95 39.02 -2.64
N GLN F 13 -47.84 39.93 -3.60
CA GLN F 13 -48.73 39.91 -4.77
C GLN F 13 -48.15 39.04 -5.88
N ALA F 14 -49.04 38.45 -6.68
CA ALA F 14 -48.68 37.51 -7.75
C ALA F 14 -47.62 38.11 -8.69
N GLY F 15 -46.74 37.24 -9.17
CA GLY F 15 -45.54 37.65 -9.89
C GLY F 15 -44.46 38.28 -9.01
N GLY F 16 -44.72 38.45 -7.70
CA GLY F 16 -43.74 39.07 -6.82
C GLY F 16 -42.62 38.14 -6.41
N SER F 17 -41.74 38.65 -5.55
CA SER F 17 -40.62 37.88 -5.03
C SER F 17 -40.56 37.94 -3.51
N LEU F 18 -39.89 36.94 -2.94
CA LEU F 18 -39.72 36.84 -1.50
C LEU F 18 -38.57 35.91 -1.16
N ARG F 19 -37.90 36.21 -0.06
CA ARG F 19 -36.74 35.44 0.41
C ARG F 19 -37.01 34.89 1.80
N LEU F 20 -37.06 33.56 1.91
CA LEU F 20 -37.19 32.92 3.22
C LEU F 20 -35.83 32.51 3.74
N SER F 21 -35.65 32.61 5.05
CA SER F 21 -34.39 32.28 5.72
C SER F 21 -34.64 31.19 6.75
N CYS F 22 -33.63 30.36 6.99
CA CYS F 22 -33.73 29.33 8.03
C CYS F 22 -32.43 29.22 8.81
N ALA F 23 -32.42 29.76 10.03
CA ALA F 23 -31.21 29.77 10.86
C ALA F 23 -31.14 28.50 11.70
N ALA F 24 -29.99 27.82 11.69
CA ALA F 24 -29.82 26.57 12.43
C ALA F 24 -28.78 26.69 13.54
N SER F 25 -28.99 25.93 14.62
CA SER F 25 -28.06 25.88 15.74
C SER F 25 -27.96 24.46 16.27
N GLY F 26 -26.84 24.16 16.94
CA GLY F 26 -26.59 22.83 17.51
C GLY F 26 -25.77 21.94 16.59
N HIS F 27 -26.06 20.64 16.59
CA HIS F 27 -25.25 19.68 15.82
C HIS F 27 -25.65 19.70 14.34
N THR F 28 -25.42 20.84 13.70
CA THR F 28 -25.70 21.04 12.28
C THR F 28 -24.90 20.08 11.37
N PHE F 29 -23.72 19.64 11.84
CA PHE F 29 -22.85 18.76 11.06
C PHE F 29 -23.40 17.34 10.92
N ASN F 30 -24.09 16.85 11.95
CA ASN F 30 -24.68 15.52 11.91
C ASN F 30 -25.94 15.43 11.05
N TYR F 31 -26.51 16.58 10.69
CA TYR F 31 -27.69 16.66 9.82
C TYR F 31 -27.38 17.64 8.69
N PRO F 32 -26.56 17.20 7.72
CA PRO F 32 -25.99 18.10 6.70
C PRO F 32 -26.97 18.59 5.65
N ILE F 33 -27.87 17.72 5.21
CA ILE F 33 -28.80 18.07 4.14
C ILE F 33 -29.97 18.86 4.75
N MET F 34 -30.37 19.92 4.03
CA MET F 34 -31.51 20.76 4.39
C MET F 34 -32.54 20.72 3.27
N GLY F 35 -33.81 20.67 3.68
CA GLY F 35 -34.94 20.58 2.76
C GLY F 35 -36.01 21.60 3.07
N TRP F 36 -36.77 21.96 2.03
CA TRP F 36 -37.90 22.85 2.12
C TRP F 36 -39.17 22.12 1.75
N PHE F 37 -40.16 22.17 2.64
CA PHE F 37 -41.49 21.63 2.38
C PHE F 37 -42.54 22.71 2.56
N ARG F 38 -43.63 22.60 1.81
CA ARG F 38 -44.76 23.53 1.96
C ARG F 38 -46.06 22.76 2.16
N GLN F 39 -46.95 23.34 2.96
CA GLN F 39 -48.23 22.73 3.28
C GLN F 39 -49.38 23.68 3.01
N ALA F 40 -50.09 23.46 1.91
CA ALA F 40 -51.33 24.20 1.65
C ALA F 40 -52.42 23.72 2.63
N PRO F 41 -53.48 24.54 2.82
CA PRO F 41 -54.54 24.14 3.75
C PRO F 41 -55.20 22.79 3.42
N GLY F 42 -55.55 22.59 2.15
CA GLY F 42 -56.22 21.37 1.69
C GLY F 42 -55.28 20.24 1.29
N LYS F 43 -54.22 20.59 0.55
CA LYS F 43 -53.32 19.59 -0.03
C LYS F 43 -52.42 18.93 1.02
N GLU F 44 -51.68 17.90 0.61
CA GLU F 44 -50.69 17.25 1.49
C GLU F 44 -49.36 17.98 1.43
N ARG F 45 -48.47 17.60 2.35
CA ARG F 45 -47.13 18.18 2.41
C ARG F 45 -46.41 18.01 1.10
N GLU F 46 -45.87 19.09 0.55
CA GLU F 46 -45.20 19.03 -0.75
C GLU F 46 -43.71 19.30 -0.59
N PHE F 47 -42.88 18.57 -1.33
CA PHE F 47 -41.45 18.81 -1.39
C PHE F 47 -41.19 20.00 -2.30
N VAL F 48 -40.40 20.96 -1.82
CA VAL F 48 -40.04 22.16 -2.60
C VAL F 48 -38.66 21.96 -3.21
N GLY F 49 -37.67 21.78 -2.35
CA GLY F 49 -36.31 21.54 -2.79
C GLY F 49 -35.39 21.22 -1.64
N ALA F 50 -34.11 20.94 -1.94
CA ALA F 50 -33.13 20.63 -0.90
C ALA F 50 -31.72 20.96 -1.34
N ILE F 51 -30.84 21.16 -0.36
CA ILE F 51 -29.46 21.60 -0.63
C ILE F 51 -28.43 20.79 0.18
N SER F 52 -27.23 20.65 -0.38
CA SER F 52 -26.14 19.88 0.23
C SER F 52 -25.37 20.68 1.29
N TRP F 53 -24.59 19.96 2.08
CA TRP F 53 -23.69 20.54 3.09
C TRP F 53 -22.67 21.49 2.48
N SER F 54 -22.10 21.10 1.34
CA SER F 54 -21.19 21.96 0.58
C SER F 54 -21.91 23.17 -0.03
N GLY F 55 -23.21 23.07 -0.23
CA GLY F 55 -24.00 24.14 -0.81
C GLY F 55 -24.02 24.14 -2.33
N GLY F 56 -23.20 23.30 -2.97
CA GLY F 56 -23.08 23.29 -4.43
C GLY F 56 -24.28 22.64 -5.10
N SER F 57 -24.57 21.41 -4.69
CA SER F 57 -25.62 20.61 -5.31
C SER F 57 -26.98 20.88 -4.66
N THR F 58 -28.01 21.01 -5.50
CA THR F 58 -29.38 21.24 -5.08
C THR F 58 -30.32 20.28 -5.81
N SER F 59 -31.59 20.34 -5.44
CA SER F 59 -32.63 19.57 -6.13
C SER F 59 -33.97 20.23 -5.86
N TYR F 60 -34.78 20.43 -6.91
CA TYR F 60 -36.06 21.16 -6.82
C TYR F 60 -37.22 20.33 -7.37
N ALA F 61 -38.43 20.60 -6.88
CA ALA F 61 -39.64 20.00 -7.45
C ALA F 61 -39.95 20.64 -8.81
N ASP F 62 -40.60 19.90 -9.69
CA ASP F 62 -40.90 20.38 -11.05
C ASP F 62 -41.74 21.66 -11.08
N SER F 63 -42.77 21.72 -10.24
CA SER F 63 -43.65 22.88 -10.13
C SER F 63 -42.88 24.15 -9.75
N VAL F 64 -41.99 24.00 -8.80
CA VAL F 64 -41.19 25.10 -8.26
C VAL F 64 -39.93 25.37 -9.11
N LYS F 65 -39.57 24.43 -9.98
CA LYS F 65 -38.35 24.52 -10.77
C LYS F 65 -38.35 25.77 -11.66
N ASP F 66 -37.17 26.41 -11.72
CA ASP F 66 -36.89 27.64 -12.51
C ASP F 66 -37.47 28.96 -11.98
N ARG F 67 -38.25 28.90 -10.90
CA ARG F 67 -38.79 30.08 -10.24
C ARG F 67 -38.29 30.24 -8.81
N PHE F 68 -37.56 29.26 -8.28
CA PHE F 68 -37.05 29.31 -6.92
C PHE F 68 -35.58 28.92 -6.90
N THR F 69 -34.83 29.47 -5.95
CA THR F 69 -33.43 29.04 -5.77
C THR F 69 -33.09 28.91 -4.30
N ILE F 70 -32.44 27.79 -3.96
CA ILE F 70 -31.99 27.51 -2.61
C ILE F 70 -30.49 27.74 -2.54
N SER F 71 -30.05 28.47 -1.52
CA SER F 71 -28.64 28.78 -1.32
C SER F 71 -28.26 28.53 0.13
N ARG F 72 -26.96 28.39 0.38
CA ARG F 72 -26.43 28.13 1.72
C ARG F 72 -25.34 29.13 2.09
N ASP F 73 -25.22 29.40 3.39
CA ASP F 73 -24.10 30.18 3.92
C ASP F 73 -23.69 29.61 5.29
N ASN F 74 -22.85 28.58 5.25
CA ASN F 74 -22.40 27.89 6.48
C ASN F 74 -21.67 28.80 7.48
N ALA F 75 -21.13 29.92 7.00
CA ALA F 75 -20.63 30.98 7.88
C ALA F 75 -21.68 31.45 8.89
N LYS F 76 -22.95 31.53 8.46
CA LYS F 76 -24.05 31.96 9.35
C LYS F 76 -25.03 30.83 9.72
N ASN F 77 -24.69 29.59 9.37
CA ASN F 77 -25.57 28.42 9.58
C ASN F 77 -27.01 28.73 9.17
N THR F 78 -27.15 29.07 7.90
CA THR F 78 -28.41 29.54 7.34
C THR F 78 -28.57 29.08 5.91
N VAL F 79 -29.75 28.60 5.57
CA VAL F 79 -30.12 28.29 4.18
C VAL F 79 -31.20 29.27 3.77
N TYR F 80 -31.14 29.69 2.51
CA TYR F 80 -32.10 30.67 2.00
C TYR F 80 -32.94 30.06 0.89
N LEU F 81 -34.18 30.55 0.77
CA LEU F 81 -35.07 30.14 -0.32
C LEU F 81 -35.62 31.37 -1.03
N GLU F 82 -35.08 31.67 -2.22
CA GLU F 82 -35.56 32.84 -2.99
C GLU F 82 -36.64 32.39 -3.96
N MET F 83 -37.83 32.97 -3.83
CA MET F 83 -39.00 32.56 -4.61
C MET F 83 -39.35 33.76 -5.52
N ASN F 84 -39.19 33.61 -6.82
CA ASN F 84 -39.44 34.68 -7.78
C ASN F 84 -40.58 34.30 -8.72
N ASN F 85 -41.31 35.30 -9.20
CA ASN F 85 -42.48 35.11 -10.08
C ASN F 85 -43.53 34.23 -9.38
N LEU F 86 -43.93 34.66 -8.19
CA LEU F 86 -44.78 33.85 -7.32
C LEU F 86 -46.21 33.72 -7.86
N LYS F 87 -46.78 32.52 -7.71
CA LYS F 87 -48.15 32.22 -8.14
C LYS F 87 -49.02 32.00 -6.91
N PRO F 88 -50.36 32.13 -7.07
CA PRO F 88 -51.27 31.81 -5.95
C PRO F 88 -51.25 30.34 -5.55
N GLU F 89 -50.84 29.47 -6.48
CA GLU F 89 -50.58 28.05 -6.19
C GLU F 89 -49.49 27.86 -5.13
N ASP F 90 -48.55 28.79 -5.04
CA ASP F 90 -47.47 28.72 -4.06
C ASP F 90 -47.89 29.04 -2.63
N THR F 91 -49.11 29.56 -2.44
CA THR F 91 -49.58 29.92 -1.11
C THR F 91 -49.56 28.69 -0.21
N ALA F 92 -48.84 28.79 0.91
CA ALA F 92 -48.75 27.70 1.88
C ALA F 92 -47.88 28.10 3.07
N VAL F 93 -47.81 27.22 4.07
CA VAL F 93 -46.89 27.37 5.18
C VAL F 93 -45.60 26.68 4.79
N TYR F 94 -44.51 27.44 4.66
CA TYR F 94 -43.22 26.89 4.22
C TYR F 94 -42.37 26.46 5.42
N TYR F 95 -41.99 25.19 5.41
CA TYR F 95 -41.25 24.57 6.50
C TYR F 95 -39.80 24.34 6.08
N CYS F 96 -38.92 24.30 7.07
CA CYS F 96 -37.50 24.09 6.88
C CYS F 96 -37.10 22.85 7.66
N ALA F 97 -36.45 21.89 7.00
CA ALA F 97 -36.14 20.61 7.64
C ALA F 97 -34.69 20.20 7.46
N ALA F 98 -34.19 19.42 8.42
CA ALA F 98 -32.80 18.93 8.36
C ALA F 98 -32.77 17.41 8.36
N LYS F 99 -31.95 16.83 7.50
CA LYS F 99 -31.93 15.37 7.31
C LYS F 99 -30.59 14.78 7.73
N GLY F 100 -30.62 13.60 8.33
CA GLY F 100 -29.40 12.89 8.72
C GLY F 100 -28.57 12.46 7.52
N ARG F 101 -27.28 12.25 7.77
CA ARG F 101 -26.33 11.93 6.70
C ARG F 101 -26.74 10.67 5.92
N TYR F 102 -27.19 9.65 6.66
CA TYR F 102 -27.69 8.44 6.04
C TYR F 102 -29.17 8.33 6.41
N SER F 103 -30.03 9.11 5.75
CA SER F 103 -31.47 9.06 6.02
C SER F 103 -32.36 8.67 4.84
N GLY F 104 -31.77 8.20 3.74
CA GLY F 104 -32.56 7.83 2.56
C GLY F 104 -32.97 9.03 1.71
N GLY F 105 -34.06 8.90 0.97
CA GLY F 105 -34.43 9.88 -0.07
C GLY F 105 -34.80 11.26 0.43
N LEU F 106 -34.49 12.28 -0.36
CA LEU F 106 -34.79 13.68 -0.03
C LEU F 106 -36.30 13.99 -0.02
N TYR F 107 -37.05 13.33 -0.91
CA TYR F 107 -38.44 13.69 -1.19
C TYR F 107 -39.35 13.41 0.02
N TYR F 108 -38.99 12.40 0.79
CA TYR F 108 -39.84 11.91 1.88
C TYR F 108 -39.55 12.63 3.20
N PRO F 109 -40.61 13.23 3.80
CA PRO F 109 -40.68 13.96 5.07
C PRO F 109 -40.35 13.13 6.30
N THR F 110 -40.67 11.84 6.25
CA THR F 110 -40.40 10.91 7.36
C THR F 110 -38.94 10.89 7.79
N ASN F 111 -38.05 10.92 6.81
CA ASN F 111 -36.61 10.84 7.04
C ASN F 111 -36.02 12.02 7.81
N TYR F 112 -36.59 13.20 7.62
CA TYR F 112 -36.07 14.41 8.28
C TYR F 112 -36.32 14.33 9.78
N ASP F 113 -35.27 14.54 10.57
CA ASP F 113 -35.36 14.43 12.03
C ASP F 113 -35.82 15.72 12.71
N TYR F 114 -35.40 16.86 12.18
CA TYR F 114 -35.68 18.16 12.79
C TYR F 114 -36.33 19.12 11.81
N TRP F 115 -37.36 19.81 12.31
CA TRP F 115 -38.15 20.78 11.56
C TRP F 115 -38.21 22.08 12.34
N GLY F 116 -38.70 23.12 11.68
CA GLY F 116 -38.90 24.43 12.31
C GLY F 116 -40.36 24.86 12.14
N GLN F 117 -40.88 25.56 13.14
CA GLN F 117 -42.27 26.05 13.05
C GLN F 117 -42.37 26.98 11.86
N GLY F 118 -43.20 26.59 10.89
CA GLY F 118 -43.18 27.16 9.55
C GLY F 118 -43.56 28.62 9.50
N THR F 119 -43.28 29.25 8.36
CA THR F 119 -43.70 30.63 8.11
C THR F 119 -44.72 30.66 6.97
N GLN F 120 -45.73 31.52 7.10
CA GLN F 120 -46.82 31.62 6.13
C GLN F 120 -46.40 32.48 4.94
N VAL F 121 -46.74 32.00 3.74
CA VAL F 121 -46.59 32.78 2.51
C VAL F 121 -47.91 32.77 1.77
N THR F 122 -48.47 33.94 1.52
CA THR F 122 -49.74 34.10 0.83
C THR F 122 -49.52 34.96 -0.41
N VAL F 123 -50.14 34.55 -1.52
CA VAL F 123 -49.96 35.15 -2.83
C VAL F 123 -51.33 35.48 -3.41
N SER F 124 -51.59 36.78 -3.48
CA SER F 124 -52.85 37.36 -3.98
C SER F 124 -52.70 37.68 -5.46
N SER F 125 -53.68 37.28 -6.29
CA SER F 125 -53.62 37.49 -7.75
C SER F 125 -54.24 38.81 -8.19
N GLN G 1 -18.41 22.90 -24.44
CA GLN G 1 -18.51 22.93 -25.95
C GLN G 1 -17.17 23.26 -26.61
N VAL G 2 -17.10 23.01 -27.92
CA VAL G 2 -15.89 23.24 -28.73
C VAL G 2 -16.27 23.87 -30.06
N GLN G 3 -15.42 24.76 -30.57
CA GLN G 3 -15.59 25.36 -31.89
C GLN G 3 -14.34 25.11 -32.70
N LEU G 4 -14.52 24.54 -33.90
CA LEU G 4 -13.43 24.23 -34.80
C LEU G 4 -13.57 25.07 -36.05
N GLN G 5 -12.46 25.66 -36.50
CA GLN G 5 -12.41 26.46 -37.72
C GLN G 5 -11.19 26.05 -38.53
N GLU G 6 -11.41 25.83 -39.83
CA GLU G 6 -10.35 25.35 -40.72
C GLU G 6 -9.87 26.46 -41.63
N SER G 7 -8.80 26.17 -42.35
CA SER G 7 -8.25 27.08 -43.35
C SER G 7 -7.18 26.35 -44.15
N GLY G 8 -6.74 26.99 -45.23
CA GLY G 8 -5.65 26.49 -46.07
C GLY G 8 -6.08 25.75 -47.32
N GLY G 9 -7.38 25.47 -47.46
CA GLY G 9 -7.89 24.82 -48.67
C GLY G 9 -7.87 25.77 -49.86
N GLY G 10 -7.63 25.22 -51.04
CA GLY G 10 -7.60 26.00 -52.28
C GLY G 10 -7.39 25.11 -53.48
N LEU G 11 -7.09 25.73 -54.63
CA LEU G 11 -6.76 24.98 -55.84
C LEU G 11 -5.28 24.60 -55.85
N VAL G 12 -5.00 23.33 -56.17
CA VAL G 12 -3.62 22.84 -56.30
C VAL G 12 -3.53 21.94 -57.52
N GLN G 13 -2.36 21.92 -58.15
CA GLN G 13 -2.12 21.04 -59.29
C GLN G 13 -1.59 19.68 -58.82
N ALA G 14 -1.90 18.64 -59.59
CA ALA G 14 -1.54 17.26 -59.26
C ALA G 14 -0.04 17.11 -58.97
N GLY G 15 0.28 16.23 -58.03
CA GLY G 15 1.61 16.13 -57.45
C GLY G 15 1.99 17.27 -56.53
N GLY G 16 1.14 18.28 -56.36
CA GLY G 16 1.45 19.43 -55.51
C GLY G 16 1.29 19.12 -54.03
N SER G 17 1.52 20.14 -53.21
CA SER G 17 1.36 20.04 -51.76
C SER G 17 0.49 21.14 -51.21
N LEU G 18 -0.05 20.89 -50.02
CA LEU G 18 -0.92 21.84 -49.34
C LEU G 18 -1.02 21.49 -47.86
N ARG G 19 -1.17 22.53 -47.04
CA ARG G 19 -1.24 22.40 -45.59
C ARG G 19 -2.58 22.96 -45.09
N LEU G 20 -3.41 22.08 -44.51
CA LEU G 20 -4.65 22.53 -43.89
C LEU G 20 -4.45 22.71 -42.39
N SER G 21 -5.14 23.72 -41.84
CA SER G 21 -5.04 24.04 -40.42
C SER G 21 -6.41 23.95 -39.78
N CYS G 22 -6.47 23.61 -38.50
CA CYS G 22 -7.74 23.58 -37.76
C CYS G 22 -7.57 24.14 -36.36
N ALA G 23 -8.05 25.37 -36.15
CA ALA G 23 -7.89 26.04 -34.86
C ALA G 23 -9.09 25.71 -33.96
N ALA G 24 -8.82 25.31 -32.71
CA ALA G 24 -9.88 24.93 -31.78
C ALA G 24 -9.97 25.87 -30.59
N SER G 25 -11.17 26.05 -30.06
CA SER G 25 -11.41 26.87 -28.87
C SER G 25 -12.48 26.23 -28.00
N GLY G 26 -12.47 26.58 -26.71
CA GLY G 26 -13.42 26.05 -25.74
C GLY G 26 -12.87 24.85 -24.98
N HIS G 27 -13.74 23.88 -24.67
CA HIS G 27 -13.32 22.72 -23.86
C HIS G 27 -12.59 21.69 -24.69
N THR G 28 -11.44 22.09 -25.23
CA THR G 28 -10.56 21.23 -26.03
C THR G 28 -10.07 19.99 -25.27
N PHE G 29 -9.95 20.10 -23.95
CA PHE G 29 -9.47 18.99 -23.10
C PHE G 29 -10.45 17.84 -23.00
N ASN G 30 -11.75 18.13 -23.00
CA ASN G 30 -12.77 17.09 -22.92
C ASN G 30 -12.96 16.33 -24.23
N TYR G 31 -12.42 16.86 -25.33
CA TYR G 31 -12.47 16.21 -26.65
C TYR G 31 -11.05 16.18 -27.20
N PRO G 32 -10.22 15.26 -26.66
CA PRO G 32 -8.78 15.25 -26.93
C PRO G 32 -8.38 14.79 -28.33
N ILE G 33 -9.07 13.78 -28.86
CA ILE G 33 -8.72 13.23 -30.15
C ILE G 33 -9.31 14.10 -31.26
N MET G 34 -8.50 14.33 -32.30
CA MET G 34 -8.89 15.08 -33.49
C MET G 34 -8.77 14.19 -34.71
N GLY G 35 -9.76 14.32 -35.59
CA GLY G 35 -9.85 13.54 -36.83
C GLY G 35 -10.08 14.41 -38.05
N TRP G 36 -9.64 13.88 -39.19
CA TRP G 36 -9.83 14.50 -40.49
C TRP G 36 -10.69 13.60 -41.37
N PHE G 37 -11.77 14.18 -41.90
CA PHE G 37 -12.65 13.51 -42.83
C PHE G 37 -12.75 14.31 -44.13
N ARG G 38 -12.93 13.63 -45.24
CA ARG G 38 -13.15 14.31 -46.53
C ARG G 38 -14.41 13.78 -47.20
N GLN G 39 -15.10 14.67 -47.92
CA GLN G 39 -16.33 14.36 -48.62
C GLN G 39 -16.25 14.75 -50.08
N ALA G 40 -16.06 13.76 -50.94
CA ALA G 40 -16.15 13.98 -52.38
C ALA G 40 -17.61 14.24 -52.77
N PRO G 41 -17.84 14.86 -53.96
CA PRO G 41 -19.21 15.13 -54.38
C PRO G 41 -20.10 13.89 -54.46
N GLY G 42 -19.60 12.82 -55.07
CA GLY G 42 -20.36 11.58 -55.26
C GLY G 42 -20.25 10.59 -54.11
N LYS G 43 -19.02 10.40 -53.62
CA LYS G 43 -18.72 9.37 -52.62
C LYS G 43 -19.26 9.72 -51.23
N GLU G 44 -19.18 8.77 -50.30
CA GLU G 44 -19.56 9.00 -48.89
C GLU G 44 -18.39 9.58 -48.12
N ARG G 45 -18.69 10.04 -46.90
CA ARG G 45 -17.67 10.62 -46.02
C ARG G 45 -16.54 9.63 -45.80
N GLU G 46 -15.31 10.06 -46.01
CA GLU G 46 -14.15 9.16 -45.87
C GLU G 46 -13.27 9.60 -44.72
N PHE G 47 -12.75 8.63 -43.98
CA PHE G 47 -11.78 8.87 -42.91
C PHE G 47 -10.42 9.12 -43.54
N VAL G 48 -9.75 10.20 -43.13
CA VAL G 48 -8.41 10.54 -43.63
C VAL G 48 -7.38 10.09 -42.60
N GLY G 49 -7.46 10.65 -41.40
CA GLY G 49 -6.57 10.29 -40.31
C GLY G 49 -6.97 10.93 -39.00
N ALA G 50 -6.23 10.64 -37.94
CA ALA G 50 -6.51 11.21 -36.63
C ALA G 50 -5.27 11.26 -35.75
N ILE G 51 -5.30 12.15 -34.75
CA ILE G 51 -4.13 12.39 -33.89
C ILE G 51 -4.52 12.46 -32.41
N SER G 52 -3.58 12.07 -31.55
CA SER G 52 -3.78 12.04 -30.10
C SER G 52 -3.60 13.41 -29.43
N TRP G 53 -4.06 13.50 -28.19
CA TRP G 53 -3.90 14.70 -27.35
C TRP G 53 -2.43 15.03 -27.13
N SER G 54 -1.61 14.01 -26.87
CA SER G 54 -0.16 14.19 -26.76
C SER G 54 0.50 14.57 -28.08
N GLY G 55 -0.14 14.24 -29.19
CA GLY G 55 0.38 14.55 -30.52
C GLY G 55 1.33 13.50 -31.07
N GLY G 56 1.73 12.53 -30.24
CA GLY G 56 2.69 11.51 -30.65
C GLY G 56 2.11 10.49 -31.61
N SER G 57 1.02 9.87 -31.18
CA SER G 57 0.40 8.77 -31.91
C SER G 57 -0.62 9.29 -32.93
N THR G 58 -0.57 8.71 -34.13
CA THR G 58 -1.48 9.05 -35.23
C THR G 58 -2.07 7.78 -35.83
N SER G 59 -2.98 7.97 -36.79
CA SER G 59 -3.55 6.86 -37.54
C SER G 59 -4.07 7.41 -38.86
N TYR G 60 -3.75 6.75 -39.98
CA TYR G 60 -4.12 7.23 -41.32
C TYR G 60 -4.86 6.15 -42.12
N ALA G 61 -5.69 6.59 -43.08
CA ALA G 61 -6.32 5.65 -44.02
C ALA G 61 -5.29 5.14 -45.02
N ASP G 62 -5.50 3.92 -45.54
CA ASP G 62 -4.55 3.31 -46.49
C ASP G 62 -4.31 4.14 -47.75
N SER G 63 -5.38 4.68 -48.32
CA SER G 63 -5.29 5.53 -49.52
C SER G 63 -4.41 6.75 -49.30
N VAL G 64 -4.58 7.38 -48.15
CA VAL G 64 -3.87 8.59 -47.78
C VAL G 64 -2.50 8.30 -47.16
N LYS G 65 -2.26 7.04 -46.77
CA LYS G 65 -1.03 6.65 -46.11
C LYS G 65 0.20 6.93 -46.98
N ASP G 66 1.25 7.41 -46.32
CA ASP G 66 2.57 7.77 -46.89
C ASP G 66 2.63 9.09 -47.66
N ARG G 67 1.49 9.72 -47.92
CA ARG G 67 1.44 10.99 -48.65
C ARG G 67 0.89 12.15 -47.82
N PHE G 68 0.39 11.87 -46.62
CA PHE G 68 -0.15 12.90 -45.75
C PHE G 68 0.42 12.77 -44.35
N THR G 69 0.54 13.88 -43.63
CA THR G 69 0.97 13.82 -42.22
C THR G 69 0.15 14.78 -41.37
N ILE G 70 -0.30 14.27 -40.22
CA ILE G 70 -1.05 15.06 -39.26
C ILE G 70 -0.14 15.38 -38.09
N SER G 71 -0.15 16.65 -37.68
CA SER G 71 0.67 17.14 -36.57
C SER G 71 -0.17 18.00 -35.64
N ARG G 72 0.31 18.17 -34.42
CA ARG G 72 -0.40 18.96 -33.40
C ARG G 72 0.51 20.01 -32.78
N ASP G 73 -0.09 21.12 -32.34
CA ASP G 73 0.61 22.13 -31.55
C ASP G 73 -0.33 22.70 -30.49
N ASN G 74 -0.42 22.00 -29.35
CA ASN G 74 -1.32 22.38 -28.25
C ASN G 74 -1.05 23.79 -27.69
N ALA G 75 0.16 24.30 -27.88
CA ALA G 75 0.46 25.73 -27.63
C ALA G 75 -0.51 26.67 -28.35
N LYS G 76 -0.89 26.33 -29.58
CA LYS G 76 -1.82 27.16 -30.38
C LYS G 76 -3.21 26.52 -30.57
N ASN G 77 -3.48 25.41 -29.87
CA ASN G 77 -4.73 24.65 -30.03
C ASN G 77 -5.09 24.48 -31.51
N THR G 78 -4.18 23.83 -32.22
CA THR G 78 -4.26 23.68 -33.66
C THR G 78 -3.69 22.35 -34.11
N VAL G 79 -4.39 21.68 -35.01
CA VAL G 79 -3.88 20.47 -35.66
C VAL G 79 -3.68 20.78 -37.13
N TYR G 80 -2.64 20.22 -37.72
CA TYR G 80 -2.30 20.50 -39.11
C TYR G 80 -2.41 19.22 -39.93
N LEU G 81 -2.73 19.38 -41.21
CA LEU G 81 -2.77 18.25 -42.15
C LEU G 81 -1.94 18.59 -43.39
N GLU G 82 -0.73 18.03 -43.49
CA GLU G 82 0.11 18.28 -44.67
C GLU G 82 -0.13 17.19 -45.70
N MET G 83 -0.54 17.59 -46.91
CA MET G 83 -0.89 16.66 -47.98
C MET G 83 0.12 16.87 -49.10
N ASN G 84 0.95 15.86 -49.35
CA ASN G 84 2.01 15.94 -50.37
C ASN G 84 1.75 14.92 -51.48
N ASN G 85 2.20 15.26 -52.69
CA ASN G 85 2.02 14.43 -53.89
C ASN G 85 0.52 14.19 -54.14
N LEU G 86 -0.22 15.30 -54.24
CA LEU G 86 -1.68 15.24 -54.30
C LEU G 86 -2.20 14.67 -55.62
N LYS G 87 -3.25 13.86 -55.51
CA LYS G 87 -3.91 13.24 -56.67
C LYS G 87 -5.28 13.87 -56.88
N PRO G 88 -5.86 13.73 -58.10
CA PRO G 88 -7.23 14.21 -58.32
C PRO G 88 -8.28 13.43 -57.53
N GLU G 89 -7.95 12.21 -57.14
CA GLU G 89 -8.77 11.41 -56.20
C GLU G 89 -8.94 12.09 -54.84
N ASP G 90 -7.96 12.90 -54.43
CA ASP G 90 -8.02 13.63 -53.17
C ASP G 90 -8.97 14.81 -53.15
N THR G 91 -9.46 15.22 -54.32
CA THR G 91 -10.39 16.35 -54.41
C THR G 91 -11.60 16.09 -53.53
N ALA G 92 -11.86 17.00 -52.59
CA ALA G 92 -13.00 16.90 -51.68
C ALA G 92 -13.06 18.09 -50.74
N VAL G 93 -14.13 18.14 -49.94
CA VAL G 93 -14.25 19.11 -48.85
C VAL G 93 -13.67 18.44 -47.62
N TYR G 94 -12.57 18.99 -47.09
CA TYR G 94 -11.89 18.39 -45.94
C TYR G 94 -12.40 18.98 -44.63
N TYR G 95 -12.88 18.11 -43.76
CA TYR G 95 -13.49 18.47 -42.49
C TYR G 95 -12.56 18.14 -41.32
N CYS G 96 -12.73 18.86 -40.23
CA CYS G 96 -11.95 18.70 -39.03
C CYS G 96 -12.90 18.38 -37.88
N ALA G 97 -12.64 17.29 -37.17
CA ALA G 97 -13.58 16.83 -36.13
C ALA G 97 -12.89 16.53 -34.81
N ALA G 98 -13.65 16.67 -33.73
CA ALA G 98 -13.12 16.40 -32.37
C ALA G 98 -13.90 15.30 -31.69
N LYS G 99 -13.20 14.37 -31.07
CA LYS G 99 -13.80 13.17 -30.51
C LYS G 99 -13.66 13.14 -28.99
N GLY G 100 -14.71 12.65 -28.33
CA GLY G 100 -14.71 12.57 -26.84
C GLY G 100 -13.73 11.50 -26.37
N ARG G 101 -13.32 11.63 -25.12
CA ARG G 101 -12.27 10.75 -24.56
C ARG G 101 -12.69 9.27 -24.64
N TYR G 102 -13.94 9.00 -24.31
CA TYR G 102 -14.50 7.67 -24.41
C TYR G 102 -15.61 7.70 -25.45
N SER G 103 -15.25 7.74 -26.74
CA SER G 103 -16.24 7.79 -27.82
C SER G 103 -16.21 6.60 -28.80
N GLY G 104 -15.46 5.55 -28.49
CA GLY G 104 -15.35 4.41 -29.40
C GLY G 104 -14.40 4.66 -30.57
N GLY G 105 -14.65 3.96 -31.69
CA GLY G 105 -13.72 3.92 -32.81
C GLY G 105 -13.49 5.22 -33.56
N LEU G 106 -12.26 5.39 -34.04
CA LEU G 106 -11.85 6.63 -34.75
C LEU G 106 -12.48 6.77 -36.11
N TYR G 107 -12.70 5.64 -36.77
CA TYR G 107 -13.09 5.59 -38.19
C TYR G 107 -14.51 6.13 -38.40
N TYR G 108 -15.34 6.00 -37.39
CA TYR G 108 -16.76 6.33 -37.50
C TYR G 108 -17.04 7.78 -37.11
N PRO G 109 -17.68 8.53 -38.03
CA PRO G 109 -18.14 9.93 -37.92
C PRO G 109 -19.18 10.20 -36.83
N THR G 110 -20.02 9.21 -36.55
CA THR G 110 -21.03 9.31 -35.51
C THR G 110 -20.49 9.70 -34.14
N ASN G 111 -19.34 9.13 -33.78
CA ASN G 111 -18.72 9.32 -32.47
C ASN G 111 -18.25 10.76 -32.23
N TYR G 112 -17.84 11.45 -33.29
CA TYR G 112 -17.32 12.81 -33.15
C TYR G 112 -18.45 13.75 -32.79
N ASP G 113 -18.26 14.55 -31.75
CA ASP G 113 -19.30 15.48 -31.26
C ASP G 113 -19.27 16.82 -31.97
N TYR G 114 -18.07 17.32 -32.29
CA TYR G 114 -17.92 18.65 -32.88
C TYR G 114 -17.14 18.62 -34.19
N TRP G 115 -17.64 19.38 -35.16
CA TRP G 115 -17.08 19.50 -36.50
C TRP G 115 -16.89 20.96 -36.85
N GLY G 116 -16.18 21.21 -37.93
CA GLY G 116 -15.98 22.57 -38.45
C GLY G 116 -16.40 22.66 -39.90
N GLN G 117 -16.94 23.81 -40.31
CA GLN G 117 -17.36 24.00 -41.69
C GLN G 117 -16.15 23.82 -42.59
N GLY G 118 -16.23 22.82 -43.45
CA GLY G 118 -15.07 22.28 -44.15
C GLY G 118 -14.44 23.26 -45.13
N THR G 119 -13.23 22.93 -45.57
CA THR G 119 -12.54 23.72 -46.59
C THR G 119 -12.36 22.86 -47.85
N GLN G 120 -12.54 23.50 -49.02
CA GLN G 120 -12.49 22.81 -50.31
C GLN G 120 -11.04 22.64 -50.76
N VAL G 121 -10.73 21.43 -51.25
CA VAL G 121 -9.44 21.15 -51.88
C VAL G 121 -9.71 20.52 -53.25
N THR G 122 -9.22 21.16 -54.30
CA THR G 122 -9.40 20.68 -55.66
C THR G 122 -8.02 20.45 -56.29
N VAL G 123 -7.90 19.32 -57.00
CA VAL G 123 -6.65 18.88 -57.59
C VAL G 123 -6.87 18.59 -59.09
N SER G 124 -6.25 19.37 -59.97
CA SER G 124 -6.56 19.29 -61.42
C SER G 124 -5.79 18.21 -62.18
N GLN H 1 17.82 -1.99 -33.89
CA GLN H 1 18.71 -3.05 -34.45
C GLN H 1 20.04 -3.17 -33.71
N VAL H 2 20.77 -4.25 -33.99
CA VAL H 2 22.07 -4.53 -33.37
C VAL H 2 23.04 -5.03 -34.44
N GLN H 3 24.32 -4.66 -34.30
CA GLN H 3 25.39 -5.15 -35.17
C GLN H 3 26.47 -5.78 -34.31
N LEU H 4 26.80 -7.02 -34.62
CA LEU H 4 27.82 -7.78 -33.90
C LEU H 4 28.99 -8.06 -34.83
N GLN H 5 30.21 -7.86 -34.31
CA GLN H 5 31.42 -8.18 -35.04
C GLN H 5 32.39 -8.91 -34.13
N GLU H 6 32.97 -10.00 -34.63
CA GLU H 6 33.88 -10.83 -33.88
C GLU H 6 35.31 -10.60 -34.31
N SER H 7 36.22 -11.19 -33.53
CA SER H 7 37.65 -11.15 -33.83
C SER H 7 38.37 -12.12 -32.89
N GLY H 8 39.65 -12.36 -33.19
CA GLY H 8 40.51 -13.21 -32.36
C GLY H 8 40.64 -14.65 -32.82
N GLY H 9 39.88 -15.06 -33.83
CA GLY H 9 40.01 -16.39 -34.40
C GLY H 9 41.28 -16.53 -35.21
N GLY H 10 41.86 -17.73 -35.17
CA GLY H 10 43.09 -18.01 -35.91
C GLY H 10 43.51 -19.46 -35.77
N LEU H 11 44.73 -19.77 -36.18
CA LEU H 11 45.28 -21.12 -36.01
C LEU H 11 45.89 -21.28 -34.62
N VAL H 12 45.57 -22.38 -33.95
CA VAL H 12 46.15 -22.70 -32.63
C VAL H 12 46.48 -24.18 -32.58
N GLN H 13 47.51 -24.53 -31.83
CA GLN H 13 47.90 -25.92 -31.63
C GLN H 13 47.15 -26.53 -30.43
N ALA H 14 46.90 -27.83 -30.50
CA ALA H 14 46.15 -28.57 -29.48
C ALA H 14 46.71 -28.33 -28.07
N GLY H 15 45.81 -28.29 -27.09
CA GLY H 15 46.12 -27.85 -25.75
C GLY H 15 46.37 -26.34 -25.61
N GLY H 16 46.34 -25.59 -26.71
CA GLY H 16 46.59 -24.15 -26.65
C GLY H 16 45.40 -23.35 -26.14
N SER H 17 45.57 -22.04 -26.11
CA SER H 17 44.53 -21.12 -25.69
C SER H 17 44.28 -20.03 -26.71
N LEU H 18 43.10 -19.44 -26.64
CA LEU H 18 42.70 -18.37 -27.54
C LEU H 18 41.51 -17.60 -26.96
N ARG H 19 41.45 -16.30 -27.26
CA ARG H 19 40.42 -15.41 -26.76
C ARG H 19 39.67 -14.79 -27.93
N LEU H 20 38.37 -15.09 -28.03
CA LEU H 20 37.51 -14.47 -29.05
C LEU H 20 36.78 -13.29 -28.44
N SER H 21 36.59 -12.25 -29.25
CA SER H 21 35.90 -11.02 -28.80
C SER H 21 34.70 -10.78 -29.70
N CYS H 22 33.67 -10.14 -29.14
CA CYS H 22 32.49 -9.79 -29.94
C CYS H 22 31.98 -8.41 -29.55
N ALA H 23 32.25 -7.42 -30.42
CA ALA H 23 31.89 -6.02 -30.14
C ALA H 23 30.49 -5.75 -30.67
N ALA H 24 29.63 -5.16 -29.84
CA ALA H 24 28.24 -4.88 -30.22
C ALA H 24 27.95 -3.39 -30.29
N SER H 25 27.04 -3.01 -31.18
CA SER H 25 26.60 -1.62 -31.32
C SER H 25 25.11 -1.56 -31.61
N GLY H 26 24.49 -0.43 -31.29
CA GLY H 26 23.05 -0.22 -31.51
C GLY H 26 22.23 -0.52 -30.27
N HIS H 27 21.03 -1.07 -30.45
CA HIS H 27 20.11 -1.31 -29.33
C HIS H 27 20.49 -2.57 -28.55
N THR H 28 21.67 -2.54 -27.96
CA THR H 28 22.20 -3.65 -27.14
C THR H 28 21.31 -3.95 -25.93
N PHE H 29 20.58 -2.96 -25.42
CA PHE H 29 19.72 -3.13 -24.24
C PHE H 29 18.49 -3.98 -24.52
N ASN H 30 17.94 -3.89 -25.72
CA ASN H 30 16.76 -4.67 -26.09
C ASN H 30 17.09 -6.15 -26.37
N TYR H 31 18.38 -6.47 -26.54
CA TYR H 31 18.83 -7.85 -26.76
C TYR H 31 19.94 -8.13 -25.75
N PRO H 32 19.57 -8.34 -24.47
CA PRO H 32 20.53 -8.40 -23.38
C PRO H 32 21.40 -9.66 -23.33
N ILE H 33 20.82 -10.81 -23.63
CA ILE H 33 21.53 -12.07 -23.55
C ILE H 33 22.37 -12.26 -24.82
N MET H 34 23.61 -12.73 -24.61
CA MET H 34 24.55 -13.04 -25.67
C MET H 34 24.93 -14.51 -25.60
N GLY H 35 25.01 -15.12 -26.80
CA GLY H 35 25.32 -16.54 -26.95
C GLY H 35 26.44 -16.77 -27.94
N TRP H 36 27.12 -17.90 -27.74
CA TRP H 36 28.17 -18.37 -28.63
C TRP H 36 27.77 -19.70 -29.25
N PHE H 37 27.81 -19.74 -30.58
CA PHE H 37 27.57 -20.97 -31.33
C PHE H 37 28.77 -21.26 -32.22
N ARG H 38 29.00 -22.55 -32.46
CA ARG H 38 30.06 -22.96 -33.39
C ARG H 38 29.51 -23.93 -34.43
N GLN H 39 30.07 -23.83 -35.65
CA GLN H 39 29.63 -24.64 -36.78
C GLN H 39 30.84 -25.35 -37.39
N ALA H 40 30.96 -26.65 -37.11
CA ALA H 40 31.93 -27.49 -37.80
C ALA H 40 31.49 -27.71 -39.26
N PRO H 41 32.42 -28.10 -40.15
CA PRO H 41 32.08 -28.25 -41.57
C PRO H 41 30.93 -29.22 -41.84
N GLY H 42 30.97 -30.40 -41.21
CA GLY H 42 29.94 -31.43 -41.40
C GLY H 42 28.75 -31.32 -40.46
N LYS H 43 29.02 -31.07 -39.19
CA LYS H 43 28.02 -31.08 -38.13
C LYS H 43 27.05 -29.89 -38.20
N GLU H 44 26.00 -29.93 -37.40
CA GLU H 44 25.04 -28.82 -37.26
C GLU H 44 25.53 -27.80 -36.25
N ARG H 45 24.86 -26.65 -36.22
CA ARG H 45 25.17 -25.57 -35.28
C ARG H 45 25.17 -26.12 -33.85
N GLU H 46 26.25 -25.86 -33.10
CA GLU H 46 26.33 -26.32 -31.72
C GLU H 46 26.32 -25.12 -30.78
N PHE H 47 25.60 -25.27 -29.66
CA PHE H 47 25.60 -24.26 -28.59
C PHE H 47 26.89 -24.39 -27.79
N VAL H 48 27.57 -23.27 -27.57
CA VAL H 48 28.82 -23.24 -26.80
C VAL H 48 28.50 -22.77 -25.39
N GLY H 49 27.99 -21.55 -25.29
CA GLY H 49 27.60 -20.98 -24.01
C GLY H 49 26.88 -19.65 -24.17
N ALA H 50 26.46 -19.06 -23.06
CA ALA H 50 25.78 -17.77 -23.08
C ALA H 50 25.94 -17.02 -21.78
N ILE H 51 25.76 -15.70 -21.85
CA ILE H 51 25.99 -14.81 -20.69
C ILE H 51 24.87 -13.78 -20.52
N SER H 52 24.63 -13.38 -19.28
CA SER H 52 23.58 -12.43 -18.93
C SER H 52 24.00 -10.96 -19.14
N TRP H 53 23.00 -10.08 -19.14
CA TRP H 53 23.20 -8.63 -19.23
C TRP H 53 24.06 -8.11 -18.08
N SER H 54 23.79 -8.60 -16.87
CA SER H 54 24.60 -8.26 -15.70
C SER H 54 26.02 -8.84 -15.78
N GLY H 55 26.20 -9.89 -16.57
CA GLY H 55 27.50 -10.54 -16.72
C GLY H 55 27.81 -11.58 -15.66
N GLY H 56 26.97 -11.68 -14.63
CA GLY H 56 27.22 -12.60 -13.52
C GLY H 56 26.96 -14.04 -13.90
N SER H 57 25.74 -14.30 -14.37
CA SER H 57 25.28 -15.65 -14.66
C SER H 57 25.65 -16.06 -16.08
N THR H 58 26.12 -17.30 -16.21
CA THR H 58 26.50 -17.90 -17.49
C THR H 58 25.88 -19.28 -17.63
N SER H 59 26.09 -19.89 -18.80
CA SER H 59 25.67 -21.26 -19.04
C SER H 59 26.52 -21.82 -20.18
N TYR H 60 27.06 -23.03 -20.00
CA TYR H 60 27.96 -23.65 -20.98
C TYR H 60 27.46 -25.03 -21.40
N ALA H 61 27.82 -25.46 -22.61
CA ALA H 61 27.57 -26.83 -23.06
C ALA H 61 28.50 -27.80 -22.33
N ASP H 62 28.07 -29.05 -22.16
CA ASP H 62 28.87 -30.06 -21.45
C ASP H 62 30.26 -30.30 -22.04
N SER H 63 30.32 -30.40 -23.36
CA SER H 63 31.60 -30.61 -24.09
C SER H 63 32.61 -29.49 -23.81
N VAL H 64 32.10 -28.26 -23.84
CA VAL H 64 32.91 -27.06 -23.65
C VAL H 64 33.11 -26.73 -22.17
N LYS H 65 32.31 -27.34 -21.29
CA LYS H 65 32.36 -27.03 -19.86
C LYS H 65 33.74 -27.30 -19.27
N ASP H 66 34.16 -26.38 -18.39
CA ASP H 66 35.46 -26.41 -17.66
C ASP H 66 36.72 -26.08 -18.47
N ARG H 67 36.57 -25.89 -19.78
CA ARG H 67 37.68 -25.50 -20.65
C ARG H 67 37.48 -24.13 -21.30
N PHE H 68 36.29 -23.53 -21.15
CA PHE H 68 36.00 -22.23 -21.75
C PHE H 68 35.36 -21.32 -20.71
N THR H 69 35.57 -20.02 -20.85
CA THR H 69 34.89 -19.06 -19.97
C THR H 69 34.41 -17.85 -20.77
N ILE H 70 33.15 -17.47 -20.52
CA ILE H 70 32.55 -16.32 -21.17
C ILE H 70 32.48 -15.19 -20.14
N SER H 71 32.90 -13.99 -20.57
CA SER H 71 32.90 -12.81 -19.72
C SER H 71 32.30 -11.63 -20.47
N ARG H 72 31.88 -10.61 -19.72
CA ARG H 72 31.27 -9.41 -20.30
C ARG H 72 31.95 -8.15 -19.80
N ASP H 73 31.95 -7.11 -20.63
CA ASP H 73 32.38 -5.77 -20.22
C ASP H 73 31.49 -4.71 -20.88
N ASN H 74 30.34 -4.45 -20.25
CA ASN H 74 29.35 -3.49 -20.78
C ASN H 74 29.91 -2.07 -20.99
N ALA H 75 30.99 -1.72 -20.28
CA ALA H 75 31.76 -0.50 -20.56
C ALA H 75 32.19 -0.41 -22.03
N LYS H 76 32.58 -1.54 -22.63
CA LYS H 76 33.01 -1.58 -24.04
C LYS H 76 32.02 -2.29 -24.98
N ASN H 77 30.83 -2.63 -24.48
CA ASN H 77 29.83 -3.41 -25.22
C ASN H 77 30.46 -4.58 -25.96
N THR H 78 31.07 -5.46 -25.17
CA THR H 78 31.86 -6.56 -25.68
C THR H 78 31.74 -7.77 -24.77
N VAL H 79 31.56 -8.94 -25.37
CA VAL H 79 31.60 -10.21 -24.64
C VAL H 79 32.81 -10.97 -25.12
N TYR H 80 33.47 -11.68 -24.21
CA TYR H 80 34.68 -12.41 -24.54
C TYR H 80 34.46 -13.91 -24.35
N LEU H 81 35.18 -14.71 -25.13
CA LEU H 81 35.16 -16.16 -24.98
C LEU H 81 36.59 -16.70 -24.89
N GLU H 82 37.02 -17.05 -23.68
CA GLU H 82 38.38 -17.61 -23.50
C GLU H 82 38.31 -19.13 -23.57
N MET H 83 39.06 -19.69 -24.52
CA MET H 83 39.03 -21.14 -24.79
C MET H 83 40.43 -21.67 -24.41
N ASN H 84 40.51 -22.49 -23.37
CA ASN H 84 41.77 -23.03 -22.87
C ASN H 84 41.78 -24.56 -23.02
N ASN H 85 42.98 -25.12 -23.22
CA ASN H 85 43.17 -26.56 -23.43
C ASN H 85 42.38 -27.03 -24.65
N LEU H 86 42.63 -26.38 -25.78
CA LEU H 86 41.83 -26.58 -26.99
C LEU H 86 42.06 -27.96 -27.62
N LYS H 87 40.99 -28.56 -28.11
CA LYS H 87 41.03 -29.87 -28.77
C LYS H 87 40.75 -29.69 -30.27
N PRO H 88 41.13 -30.67 -31.11
CA PRO H 88 40.77 -30.61 -32.53
C PRO H 88 39.27 -30.72 -32.79
N GLU H 89 38.54 -31.30 -31.84
CA GLU H 89 37.07 -31.31 -31.85
C GLU H 89 36.47 -29.89 -31.81
N ASP H 90 37.19 -28.95 -31.21
CA ASP H 90 36.74 -27.55 -31.13
C ASP H 90 36.84 -26.78 -32.45
N THR H 91 37.53 -27.34 -33.45
CA THR H 91 37.69 -26.68 -34.73
C THR H 91 36.33 -26.35 -35.33
N ALA H 92 36.09 -25.08 -35.62
CA ALA H 92 34.82 -24.64 -36.21
C ALA H 92 34.82 -23.13 -36.45
N VAL H 93 33.76 -22.65 -37.08
CA VAL H 93 33.52 -21.21 -37.22
C VAL H 93 32.70 -20.79 -36.02
N TYR H 94 33.27 -19.92 -35.16
CA TYR H 94 32.59 -19.50 -33.94
C TYR H 94 31.79 -18.23 -34.17
N TYR H 95 30.50 -18.30 -33.88
CA TYR H 95 29.55 -17.22 -34.10
C TYR H 95 29.16 -16.58 -32.78
N CYS H 96 28.76 -15.31 -32.86
CA CYS H 96 28.33 -14.54 -31.72
C CYS H 96 26.91 -14.07 -31.98
N ALA H 97 26.01 -14.34 -31.03
CA ALA H 97 24.58 -14.04 -31.24
C ALA H 97 23.98 -13.28 -30.09
N ALA H 98 22.94 -12.50 -30.40
CA ALA H 98 22.23 -11.71 -29.36
C ALA H 98 20.76 -12.11 -29.32
N LYS H 99 20.22 -12.28 -28.12
CA LYS H 99 18.85 -12.79 -27.96
C LYS H 99 17.97 -11.74 -27.29
N GLY H 100 16.70 -11.67 -27.72
CA GLY H 100 15.73 -10.77 -27.13
C GLY H 100 15.41 -11.13 -25.68
N ARG H 101 14.92 -10.15 -24.94
CA ARG H 101 14.67 -10.31 -23.51
C ARG H 101 13.69 -11.46 -23.23
N TYR H 102 12.64 -11.54 -24.05
CA TYR H 102 11.68 -12.62 -23.96
C TYR H 102 11.75 -13.43 -25.26
N SER H 103 12.80 -14.24 -25.41
CA SER H 103 12.96 -15.05 -26.63
C SER H 103 12.97 -16.57 -26.41
N GLY H 104 12.63 -17.04 -25.21
CA GLY H 104 12.65 -18.48 -24.92
C GLY H 104 14.05 -19.01 -24.65
N GLY H 105 14.27 -20.30 -24.89
CA GLY H 105 15.49 -21.00 -24.43
C GLY H 105 16.79 -20.54 -25.08
N LEU H 106 17.87 -20.60 -24.32
CA LEU H 106 19.21 -20.22 -24.79
C LEU H 106 19.77 -21.14 -25.87
N TYR H 107 19.45 -22.43 -25.77
CA TYR H 107 20.10 -23.47 -26.56
C TYR H 107 19.76 -23.35 -28.05
N TYR H 108 18.56 -22.84 -28.33
CA TYR H 108 18.03 -22.83 -29.69
C TYR H 108 18.39 -21.53 -30.43
N PRO H 109 19.04 -21.68 -31.60
CA PRO H 109 19.50 -20.66 -32.56
C PRO H 109 18.40 -19.83 -33.19
N THR H 110 17.22 -20.43 -33.36
CA THR H 110 16.05 -19.74 -33.92
C THR H 110 15.68 -18.45 -33.20
N ASN H 111 15.76 -18.50 -31.87
CA ASN H 111 15.37 -17.39 -31.01
C ASN H 111 16.25 -16.15 -31.15
N TYR H 112 17.53 -16.34 -31.46
CA TYR H 112 18.46 -15.23 -31.55
C TYR H 112 18.14 -14.40 -32.80
N ASP H 113 17.99 -13.08 -32.62
CA ASP H 113 17.61 -12.17 -33.71
C ASP H 113 18.80 -11.68 -34.52
N TYR H 114 19.93 -11.45 -33.87
CA TYR H 114 21.11 -10.87 -34.52
C TYR H 114 22.36 -11.73 -34.31
N TRP H 115 23.10 -11.91 -35.40
CA TRP H 115 24.32 -12.69 -35.45
C TRP H 115 25.43 -11.86 -36.06
N GLY H 116 26.66 -12.36 -35.95
CA GLY H 116 27.83 -11.73 -36.57
C GLY H 116 28.56 -12.69 -37.47
N GLN H 117 29.14 -12.18 -38.56
CA GLN H 117 29.89 -13.04 -39.48
C GLN H 117 31.03 -13.68 -38.71
N GLY H 118 30.99 -15.01 -38.62
CA GLY H 118 31.80 -15.76 -37.67
C GLY H 118 33.29 -15.67 -37.91
N THR H 119 34.07 -16.09 -36.91
CA THR H 119 35.52 -16.18 -37.06
C THR H 119 35.96 -17.64 -36.97
N GLN H 120 36.94 -18.00 -37.79
CA GLN H 120 37.43 -19.39 -37.89
C GLN H 120 38.41 -19.69 -36.77
N VAL H 121 38.24 -20.86 -36.15
CA VAL H 121 39.20 -21.38 -35.19
C VAL H 121 39.57 -22.80 -35.60
N THR H 122 40.87 -23.02 -35.84
CA THR H 122 41.39 -24.31 -36.25
C THR H 122 42.41 -24.81 -35.22
N VAL H 123 42.32 -26.08 -34.87
CA VAL H 123 43.14 -26.70 -33.83
C VAL H 123 43.80 -27.95 -34.41
N SER H 124 45.13 -27.96 -34.54
CA SER H 124 45.82 -29.04 -35.28
C SER H 124 46.15 -30.29 -34.44
N GLN I 1 30.29 -23.24 3.94
CA GLN I 1 30.58 -24.32 4.95
C GLN I 1 30.81 -23.75 6.36
N VAL I 2 30.80 -24.65 7.35
CA VAL I 2 30.97 -24.30 8.77
C VAL I 2 31.89 -25.29 9.45
N GLN I 3 32.70 -24.80 10.39
CA GLN I 3 33.57 -25.65 11.21
C GLN I 3 33.27 -25.39 12.67
N LEU I 4 32.97 -26.46 13.39
CA LEU I 4 32.65 -26.40 14.81
C LEU I 4 33.74 -27.12 15.61
N GLN I 5 34.19 -26.50 16.69
CA GLN I 5 35.17 -27.10 17.59
C GLN I 5 34.73 -26.89 19.03
N GLU I 6 34.79 -27.96 19.82
CA GLU I 6 34.33 -27.95 21.19
C GLU I 6 35.50 -27.94 22.15
N SER I 7 35.19 -27.75 23.43
CA SER I 7 36.16 -27.80 24.51
C SER I 7 35.43 -27.77 25.85
N GLY I 8 36.19 -28.03 26.91
CA GLY I 8 35.67 -27.96 28.29
C GLY I 8 35.26 -29.28 28.89
N GLY I 9 35.25 -30.36 28.10
CA GLY I 9 34.96 -31.69 28.62
C GLY I 9 36.09 -32.22 29.46
N GLY I 10 35.75 -33.00 30.49
CA GLY I 10 36.74 -33.59 31.38
C GLY I 10 36.08 -34.49 32.41
N LEU I 11 36.85 -34.87 33.43
CA LEU I 11 36.31 -35.67 34.54
C LEU I 11 35.68 -34.74 35.58
N VAL I 12 34.48 -35.10 36.04
CA VAL I 12 33.79 -34.36 37.10
C VAL I 12 33.13 -35.34 38.05
N GLN I 13 33.04 -34.97 39.32
CA GLN I 13 32.37 -35.79 40.32
C GLN I 13 30.87 -35.46 40.38
N ALA I 14 30.06 -36.47 40.73
CA ALA I 14 28.60 -36.36 40.76
C ALA I 14 28.15 -35.15 41.59
N GLY I 15 27.05 -34.53 41.17
CA GLY I 15 26.61 -33.25 41.68
C GLY I 15 27.47 -32.06 41.27
N GLY I 16 28.57 -32.28 40.54
CA GLY I 16 29.45 -31.19 40.12
C GLY I 16 28.89 -30.39 38.96
N SER I 17 29.69 -29.41 38.52
CA SER I 17 29.34 -28.57 37.39
C SER I 17 30.45 -28.53 36.35
N LEU I 18 30.07 -28.16 35.13
CA LEU I 18 31.01 -28.06 34.02
C LEU I 18 30.40 -27.24 32.88
N ARG I 19 31.27 -26.53 32.16
CA ARG I 19 30.87 -25.65 31.08
C ARG I 19 31.53 -26.09 29.78
N LEU I 20 30.73 -26.50 28.81
CA LEU I 20 31.26 -26.84 27.48
C LEU I 20 31.10 -25.66 26.54
N SER I 21 32.08 -25.49 25.65
CA SER I 21 32.10 -24.39 24.69
C SER I 21 32.13 -24.95 23.28
N CYS I 22 31.56 -24.22 22.33
CA CYS I 22 31.61 -24.62 20.92
C CYS I 22 31.86 -23.41 20.03
N ALA I 23 33.08 -23.28 19.52
CA ALA I 23 33.46 -22.13 18.68
C ALA I 23 33.17 -22.44 17.22
N ALA I 24 32.50 -21.53 16.53
CA ALA I 24 32.13 -21.74 15.12
C ALA I 24 32.83 -20.75 14.19
N SER I 25 33.11 -21.18 12.96
CA SER I 25 33.71 -20.34 11.94
C SER I 25 33.11 -20.64 10.57
N GLY I 26 33.18 -19.68 9.66
CA GLY I 26 32.65 -19.82 8.30
C GLY I 26 31.24 -19.27 8.17
N HIS I 27 30.41 -19.90 7.35
CA HIS I 27 29.06 -19.38 7.08
C HIS I 27 28.08 -19.70 8.22
N THR I 28 28.38 -19.16 9.39
CA THR I 28 27.55 -19.33 10.59
C THR I 28 26.12 -18.80 10.41
N PHE I 29 25.93 -17.80 9.54
CA PHE I 29 24.62 -17.20 9.29
C PHE I 29 23.66 -18.12 8.55
N ASN I 30 24.17 -18.93 7.65
CA ASN I 30 23.34 -19.87 6.90
C ASN I 30 22.88 -21.08 7.71
N TYR I 31 23.52 -21.30 8.87
CA TYR I 31 23.17 -22.40 9.79
C TYR I 31 22.98 -21.78 11.18
N PRO I 32 21.84 -21.08 11.39
CA PRO I 32 21.64 -20.27 12.59
C PRO I 32 21.40 -21.04 13.88
N ILE I 33 20.65 -22.13 13.79
CA ILE I 33 20.30 -22.90 14.98
C ILE I 33 21.47 -23.83 15.34
N MET I 34 21.75 -23.90 16.65
CA MET I 34 22.78 -24.77 17.21
C MET I 34 22.14 -25.74 18.19
N GLY I 35 22.61 -26.99 18.13
CA GLY I 35 22.11 -28.07 18.96
C GLY I 35 23.22 -28.83 19.66
N TRP I 36 22.86 -29.42 20.79
CA TRP I 36 23.75 -30.27 21.58
C TRP I 36 23.20 -31.69 21.62
N PHE I 37 24.04 -32.65 21.24
CA PHE I 37 23.74 -34.06 21.33
C PHE I 37 24.78 -34.77 22.16
N ARG I 38 24.37 -35.83 22.84
CA ARG I 38 25.31 -36.66 23.60
C ARG I 38 25.15 -38.13 23.21
N GLN I 39 26.28 -38.84 23.23
CA GLN I 39 26.33 -40.25 22.84
C GLN I 39 27.00 -41.08 23.95
N ALA I 40 26.20 -41.80 24.71
CA ALA I 40 26.72 -42.78 25.65
C ALA I 40 27.29 -43.98 24.87
N PRO I 41 28.17 -44.78 25.52
CA PRO I 41 28.78 -45.91 24.82
C PRO I 41 27.78 -46.90 24.21
N GLY I 42 26.78 -47.30 24.99
CA GLY I 42 25.77 -48.28 24.55
C GLY I 42 24.58 -47.66 23.84
N LYS I 43 24.06 -46.58 24.38
CA LYS I 43 22.82 -45.95 23.91
C LYS I 43 22.98 -45.25 22.56
N GLU I 44 21.86 -44.83 21.98
CA GLU I 44 21.86 -44.03 20.76
C GLU I 44 22.03 -42.56 21.04
N ARG I 45 22.25 -41.78 19.98
CA ARG I 45 22.43 -40.33 20.06
C ARG I 45 21.23 -39.72 20.78
N GLU I 46 21.47 -38.92 21.82
CA GLU I 46 20.39 -38.27 22.55
C GLU I 46 20.43 -36.77 22.32
N PHE I 47 19.25 -36.16 22.17
CA PHE I 47 19.12 -34.71 22.07
C PHE I 47 19.25 -34.11 23.46
N VAL I 48 20.09 -33.09 23.61
CA VAL I 48 20.31 -32.41 24.88
C VAL I 48 19.48 -31.12 24.90
N GLY I 49 19.80 -30.23 23.96
CA GLY I 49 19.09 -28.98 23.81
C GLY I 49 19.51 -28.21 22.58
N ALA I 50 18.89 -27.07 22.33
CA ALA I 50 19.24 -26.22 21.19
C ALA I 50 18.89 -24.77 21.43
N ILE I 51 19.56 -23.89 20.67
CA ILE I 51 19.43 -22.43 20.86
C ILE I 51 19.27 -21.69 19.54
N SER I 52 18.56 -20.57 19.58
CA SER I 52 18.29 -19.73 18.40
C SER I 52 19.45 -18.81 18.04
N TRP I 53 19.38 -18.28 16.81
CA TRP I 53 20.35 -17.29 16.30
C TRP I 53 20.36 -16.03 17.16
N SER I 54 19.19 -15.56 17.57
CA SER I 54 19.08 -14.42 18.50
C SER I 54 19.60 -14.75 19.90
N GLY I 55 19.61 -16.04 20.25
CA GLY I 55 20.07 -16.49 21.56
C GLY I 55 18.99 -16.45 22.63
N GLY I 56 17.82 -15.88 22.32
CA GLY I 56 16.75 -15.75 23.32
C GLY I 56 16.05 -17.06 23.60
N SER I 57 15.56 -17.70 22.54
CA SER I 57 14.76 -18.91 22.66
C SER I 57 15.64 -20.16 22.69
N THR I 58 15.30 -21.08 23.59
CA THR I 58 16.00 -22.36 23.74
C THR I 58 15.00 -23.50 23.80
N SER I 59 15.53 -24.72 23.84
CA SER I 59 14.71 -25.92 24.02
C SER I 59 15.59 -27.03 24.57
N TYR I 60 15.12 -27.73 25.61
CA TYR I 60 15.91 -28.76 26.31
C TYR I 60 15.16 -30.09 26.37
N ALA I 61 15.90 -31.19 26.46
CA ALA I 61 15.30 -32.51 26.71
C ALA I 61 14.82 -32.60 28.16
N ASP I 62 13.80 -33.41 28.40
CA ASP I 62 13.21 -33.56 29.76
C ASP I 62 14.23 -33.99 30.82
N SER I 63 15.05 -34.98 30.48
CA SER I 63 16.08 -35.50 31.38
C SER I 63 17.07 -34.41 31.82
N VAL I 64 17.48 -33.61 30.85
CA VAL I 64 18.46 -32.55 31.05
C VAL I 64 17.80 -31.25 31.56
N LYS I 65 16.48 -31.16 31.48
CA LYS I 65 15.75 -29.95 31.85
C LYS I 65 15.98 -29.59 33.32
N ASP I 66 16.16 -28.28 33.56
CA ASP I 66 16.39 -27.67 34.90
C ASP I 66 17.79 -27.86 35.51
N ARG I 67 18.64 -28.65 34.88
CA ARG I 67 20.01 -28.86 35.34
C ARG I 67 21.06 -28.36 34.34
N PHE I 68 20.63 -27.96 33.14
CA PHE I 68 21.56 -27.48 32.11
C PHE I 68 21.05 -26.18 31.52
N THR I 69 21.96 -25.32 31.08
CA THR I 69 21.55 -24.09 30.37
C THR I 69 22.45 -23.84 29.17
N ILE I 70 21.82 -23.52 28.04
CA ILE I 70 22.52 -23.20 26.81
C ILE I 70 22.44 -21.70 26.60
N SER I 71 23.58 -21.10 26.28
CA SER I 71 23.70 -19.65 26.03
C SER I 71 24.49 -19.40 24.77
N ARG I 72 24.33 -18.19 24.21
CA ARG I 72 25.02 -17.79 22.99
C ARG I 72 25.77 -16.48 23.17
N ASP I 73 26.84 -16.30 22.42
CA ASP I 73 27.55 -15.01 22.32
C ASP I 73 28.05 -14.82 20.89
N ASN I 74 27.18 -14.31 20.02
CA ASN I 74 27.49 -14.09 18.60
C ASN I 74 28.70 -13.16 18.35
N ALA I 75 29.02 -12.32 19.33
CA ALA I 75 30.29 -11.57 19.33
C ALA I 75 31.51 -12.47 19.15
N LYS I 76 31.49 -13.65 19.78
CA LYS I 76 32.61 -14.61 19.68
C LYS I 76 32.27 -15.87 18.86
N ASN I 77 31.11 -15.90 18.20
CA ASN I 77 30.62 -17.08 17.47
C ASN I 77 30.81 -18.36 18.27
N THR I 78 30.17 -18.36 19.45
CA THR I 78 30.32 -19.42 20.42
C THR I 78 29.01 -19.67 21.16
N VAL I 79 28.66 -20.94 21.32
CA VAL I 79 27.53 -21.34 22.16
C VAL I 79 28.08 -22.10 23.34
N TYR I 80 27.48 -21.91 24.50
CA TYR I 80 27.95 -22.54 25.73
C TYR I 80 26.90 -23.50 26.26
N LEU I 81 27.36 -24.54 26.95
CA LEU I 81 26.46 -25.48 27.62
C LEU I 81 26.88 -25.66 29.08
N GLU I 82 26.16 -25.02 30.01
CA GLU I 82 26.49 -25.16 31.45
C GLU I 82 25.67 -26.30 32.04
N MET I 83 26.37 -27.28 32.60
CA MET I 83 25.74 -28.50 33.14
C MET I 83 25.99 -28.49 34.66
N ASN I 84 24.92 -28.33 35.43
CA ASN I 84 25.00 -28.25 36.90
C ASN I 84 24.28 -29.44 37.53
N ASN I 85 24.76 -29.85 38.70
CA ASN I 85 24.21 -31.01 39.44
C ASN I 85 24.28 -32.27 38.58
N LEU I 86 25.50 -32.57 38.12
CA LEU I 86 25.73 -33.64 37.15
C LEU I 86 25.51 -35.03 37.73
N LYS I 87 24.91 -35.91 36.94
CA LYS I 87 24.64 -37.30 37.33
C LYS I 87 25.52 -38.23 36.50
N PRO I 88 25.74 -39.47 36.98
CA PRO I 88 26.48 -40.47 36.18
C PRO I 88 25.76 -40.86 34.89
N GLU I 89 24.43 -40.69 34.87
CA GLU I 89 23.63 -40.84 33.64
C GLU I 89 24.06 -39.87 32.53
N ASP I 90 24.59 -38.71 32.91
CA ASP I 90 25.05 -37.70 31.95
C ASP I 90 26.36 -38.06 31.25
N THR I 91 27.07 -39.08 31.73
CA THR I 91 28.33 -39.48 31.13
C THR I 91 28.14 -39.81 29.66
N ALA I 92 28.88 -39.12 28.80
CA ALA I 92 28.80 -39.34 27.34
C ALA I 92 29.78 -38.43 26.60
N VAL I 93 29.86 -38.62 25.29
CA VAL I 93 30.60 -37.72 24.41
C VAL I 93 29.61 -36.66 23.94
N TYR I 94 29.84 -35.40 24.32
CA TYR I 94 28.91 -34.32 23.97
C TYR I 94 29.32 -33.65 22.67
N TYR I 95 28.39 -33.63 21.72
CA TYR I 95 28.60 -33.12 20.38
C TYR I 95 27.90 -31.78 20.21
N CYS I 96 28.41 -30.98 19.28
CA CYS I 96 27.88 -29.66 18.98
C CYS I 96 27.52 -29.65 17.51
N ALA I 97 26.28 -29.27 17.18
CA ALA I 97 25.80 -29.34 15.80
C ALA I 97 25.14 -28.05 15.35
N ALA I 98 25.20 -27.82 14.03
CA ALA I 98 24.58 -26.61 13.43
C ALA I 98 23.53 -27.01 12.41
N LYS I 99 22.38 -26.36 12.44
CA LYS I 99 21.25 -26.74 11.59
C LYS I 99 20.91 -25.63 10.61
N GLY I 100 20.53 -26.01 9.38
CA GLY I 100 20.11 -25.04 8.38
C GLY I 100 18.82 -24.33 8.75
N ARG I 101 18.60 -23.16 8.15
CA ARG I 101 17.47 -22.30 8.52
C ARG I 101 16.13 -23.03 8.32
N TYR I 102 16.01 -23.74 7.21
CA TYR I 102 14.84 -24.55 6.92
C TYR I 102 15.29 -26.01 6.89
N SER I 103 15.52 -26.61 8.05
CA SER I 103 15.94 -28.01 8.14
C SER I 103 14.98 -28.94 8.89
N GLY I 104 13.78 -28.48 9.22
CA GLY I 104 12.83 -29.31 9.98
C GLY I 104 13.12 -29.34 11.47
N GLY I 105 12.70 -30.41 12.14
CA GLY I 105 12.69 -30.46 13.62
C GLY I 105 14.07 -30.46 14.28
N LEU I 106 14.14 -29.87 15.46
CA LEU I 106 15.38 -29.79 16.25
C LEU I 106 15.88 -31.13 16.76
N TYR I 107 14.94 -32.02 17.10
CA TYR I 107 15.23 -33.26 17.83
C TYR I 107 16.06 -34.23 16.99
N TYR I 108 15.85 -34.18 15.67
CA TYR I 108 16.43 -35.17 14.76
C TYR I 108 17.81 -34.72 14.24
N PRO I 109 18.83 -35.58 14.46
CA PRO I 109 20.24 -35.47 14.06
C PRO I 109 20.49 -35.42 12.57
N THR I 110 19.63 -36.08 11.79
CA THR I 110 19.73 -36.10 10.33
C THR I 110 19.77 -34.71 9.69
N ASN I 111 18.94 -33.81 10.22
CA ASN I 111 18.77 -32.46 9.70
C ASN I 111 20.03 -31.59 9.84
N TYR I 112 20.81 -31.81 10.89
CA TYR I 112 21.99 -30.99 11.13
C TYR I 112 23.06 -31.30 10.07
N ASP I 113 23.59 -30.26 9.43
CA ASP I 113 24.57 -30.42 8.36
C ASP I 113 26.01 -30.51 8.85
N TYR I 114 26.34 -29.77 9.91
CA TYR I 114 27.70 -29.70 10.42
C TYR I 114 27.78 -30.05 11.91
N TRP I 115 28.79 -30.86 12.23
CA TRP I 115 29.07 -31.34 13.57
C TRP I 115 30.52 -31.05 13.93
N GLY I 116 30.84 -31.21 15.21
CA GLY I 116 32.21 -31.06 15.69
C GLY I 116 32.67 -32.29 16.43
N GLN I 117 33.96 -32.62 16.33
CA GLN I 117 34.49 -33.78 17.03
C GLN I 117 34.27 -33.60 18.53
N GLY I 118 33.48 -34.50 19.10
CA GLY I 118 32.89 -34.30 20.42
C GLY I 118 33.91 -34.26 21.54
N THR I 119 33.47 -33.81 22.71
CA THR I 119 34.30 -33.81 23.91
C THR I 119 33.69 -34.76 24.95
N GLN I 120 34.56 -35.49 25.65
CA GLN I 120 34.14 -36.49 26.63
C GLN I 120 33.80 -35.84 27.95
N VAL I 121 32.69 -36.28 28.54
CA VAL I 121 32.32 -35.88 29.89
C VAL I 121 32.02 -37.15 30.69
N THR I 122 32.76 -37.33 31.79
CA THR I 122 32.60 -38.49 32.65
C THR I 122 32.25 -38.03 34.06
N VAL I 123 31.27 -38.71 34.67
CA VAL I 123 30.73 -38.36 35.98
C VAL I 123 30.78 -39.58 36.89
N SER I 124 31.60 -39.52 37.95
CA SER I 124 31.61 -40.59 38.98
C SER I 124 30.53 -40.42 40.05
N GLN J 1 1.64 -11.18 36.65
CA GLN J 1 0.58 -11.21 37.69
C GLN J 1 0.08 -9.82 38.10
N VAL J 2 -1.03 -9.78 38.82
CA VAL J 2 -1.65 -8.54 39.31
C VAL J 2 -2.10 -8.71 40.75
N GLN J 3 -1.99 -7.63 41.54
CA GLN J 3 -2.48 -7.61 42.91
C GLN J 3 -3.44 -6.45 43.06
N LEU J 4 -4.64 -6.75 43.55
CA LEU J 4 -5.69 -5.76 43.76
C LEU J 4 -5.98 -5.66 45.24
N GLN J 5 -6.09 -4.42 45.72
CA GLN J 5 -6.43 -4.15 47.12
C GLN J 5 -7.49 -3.05 47.17
N GLU J 6 -8.53 -3.28 47.97
CA GLU J 6 -9.66 -2.37 48.06
C GLU J 6 -9.62 -1.61 49.37
N SER J 7 -10.51 -0.63 49.47
CA SER J 7 -10.68 0.17 50.67
C SER J 7 -11.93 1.05 50.53
N GLY J 8 -12.33 1.65 51.64
CA GLY J 8 -13.44 2.59 51.67
C GLY J 8 -14.77 2.02 52.13
N GLY J 9 -14.85 0.70 52.31
CA GLY J 9 -16.04 0.06 52.82
C GLY J 9 -16.25 0.36 54.30
N GLY J 10 -17.50 0.46 54.71
CA GLY J 10 -17.86 0.73 56.11
C GLY J 10 -19.35 0.75 56.30
N LEU J 11 -19.80 1.24 57.46
CA LEU J 11 -21.22 1.37 57.76
C LEU J 11 -21.74 2.69 57.19
N VAL J 12 -22.89 2.64 56.50
CA VAL J 12 -23.54 3.84 55.97
C VAL J 12 -25.05 3.72 56.20
N GLN J 13 -25.72 4.85 56.41
CA GLN J 13 -27.16 4.89 56.55
C GLN J 13 -27.84 5.03 55.17
N ALA J 14 -29.05 4.47 55.07
CA ALA J 14 -29.82 4.45 53.82
C ALA J 14 -29.96 5.84 53.22
N GLY J 15 -29.95 5.89 51.89
CA GLY J 15 -29.84 7.13 51.14
C GLY J 15 -28.46 7.79 51.18
N GLY J 16 -27.51 7.22 51.94
CA GLY J 16 -26.18 7.80 52.06
C GLY J 16 -25.30 7.54 50.84
N SER J 17 -24.06 8.01 50.93
CA SER J 17 -23.07 7.81 49.87
C SER J 17 -21.79 7.23 50.42
N LEU J 18 -21.02 6.63 49.51
CA LEU J 18 -19.73 6.01 49.85
C LEU J 18 -18.90 5.80 48.60
N ARG J 19 -17.59 5.89 48.76
CA ARG J 19 -16.63 5.75 47.67
C ARG J 19 -15.68 4.61 47.95
N LEU J 20 -15.73 3.56 47.11
CA LEU J 20 -14.78 2.45 47.24
C LEU J 20 -13.63 2.65 46.27
N SER J 21 -12.43 2.25 46.69
CA SER J 21 -11.22 2.39 45.89
C SER J 21 -10.60 1.03 45.67
N CYS J 22 -9.91 0.86 44.54
CA CYS J 22 -9.20 -0.39 44.26
C CYS J 22 -7.85 -0.12 43.61
N ALA J 23 -6.78 -0.25 44.40
CA ALA J 23 -5.43 0.05 43.91
C ALA J 23 -4.81 -1.21 43.31
N ALA J 24 -4.25 -1.08 42.10
CA ALA J 24 -3.68 -2.23 41.39
C ALA J 24 -2.17 -2.09 41.20
N SER J 25 -1.47 -3.22 41.20
CA SER J 25 -0.02 -3.25 40.96
C SER J 25 0.34 -4.48 40.12
N GLY J 26 1.48 -4.40 39.44
CA GLY J 26 1.98 -5.49 38.59
C GLY J 26 1.58 -5.30 37.14
N HIS J 27 1.29 -6.39 36.44
CA HIS J 27 1.00 -6.33 35.00
C HIS J 27 -0.43 -5.86 34.73
N THR J 28 -0.72 -4.63 35.14
CA THR J 28 -2.03 -4.01 34.94
C THR J 28 -2.40 -3.87 33.46
N PHE J 29 -1.41 -3.77 32.58
CA PHE J 29 -1.66 -3.61 31.13
C PHE J 29 -2.20 -4.87 30.47
N ASN J 30 -1.78 -6.03 30.95
CA ASN J 30 -2.26 -7.30 30.39
C ASN J 30 -3.68 -7.65 30.84
N TYR J 31 -4.20 -6.97 31.86
CA TYR J 31 -5.56 -7.16 32.36
C TYR J 31 -6.22 -5.79 32.43
N PRO J 32 -6.61 -5.24 31.26
CA PRO J 32 -7.06 -3.84 31.15
C PRO J 32 -8.43 -3.54 31.74
N ILE J 33 -9.37 -4.45 31.58
CA ILE J 33 -10.73 -4.23 32.05
C ILE J 33 -10.81 -4.55 33.54
N MET J 34 -11.52 -3.69 34.27
CA MET J 34 -11.79 -3.84 35.70
C MET J 34 -13.28 -3.93 35.94
N GLY J 35 -13.65 -4.82 36.86
CA GLY J 35 -15.04 -5.08 37.20
C GLY J 35 -15.28 -5.05 38.70
N TRP J 36 -16.52 -4.75 39.06
CA TRP J 36 -16.99 -4.74 40.44
C TRP J 36 -18.08 -5.79 40.61
N PHE J 37 -17.89 -6.67 41.60
CA PHE J 37 -18.87 -7.66 41.99
C PHE J 37 -19.20 -7.51 43.46
N ARG J 38 -20.45 -7.85 43.83
CA ARG J 38 -20.85 -7.84 45.23
C ARG J 38 -21.48 -9.18 45.60
N GLN J 39 -21.26 -9.57 46.86
CA GLN J 39 -21.75 -10.83 47.40
C GLN J 39 -22.54 -10.61 48.68
N ALA J 40 -23.86 -10.68 48.58
CA ALA J 40 -24.71 -10.68 49.77
C ALA J 40 -24.55 -12.01 50.52
N PRO J 41 -24.92 -12.05 51.81
CA PRO J 41 -24.80 -13.30 52.57
C PRO J 41 -25.55 -14.49 51.96
N GLY J 42 -26.80 -14.26 51.57
CA GLY J 42 -27.66 -15.32 51.01
C GLY J 42 -27.55 -15.49 49.50
N LYS J 43 -27.53 -14.36 48.79
CA LYS J 43 -27.60 -14.37 47.31
C LYS J 43 -26.28 -14.84 46.68
N GLU J 44 -26.29 -15.04 45.37
CA GLU J 44 -25.08 -15.37 44.61
C GLU J 44 -24.33 -14.11 44.20
N ARG J 45 -23.11 -14.30 43.72
CA ARG J 45 -22.26 -13.19 43.27
C ARG J 45 -22.97 -12.36 42.23
N GLU J 46 -23.04 -11.05 42.42
CA GLU J 46 -23.75 -10.17 41.48
C GLU J 46 -22.78 -9.24 40.77
N PHE J 47 -23.00 -9.02 39.48
CA PHE J 47 -22.24 -8.04 38.71
C PHE J 47 -22.74 -6.63 39.04
N VAL J 48 -21.82 -5.72 39.35
CA VAL J 48 -22.16 -4.33 39.67
C VAL J 48 -21.92 -3.47 38.44
N GLY J 49 -20.67 -3.45 37.99
CA GLY J 49 -20.30 -2.70 36.80
C GLY J 49 -18.86 -2.95 36.39
N ALA J 50 -18.44 -2.33 35.28
CA ALA J 50 -17.06 -2.48 34.80
C ALA J 50 -16.62 -1.30 33.98
N ILE J 51 -15.31 -1.12 33.87
CA ILE J 51 -14.72 0.06 33.20
C ILE J 51 -13.57 -0.34 32.27
N SER J 52 -13.38 0.45 31.20
CA SER J 52 -12.34 0.22 30.20
C SER J 52 -10.96 0.74 30.63
N TRP J 53 -9.94 0.29 29.91
CA TRP J 53 -8.55 0.74 30.09
C TRP J 53 -8.42 2.24 29.87
N SER J 54 -9.08 2.75 28.83
CA SER J 54 -9.13 4.19 28.57
C SER J 54 -9.92 4.96 29.63
N GLY J 55 -10.81 4.28 30.33
CA GLY J 55 -11.65 4.89 31.37
C GLY J 55 -12.91 5.53 30.83
N GLY J 56 -13.06 5.62 29.50
CA GLY J 56 -14.19 6.32 28.90
C GLY J 56 -15.48 5.51 28.99
N SER J 57 -15.42 4.27 28.48
CA SER J 57 -16.58 3.40 28.41
C SER J 57 -16.77 2.60 29.69
N THR J 58 -18.02 2.51 30.14
CA THR J 58 -18.40 1.77 31.34
C THR J 58 -19.61 0.89 31.03
N SER J 59 -20.00 0.08 32.01
CA SER J 59 -21.20 -0.75 31.91
C SER J 59 -21.66 -1.07 33.33
N TYR J 60 -22.96 -0.90 33.60
CA TYR J 60 -23.53 -1.09 34.94
C TYR J 60 -24.69 -2.08 34.91
N ALA J 61 -24.94 -2.75 36.05
CA ALA J 61 -26.14 -3.59 36.20
C ALA J 61 -27.37 -2.70 36.35
N ASP J 62 -28.54 -3.21 35.94
CA ASP J 62 -29.78 -2.43 35.99
C ASP J 62 -30.15 -1.93 37.39
N SER J 63 -30.03 -2.81 38.38
CA SER J 63 -30.30 -2.49 39.79
C SER J 63 -29.45 -1.31 40.29
N VAL J 64 -28.17 -1.36 39.95
CA VAL J 64 -27.20 -0.36 40.36
C VAL J 64 -27.21 0.88 39.44
N LYS J 65 -27.81 0.75 38.27
CA LYS J 65 -27.78 1.82 37.26
C LYS J 65 -28.38 3.12 37.80
N ASP J 66 -27.73 4.23 37.47
CA ASP J 66 -28.12 5.61 37.86
C ASP J 66 -27.85 6.02 39.31
N ARG J 67 -27.41 5.09 40.15
CA ARG J 67 -27.06 5.37 41.53
C ARG J 67 -25.58 5.12 41.84
N PHE J 68 -24.83 4.55 40.90
CA PHE J 68 -23.42 4.26 41.10
C PHE J 68 -22.62 4.74 39.89
N THR J 69 -21.39 5.17 40.13
CA THR J 69 -20.52 5.56 39.01
C THR J 69 -19.10 5.02 39.22
N ILE J 70 -18.56 4.41 38.16
CA ILE J 70 -17.23 3.86 38.16
C ILE J 70 -16.32 4.80 37.38
N SER J 71 -15.16 5.11 37.95
CA SER J 71 -14.18 6.00 37.33
C SER J 71 -12.79 5.39 37.43
N ARG J 72 -11.89 5.86 36.58
CA ARG J 72 -10.51 5.36 36.54
C ARG J 72 -9.52 6.51 36.64
N ASP J 73 -8.34 6.22 37.21
CA ASP J 73 -7.21 7.15 37.21
C ASP J 73 -5.90 6.36 37.03
N ASN J 74 -5.57 6.06 35.77
CA ASN J 74 -4.36 5.28 35.44
C ASN J 74 -3.04 5.90 35.95
N ALA J 75 -3.05 7.21 36.20
CA ALA J 75 -1.94 7.86 36.92
C ALA J 75 -1.64 7.19 38.26
N LYS J 76 -2.68 6.77 38.98
CA LYS J 76 -2.53 6.11 40.29
C LYS J 76 -2.86 4.60 40.28
N ASN J 77 -3.08 4.03 39.09
CA ASN J 77 -3.50 2.62 38.93
C ASN J 77 -4.60 2.27 39.93
N THR J 78 -5.71 2.99 39.81
CA THR J 78 -6.82 2.90 40.75
C THR J 78 -8.13 3.12 40.03
N VAL J 79 -9.11 2.27 40.35
CA VAL J 79 -10.49 2.46 39.89
C VAL J 79 -11.35 2.78 41.09
N TYR J 80 -12.32 3.66 40.91
CA TYR J 80 -13.18 4.08 42.01
C TYR J 80 -14.61 3.67 41.73
N LEU J 81 -15.35 3.42 42.81
CA LEU J 81 -16.79 3.12 42.71
C LEU J 81 -17.57 4.03 43.66
N GLU J 82 -18.23 5.07 43.10
CA GLU J 82 -19.04 5.97 43.94
C GLU J 82 -20.48 5.47 43.97
N MET J 83 -20.97 5.20 45.18
CA MET J 83 -22.31 4.60 45.38
C MET J 83 -23.14 5.69 46.10
N ASN J 84 -24.14 6.24 45.42
CA ASN J 84 -24.98 7.30 45.96
C ASN J 84 -26.43 6.82 46.10
N ASN J 85 -27.14 7.37 47.08
CA ASN J 85 -28.53 7.00 47.39
C ASN J 85 -28.61 5.49 47.70
N LEU J 86 -27.81 5.08 48.68
CA LEU J 86 -27.64 3.66 49.00
C LEU J 86 -28.88 3.04 49.63
N LYS J 87 -29.19 1.81 49.25
CA LYS J 87 -30.33 1.05 49.77
C LYS J 87 -29.82 -0.10 50.62
N PRO J 88 -30.68 -0.66 51.50
CA PRO J 88 -30.28 -1.85 52.27
C PRO J 88 -30.07 -3.10 51.40
N GLU J 89 -30.69 -3.11 50.22
CA GLU J 89 -30.44 -4.12 49.19
C GLU J 89 -28.96 -4.16 48.74
N ASP J 90 -28.29 -3.01 48.80
CA ASP J 90 -26.88 -2.90 48.41
C ASP J 90 -25.90 -3.51 49.41
N THR J 91 -26.36 -3.85 50.60
CA THR J 91 -25.51 -4.44 51.63
C THR J 91 -24.85 -5.70 51.08
N ALA J 92 -23.52 -5.73 51.09
CA ALA J 92 -22.75 -6.88 50.60
C ALA J 92 -21.26 -6.65 50.76
N VAL J 93 -20.47 -7.68 50.45
CA VAL J 93 -19.03 -7.58 50.36
C VAL J 93 -18.70 -7.22 48.92
N TYR J 94 -18.14 -6.03 48.69
CA TYR J 94 -17.84 -5.55 47.33
C TYR J 94 -16.42 -5.93 46.91
N TYR J 95 -16.33 -6.65 45.80
CA TYR J 95 -15.07 -7.18 45.28
C TYR J 95 -14.63 -6.39 44.04
N CYS J 96 -13.34 -6.40 43.80
CA CYS J 96 -12.73 -5.71 42.68
C CYS J 96 -11.97 -6.74 41.86
N ALA J 97 -12.25 -6.80 40.55
CA ALA J 97 -11.67 -7.84 39.70
C ALA J 97 -11.05 -7.28 38.43
N ALA J 98 -10.05 -8.00 37.91
CA ALA J 98 -9.37 -7.59 36.67
C ALA J 98 -9.51 -8.67 35.61
N LYS J 99 -9.81 -8.29 34.38
CA LYS J 99 -10.09 -9.24 33.32
C LYS J 99 -9.06 -9.14 32.19
N GLY J 100 -8.69 -10.28 31.61
CA GLY J 100 -7.77 -10.31 30.49
C GLY J 100 -8.33 -9.66 29.24
N ARG J 101 -7.44 -9.24 28.36
CA ARG J 101 -7.82 -8.48 27.17
C ARG J 101 -8.82 -9.26 26.30
N TYR J 102 -8.56 -10.56 26.14
CA TYR J 102 -9.45 -11.43 25.41
C TYR J 102 -9.99 -12.47 26.40
N SER J 103 -10.92 -12.07 27.26
CA SER J 103 -11.50 -13.00 28.26
C SER J 103 -13.02 -13.23 28.13
N GLY J 104 -13.64 -12.77 27.05
CA GLY J 104 -15.09 -12.93 26.88
C GLY J 104 -15.90 -11.92 27.68
N GLY J 105 -17.14 -12.28 28.02
CA GLY J 105 -18.11 -11.31 28.56
C GLY J 105 -17.78 -10.74 29.94
N LEU J 106 -18.18 -9.49 30.15
CA LEU J 106 -17.93 -8.79 31.42
C LEU J 106 -18.72 -9.36 32.60
N TYR J 107 -19.93 -9.84 32.32
CA TYR J 107 -20.89 -10.22 33.36
C TYR J 107 -20.43 -11.44 34.16
N TYR J 108 -19.66 -12.30 33.52
CA TYR J 108 -19.29 -13.59 34.11
C TYR J 108 -17.97 -13.51 34.87
N PRO J 109 -18.00 -13.89 36.17
CA PRO J 109 -16.92 -13.96 37.15
C PRO J 109 -15.79 -14.92 36.81
N THR J 110 -16.12 -16.01 36.12
CA THR J 110 -15.15 -17.02 35.69
C THR J 110 -13.99 -16.44 34.89
N ASN J 111 -14.30 -15.50 34.00
CA ASN J 111 -13.34 -14.90 33.09
C ASN J 111 -12.26 -14.06 33.81
N TYR J 112 -12.61 -13.44 34.91
CA TYR J 112 -11.68 -12.58 35.64
C TYR J 112 -10.58 -13.42 36.27
N ASP J 113 -9.32 -13.06 36.04
CA ASP J 113 -8.17 -13.83 36.53
C ASP J 113 -7.75 -13.43 37.94
N TYR J 114 -7.85 -12.14 38.26
CA TYR J 114 -7.38 -11.62 39.54
C TYR J 114 -8.46 -10.85 40.28
N TRP J 115 -8.54 -11.11 41.58
CA TRP J 115 -9.51 -10.51 42.49
C TRP J 115 -8.79 -9.93 43.69
N GLY J 116 -9.51 -9.15 44.49
CA GLY J 116 -8.98 -8.58 45.73
C GLY J 116 -9.87 -8.93 46.90
N GLN J 117 -9.28 -9.13 48.08
CA GLN J 117 -10.05 -9.44 49.27
C GLN J 117 -11.02 -8.31 49.53
N GLY J 118 -12.31 -8.63 49.47
CA GLY J 118 -13.37 -7.64 49.37
C GLY J 118 -13.49 -6.75 50.59
N THR J 119 -14.24 -5.66 50.43
CA THR J 119 -14.55 -4.76 51.54
C THR J 119 -16.05 -4.79 51.83
N GLN J 120 -16.42 -4.76 53.11
CA GLN J 120 -17.81 -4.86 53.54
C GLN J 120 -18.49 -3.50 53.45
N VAL J 121 -19.72 -3.50 52.92
CA VAL J 121 -20.58 -2.33 52.91
C VAL J 121 -21.93 -2.72 53.49
N THR J 122 -22.33 -2.05 54.56
CA THR J 122 -23.59 -2.30 55.24
C THR J 122 -24.44 -1.03 55.24
N VAL J 123 -25.73 -1.20 54.96
CA VAL J 123 -26.67 -0.09 54.80
C VAL J 123 -27.87 -0.33 55.70
N SER J 124 -27.96 0.51 56.74
CA SER J 124 -29.02 0.50 57.75
C SER J 124 -30.13 1.45 57.33
N SER J 125 -31.39 1.02 57.41
CA SER J 125 -32.54 1.88 57.03
C SER J 125 -33.09 2.71 58.20
#